data_7C4O
#
_entry.id   7C4O
#
_entity_poly.entity_id   1
_entity_poly.type   'polypeptide(L)'
_entity_poly.pdbx_seq_one_letter_code
;DPSVLGKYRAGFSECMNEVTRFLSTCEGVNTEVRTRLLGHLANCMTQI
;
_entity_poly.pdbx_strand_id   A,B
#
# COMPACT_ATOMS: atom_id res chain seq x y z
N ASP A 1 -19.10 -12.91 -1.15
CA ASP A 1 -19.52 -12.43 0.18
C ASP A 1 -18.88 -11.10 0.50
N PRO A 2 -19.60 -10.27 1.22
CA PRO A 2 -19.09 -8.95 1.59
C PRO A 2 -17.96 -8.99 2.56
N SER A 3 -17.80 -10.12 3.27
CA SER A 3 -16.72 -10.28 4.23
C SER A 3 -15.42 -10.23 3.49
N VAL A 4 -15.37 -10.85 2.30
CA VAL A 4 -14.15 -10.88 1.51
C VAL A 4 -13.80 -9.47 1.11
N LEU A 5 -14.81 -8.69 0.66
CA LEU A 5 -14.56 -7.33 0.24
C LEU A 5 -14.13 -6.52 1.43
N GLY A 6 -14.76 -6.75 2.60
CA GLY A 6 -14.41 -6.01 3.80
C GLY A 6 -12.99 -6.30 4.16
N LYS A 7 -12.57 -7.57 4.04
CA LYS A 7 -11.20 -7.95 4.37
C LYS A 7 -10.26 -7.23 3.43
N TYR A 8 -10.63 -7.19 2.13
CA TYR A 8 -9.80 -6.54 1.14
C TYR A 8 -9.68 -5.08 1.48
N ARG A 9 -10.82 -4.42 1.81
CA ARG A 9 -10.81 -3.01 2.14
C ARG A 9 -10.01 -2.79 3.39
N ALA A 10 -10.13 -3.70 4.36
CA ALA A 10 -9.41 -3.57 5.60
C ALA A 10 -7.92 -3.56 5.33
N GLY A 11 -7.47 -4.45 4.42
CA GLY A 11 -6.06 -4.52 4.09
C GLY A 11 -5.62 -3.23 3.46
N PHE A 12 -6.46 -2.66 2.58
CA PHE A 12 -6.11 -1.42 1.91
C PHE A 12 -6.17 -0.28 2.87
N SER A 13 -7.06 -0.35 3.88
CA SER A 13 -7.14 0.72 4.85
C SER A 13 -5.80 0.78 5.54
N GLU A 14 -5.24 -0.40 5.85
CA GLU A 14 -3.96 -0.46 6.51
C GLU A 14 -2.90 0.07 5.57
N CYS A 15 -2.98 -0.26 4.26
CA CYS A 15 -1.97 0.22 3.34
C CYS A 15 -2.05 1.70 3.25
N MET A 16 -3.27 2.26 3.23
CA MET A 16 -3.46 3.68 3.11
C MET A 16 -2.82 4.39 4.28
N ASN A 17 -3.01 3.87 5.51
CA ASN A 17 -2.45 4.53 6.67
C ASN A 17 -0.94 4.57 6.59
N GLU A 18 -0.30 3.44 6.21
CA GLU A 18 1.15 3.42 6.15
C GLU A 18 1.62 4.24 4.98
N VAL A 19 0.90 4.17 3.86
CA VAL A 19 1.25 4.91 2.67
C VAL A 19 1.16 6.38 2.98
N THR A 20 0.12 6.78 3.74
CA THR A 20 -0.07 8.17 4.09
C THR A 20 1.12 8.66 4.87
N ARG A 21 1.65 7.82 5.78
CA ARG A 21 2.79 8.22 6.57
C ARG A 21 3.96 8.49 5.65
N PHE A 22 4.12 7.66 4.61
CA PHE A 22 5.22 7.84 3.69
C PHE A 22 5.00 9.14 2.94
N LEU A 23 3.76 9.38 2.49
CA LEU A 23 3.44 10.58 1.75
C LEU A 23 3.62 11.79 2.62
N SER A 24 3.43 11.65 3.94
CA SER A 24 3.56 12.79 4.82
C SER A 24 5.02 13.00 5.10
N THR A 25 5.86 12.03 4.68
CA THR A 25 7.27 12.13 4.93
C THR A 25 7.93 12.73 3.73
N CYS A 26 7.50 12.33 2.51
CA CYS A 26 8.12 12.84 1.32
C CYS A 26 7.50 14.17 0.99
N GLU A 27 8.35 15.20 0.80
CA GLU A 27 7.86 16.50 0.46
C GLU A 27 8.82 17.11 -0.51
N GLY A 28 8.71 16.73 -1.80
CA GLY A 28 9.60 17.27 -2.80
C GLY A 28 9.05 16.90 -4.14
N VAL A 29 9.39 15.69 -4.62
CA VAL A 29 8.91 15.25 -5.91
C VAL A 29 8.00 14.11 -5.65
N ASN A 30 6.78 14.46 -5.17
CA ASN A 30 5.82 13.46 -4.89
C ASN A 30 4.48 14.04 -5.20
N THR A 31 4.44 15.11 -6.02
CA THR A 31 3.18 15.67 -6.39
C THR A 31 2.58 14.74 -7.40
N GLU A 32 3.43 14.30 -8.33
CA GLU A 32 3.01 13.37 -9.36
C GLU A 32 2.85 12.04 -8.71
N VAL A 33 3.78 11.71 -7.77
CA VAL A 33 3.74 10.45 -7.09
C VAL A 33 2.50 10.37 -6.26
N ARG A 34 2.12 11.47 -5.57
CA ARG A 34 0.96 11.49 -4.71
C ARG A 34 -0.28 11.20 -5.53
N THR A 35 -0.38 11.79 -6.73
CA THR A 35 -1.55 11.59 -7.55
C THR A 35 -1.72 10.13 -7.86
N ARG A 36 -0.64 9.47 -8.30
CA ARG A 36 -0.71 8.06 -8.65
C ARG A 36 -0.86 7.22 -7.39
N LEU A 37 -0.13 7.60 -6.33
CA LEU A 37 -0.12 6.87 -5.09
C LEU A 37 -1.50 6.84 -4.48
N LEU A 38 -2.14 8.02 -4.36
CA LEU A 38 -3.43 8.08 -3.75
C LEU A 38 -4.47 7.61 -4.73
N GLY A 39 -4.31 7.95 -6.01
CA GLY A 39 -5.27 7.57 -7.02
C GLY A 39 -5.35 6.08 -7.13
N HIS A 40 -4.20 5.38 -7.10
CA HIS A 40 -4.20 3.94 -7.22
C HIS A 40 -4.88 3.29 -6.05
N LEU A 41 -4.52 3.70 -4.81
CA LEU A 41 -5.13 3.08 -3.65
C LEU A 41 -6.60 3.42 -3.65
N ALA A 42 -6.96 4.66 -4.02
CA ALA A 42 -8.34 5.06 -4.07
C ALA A 42 -9.04 4.25 -5.13
N ASN A 43 -8.36 4.01 -6.27
CA ASN A 43 -8.97 3.26 -7.35
C ASN A 43 -9.25 1.86 -6.87
N CYS A 44 -8.31 1.26 -6.11
CA CYS A 44 -8.50 -0.10 -5.65
C CYS A 44 -9.65 -0.15 -4.67
N MET A 45 -9.75 0.86 -3.80
CA MET A 45 -10.80 0.87 -2.81
C MET A 45 -12.10 1.13 -3.50
N THR A 46 -12.09 2.07 -4.45
CA THR A 46 -13.29 2.42 -5.18
C THR A 46 -13.76 1.23 -5.99
N GLN A 47 -12.82 0.55 -6.70
CA GLN A 47 -13.19 -0.58 -7.52
C GLN A 47 -13.70 -1.69 -6.65
N ILE A 48 -13.02 -1.97 -5.52
CA ILE A 48 -13.45 -3.03 -4.65
C ILE A 48 -13.84 -2.42 -3.29
N ASP B 1 -11.16 -20.03 2.56
CA ASP B 1 -10.71 -20.49 1.22
C ASP B 1 -9.46 -19.75 0.81
N PRO B 2 -8.60 -20.42 0.09
CA PRO B 2 -7.34 -19.83 -0.36
C PRO B 2 -7.52 -18.74 -1.38
N SER B 3 -8.69 -18.72 -2.04
CA SER B 3 -8.98 -17.71 -3.03
C SER B 3 -9.01 -16.36 -2.36
N VAL B 4 -9.58 -16.32 -1.14
CA VAL B 4 -9.68 -15.06 -0.40
C VAL B 4 -8.29 -14.58 -0.09
N LEU B 5 -7.41 -15.49 0.37
CA LEU B 5 -6.06 -15.12 0.71
C LEU B 5 -5.34 -14.67 -0.54
N GLY B 6 -5.57 -15.38 -1.66
CA GLY B 6 -4.91 -15.03 -2.90
C GLY B 6 -5.33 -13.64 -3.32
N LYS B 7 -6.63 -13.33 -3.15
CA LYS B 7 -7.13 -12.02 -3.52
C LYS B 7 -6.46 -10.98 -2.66
N TYR B 8 -6.33 -11.28 -1.35
CA TYR B 8 -5.72 -10.35 -0.42
C TYR B 8 -4.28 -10.13 -0.84
N ARG B 9 -3.55 -11.22 -1.14
CA ARG B 9 -2.16 -11.11 -1.54
C ARG B 9 -2.06 -10.35 -2.83
N ALA B 10 -3.00 -10.59 -3.76
CA ALA B 10 -2.98 -9.92 -5.03
C ALA B 10 -3.10 -8.43 -4.81
N GLY B 11 -3.98 -8.01 -3.89
CA GLY B 11 -4.16 -6.60 -3.62
C GLY B 11 -2.88 -6.03 -3.07
N PHE B 12 -2.21 -6.78 -2.18
CA PHE B 12 -0.98 -6.28 -1.59
C PHE B 12 0.13 -6.30 -2.60
N SER B 13 0.09 -7.24 -3.56
CA SER B 13 1.12 -7.27 -4.57
C SER B 13 1.04 -5.97 -5.32
N GLU B 14 -0.20 -5.52 -5.61
CA GLU B 14 -0.40 -4.28 -6.31
C GLU B 14 0.07 -3.13 -5.45
N CYS B 15 -0.18 -3.18 -4.11
CA CYS B 15 0.23 -2.10 -3.26
C CYS B 15 1.74 -2.04 -3.24
N MET B 16 2.38 -3.22 -3.18
CA MET B 16 3.82 -3.27 -3.12
C MET B 16 4.42 -2.64 -4.35
N ASN B 17 3.88 -2.92 -5.56
CA ASN B 17 4.44 -2.37 -6.76
C ASN B 17 4.35 -0.85 -6.76
N GLU B 18 3.19 -0.29 -6.35
CA GLU B 18 3.03 1.16 -6.35
C GLU B 18 3.87 1.75 -5.24
N VAL B 19 3.91 1.07 -4.09
CA VAL B 19 4.66 1.54 -2.96
C VAL B 19 6.12 1.55 -3.32
N THR B 20 6.57 0.52 -4.05
CA THR B 20 7.96 0.42 -4.46
C THR B 20 8.32 1.61 -5.31
N ARG B 21 7.40 2.03 -6.20
CA ARG B 21 7.66 3.17 -7.06
C ARG B 21 7.87 4.40 -6.21
N PHE B 22 7.07 4.53 -5.13
CA PHE B 22 7.20 5.68 -4.27
C PHE B 22 8.54 5.61 -3.57
N LEU B 23 8.91 4.42 -3.08
CA LEU B 23 10.16 4.24 -2.39
C LEU B 23 11.32 4.48 -3.31
N SER B 24 11.14 4.20 -4.62
CA SER B 24 12.22 4.40 -5.56
C SER B 24 12.28 5.85 -5.91
N THR B 25 11.26 6.63 -5.49
CA THR B 25 11.24 8.03 -5.79
C THR B 25 11.83 8.79 -4.65
N CYS B 26 11.52 8.38 -3.40
CA CYS B 26 12.03 9.11 -2.26
C CYS B 26 13.42 8.61 -1.96
N GLU B 27 14.38 9.56 -1.85
CA GLU B 27 15.74 9.19 -1.56
C GLU B 27 16.29 10.25 -0.66
N GLY B 28 15.98 10.16 0.65
CA GLY B 28 16.48 11.14 1.59
C GLY B 28 16.22 10.62 2.96
N VAL B 29 15.01 10.88 3.49
CA VAL B 29 14.66 10.43 4.82
C VAL B 29 13.60 9.40 4.64
N ASN B 30 14.03 8.21 4.20
CA ASN B 30 13.11 7.14 4.01
C ASN B 30 13.81 5.88 4.36
N THR B 31 14.91 5.97 5.12
CA THR B 31 15.60 4.77 5.51
C THR B 31 14.76 4.15 6.59
N GLU B 32 14.29 5.00 7.51
CA GLU B 32 13.45 4.55 8.59
C GLU B 32 12.10 4.24 8.01
N VAL B 33 11.67 5.10 7.06
CA VAL B 33 10.37 4.93 6.44
C VAL B 33 10.37 3.63 5.66
N ARG B 34 11.47 3.34 4.94
CA ARG B 34 11.55 2.13 4.13
C ARG B 34 11.41 0.92 5.01
N THR B 35 12.05 0.93 6.19
CA THR B 35 12.00 -0.23 7.06
C THR B 35 10.57 -0.50 7.45
N ARG B 36 9.83 0.55 7.87
CA ARG B 36 8.45 0.37 8.28
C ARG B 36 7.58 0.10 7.08
N LEU B 37 7.85 0.80 5.96
CA LEU B 37 7.07 0.69 4.76
C LEU B 37 7.13 -0.70 4.22
N LEU B 38 8.35 -1.25 4.07
CA LEU B 38 8.50 -2.56 3.51
C LEU B 38 8.15 -3.59 4.55
N GLY B 39 8.54 -3.34 5.82
CA GLY B 39 8.29 -4.28 6.87
C GLY B 39 6.81 -4.48 7.05
N HIS B 40 6.02 -3.40 7.00
CA HIS B 40 4.59 -3.51 7.20
C HIS B 40 3.95 -4.29 6.09
N LEU B 41 4.28 -3.96 4.82
CA LEU B 41 3.67 -4.68 3.71
C LEU B 41 4.12 -6.11 3.76
N ALA B 42 5.40 -6.34 4.09
CA ALA B 42 5.92 -7.68 4.18
C ALA B 42 5.22 -8.40 5.30
N ASN B 43 4.98 -7.69 6.43
CA ASN B 43 4.32 -8.31 7.56
C ASN B 43 2.93 -8.72 7.16
N CYS B 44 2.22 -7.88 6.39
CA CYS B 44 0.87 -8.20 6.00
C CYS B 44 0.88 -9.39 5.08
N MET B 45 1.85 -9.46 4.16
CA MET B 45 1.91 -10.54 3.21
C MET B 45 2.31 -11.79 3.95
N THR B 46 3.29 -11.66 4.86
CA THR B 46 3.76 -12.78 5.62
C THR B 46 2.66 -13.31 6.51
N GLN B 47 1.93 -12.41 7.21
CA GLN B 47 0.87 -12.83 8.09
C GLN B 47 -0.23 -13.46 7.29
N ILE B 48 -0.61 -12.86 6.15
CA ILE B 48 -1.67 -13.42 5.34
C ILE B 48 -1.09 -13.82 3.98
N ASP A 1 -20.74 -12.47 0.49
CA ASP A 1 -19.56 -12.71 1.36
C ASP A 1 -18.88 -11.41 1.71
N PRO A 2 -19.48 -10.66 2.61
CA PRO A 2 -18.95 -9.38 3.03
C PRO A 2 -17.69 -9.49 3.84
N SER A 3 -17.44 -10.67 4.43
CA SER A 3 -16.26 -10.87 5.23
C SER A 3 -15.05 -10.80 4.35
N VAL A 4 -15.17 -11.30 3.10
CA VAL A 4 -14.07 -11.28 2.17
C VAL A 4 -13.74 -9.84 1.86
N LEU A 5 -14.78 -9.03 1.61
CA LEU A 5 -14.58 -7.63 1.29
C LEU A 5 -13.99 -6.94 2.49
N GLY A 6 -14.45 -7.32 3.70
CA GLY A 6 -13.94 -6.70 4.91
C GLY A 6 -12.47 -6.95 5.06
N LYS A 7 -12.01 -8.19 4.77
CA LYS A 7 -10.60 -8.50 4.89
C LYS A 7 -9.82 -7.71 3.88
N TYR A 8 -10.36 -7.59 2.65
CA TYR A 8 -9.68 -6.85 1.60
C TYR A 8 -9.60 -5.41 2.01
N ARG A 9 -10.73 -4.86 2.52
CA ARG A 9 -10.79 -3.48 2.94
C ARG A 9 -9.84 -3.25 4.09
N ALA A 10 -9.76 -4.21 5.03
CA ALA A 10 -8.87 -4.06 6.17
C ALA A 10 -7.46 -3.93 5.70
N GLY A 11 -7.04 -4.77 4.74
CA GLY A 11 -5.68 -4.72 4.23
C GLY A 11 -5.48 -3.41 3.53
N PHE A 12 -6.49 -2.98 2.75
CA PHE A 12 -6.41 -1.74 2.02
C PHE A 12 -6.25 -0.58 2.97
N SER A 13 -7.08 -0.52 4.03
CA SER A 13 -7.04 0.58 4.96
C SER A 13 -5.67 0.66 5.58
N GLU A 14 -5.09 -0.50 5.93
CA GLU A 14 -3.79 -0.52 6.53
C GLU A 14 -2.76 0.02 5.56
N CYS A 15 -2.91 -0.31 4.25
CA CYS A 15 -1.95 0.15 3.27
C CYS A 15 -2.11 1.64 3.09
N MET A 16 -3.36 2.12 3.09
CA MET A 16 -3.62 3.53 2.89
C MET A 16 -2.98 4.33 4.00
N ASN A 17 -3.16 3.90 5.26
CA ASN A 17 -2.58 4.64 6.37
C ASN A 17 -1.08 4.61 6.30
N GLU A 18 -0.48 3.45 5.96
CA GLU A 18 0.96 3.35 5.91
C GLU A 18 1.49 4.19 4.77
N VAL A 19 0.80 4.16 3.62
CA VAL A 19 1.24 4.91 2.47
C VAL A 19 1.14 6.38 2.78
N THR A 20 0.06 6.79 3.49
CA THR A 20 -0.14 8.18 3.82
C THR A 20 1.01 8.66 4.67
N ARG A 21 1.46 7.84 5.65
CA ARG A 21 2.55 8.22 6.51
C ARG A 21 3.79 8.40 5.69
N PHE A 22 4.00 7.52 4.68
CA PHE A 22 5.17 7.62 3.86
C PHE A 22 5.08 8.88 3.03
N LEU A 23 3.89 9.19 2.51
CA LEU A 23 3.70 10.37 1.70
C LEU A 23 3.98 11.62 2.50
N SER A 24 3.55 11.66 3.77
CA SER A 24 3.75 12.85 4.57
C SER A 24 5.21 12.96 4.91
N THR A 25 5.96 11.89 4.62
CA THR A 25 7.37 11.88 4.91
C THR A 25 8.12 12.25 3.66
N CYS A 26 7.57 11.91 2.48
CA CYS A 26 8.24 12.18 1.24
C CYS A 26 8.08 13.65 0.92
N GLU A 27 9.23 14.36 0.75
CA GLU A 27 9.18 15.76 0.44
C GLU A 27 9.33 15.90 -1.05
N GLY A 28 9.53 14.77 -1.76
CA GLY A 28 9.68 14.79 -3.19
C GLY A 28 8.44 14.19 -3.77
N VAL A 29 7.28 14.69 -3.31
CA VAL A 29 6.02 14.19 -3.76
C VAL A 29 5.64 14.95 -4.98
N ASN A 30 6.18 14.49 -6.13
CA ASN A 30 5.85 15.08 -7.39
C ASN A 30 4.39 14.88 -7.58
N THR A 31 3.73 15.83 -8.24
CA THR A 31 2.30 15.73 -8.46
C THR A 31 2.05 14.46 -9.20
N GLU A 32 2.97 14.10 -10.10
CA GLU A 32 2.78 12.91 -10.91
C GLU A 32 2.85 11.67 -10.04
N VAL A 33 3.81 11.60 -9.11
CA VAL A 33 3.94 10.43 -8.28
C VAL A 33 2.83 10.43 -7.25
N ARG A 34 2.53 11.61 -6.69
CA ARG A 34 1.49 11.72 -5.68
C ARG A 34 0.18 11.30 -6.25
N THR A 35 -0.13 11.74 -7.50
CA THR A 35 -1.39 11.40 -8.12
C THR A 35 -1.45 9.91 -8.32
N ARG A 36 -0.35 9.30 -8.78
CA ARG A 36 -0.34 7.88 -9.01
C ARG A 36 -0.42 7.12 -7.70
N LEU A 37 0.28 7.60 -6.66
CA LEU A 37 0.32 6.93 -5.38
C LEU A 37 -1.06 6.87 -4.78
N LEU A 38 -1.76 8.01 -4.71
CA LEU A 38 -3.06 8.02 -4.10
C LEU A 38 -4.08 7.56 -5.09
N GLY A 39 -3.87 7.83 -6.39
CA GLY A 39 -4.82 7.42 -7.40
C GLY A 39 -4.87 5.92 -7.44
N HIS A 40 -3.70 5.25 -7.33
CA HIS A 40 -3.67 3.81 -7.36
C HIS A 40 -4.42 3.25 -6.19
N LEU A 41 -4.17 3.77 -4.97
CA LEU A 41 -4.88 3.28 -3.81
C LEU A 41 -6.34 3.62 -3.97
N ALA A 42 -6.64 4.80 -4.55
CA ALA A 42 -8.01 5.20 -4.76
C ALA A 42 -8.66 4.22 -5.70
N ASN A 43 -7.91 3.73 -6.72
CA ASN A 43 -8.48 2.78 -7.64
C ASN A 43 -8.83 1.53 -6.87
N CYS A 44 -7.97 1.14 -5.90
CA CYS A 44 -8.23 -0.05 -5.11
C CYS A 44 -9.47 0.18 -4.27
N MET A 45 -9.61 1.42 -3.73
CA MET A 45 -10.76 1.73 -2.89
C MET A 45 -11.98 1.72 -3.75
N THR A 46 -11.83 2.27 -4.97
CA THR A 46 -12.91 2.33 -5.92
C THR A 46 -13.34 0.91 -6.27
N GLN A 47 -12.35 0.00 -6.40
CA GLN A 47 -12.64 -1.38 -6.74
C GLN A 47 -13.53 -1.97 -5.68
N ILE A 48 -13.28 -1.64 -4.40
CA ILE A 48 -14.10 -2.17 -3.32
C ILE A 48 -15.54 -1.65 -3.52
N ASP B 1 -10.66 -21.71 0.96
CA ASP B 1 -11.03 -20.59 0.06
C ASP B 1 -9.81 -19.82 -0.37
N PRO B 2 -9.06 -20.41 -1.29
CA PRO B 2 -7.84 -19.78 -1.79
C PRO B 2 -8.09 -18.58 -2.64
N SER B 3 -9.32 -18.46 -3.19
CA SER B 3 -9.65 -17.34 -4.03
C SER B 3 -9.65 -16.08 -3.20
N VAL B 4 -10.08 -16.19 -1.93
CA VAL B 4 -10.11 -15.04 -1.05
C VAL B 4 -8.71 -14.58 -0.82
N LEU B 5 -7.79 -15.54 -0.56
CA LEU B 5 -6.41 -15.22 -0.32
C LEU B 5 -5.82 -14.62 -1.57
N GLY B 6 -6.21 -15.16 -2.74
CA GLY B 6 -5.68 -14.67 -4.00
C GLY B 6 -6.07 -13.23 -4.19
N LYS B 7 -7.33 -12.86 -3.86
CA LYS B 7 -7.77 -11.48 -4.04
C LYS B 7 -6.99 -10.59 -3.10
N TYR B 8 -6.78 -11.06 -1.85
CA TYR B 8 -6.07 -10.28 -0.87
C TYR B 8 -4.65 -10.11 -1.35
N ARG B 9 -4.03 -11.20 -1.84
CA ARG B 9 -2.66 -11.17 -2.31
C ARG B 9 -2.57 -10.25 -3.51
N ALA B 10 -3.57 -10.29 -4.41
CA ALA B 10 -3.54 -9.46 -5.59
C ALA B 10 -3.52 -8.01 -5.19
N GLY B 11 -4.35 -7.62 -4.21
CA GLY B 11 -4.39 -6.25 -3.77
C GLY B 11 -3.07 -5.90 -3.14
N PHE B 12 -2.53 -6.84 -2.34
CA PHE B 12 -1.26 -6.62 -1.67
C PHE B 12 -0.16 -6.40 -2.67
N SER B 13 -0.09 -7.28 -3.69
CA SER B 13 0.97 -7.18 -4.69
C SER B 13 0.91 -5.85 -5.36
N GLU B 14 -0.32 -5.39 -5.68
CA GLU B 14 -0.47 -4.11 -6.34
C GLU B 14 0.02 -3.01 -5.43
N CYS B 15 -0.24 -3.11 -4.10
CA CYS B 15 0.17 -2.07 -3.19
C CYS B 15 1.67 -2.10 -3.08
N MET B 16 2.26 -3.31 -3.05
CA MET B 16 3.70 -3.44 -2.90
C MET B 16 4.39 -2.78 -4.06
N ASN B 17 3.93 -3.05 -5.31
CA ASN B 17 4.57 -2.48 -6.47
C ASN B 17 4.41 -0.97 -6.46
N GLU B 18 3.21 -0.47 -6.09
CA GLU B 18 3.00 0.96 -6.09
C GLU B 18 3.84 1.61 -5.03
N VAL B 19 3.91 0.98 -3.84
CA VAL B 19 4.67 1.54 -2.75
C VAL B 19 6.13 1.55 -3.13
N THR B 20 6.60 0.47 -3.80
CA THR B 20 7.99 0.37 -4.18
C THR B 20 8.33 1.52 -5.11
N ARG B 21 7.43 1.84 -6.06
CA ARG B 21 7.69 2.93 -7.00
C ARG B 21 7.79 4.22 -6.23
N PHE B 22 6.95 4.39 -5.19
CA PHE B 22 6.97 5.61 -4.43
C PHE B 22 8.27 5.67 -3.65
N LEU B 23 8.70 4.52 -3.11
CA LEU B 23 9.93 4.48 -2.34
C LEU B 23 11.11 4.82 -3.20
N SER B 24 11.13 4.34 -4.45
CA SER B 24 12.27 4.60 -5.33
C SER B 24 12.25 6.04 -5.72
N THR B 25 11.13 6.72 -5.41
CA THR B 25 10.98 8.11 -5.77
C THR B 25 11.34 8.94 -4.57
N CYS B 26 11.09 8.42 -3.36
CA CYS B 26 11.36 9.17 -2.16
C CYS B 26 12.85 9.15 -1.90
N GLU B 27 13.47 10.35 -1.82
CA GLU B 27 14.88 10.44 -1.56
C GLU B 27 15.07 10.67 -0.08
N GLY B 28 13.95 10.80 0.67
CA GLY B 28 14.02 11.03 2.09
C GLY B 28 13.56 9.77 2.75
N VAL B 29 14.14 8.64 2.31
CA VAL B 29 13.77 7.36 2.83
C VAL B 29 14.61 7.10 4.04
N ASN B 30 14.15 7.65 5.18
CA ASN B 30 14.83 7.43 6.42
C ASN B 30 14.75 5.97 6.69
N THR B 31 15.79 5.41 7.33
CA THR B 31 15.82 4.01 7.60
C THR B 31 14.61 3.68 8.43
N GLU B 32 14.20 4.61 9.30
CA GLU B 32 13.07 4.36 10.17
C GLU B 32 11.80 4.28 9.36
N VAL B 33 11.60 5.20 8.38
CA VAL B 33 10.39 5.18 7.61
C VAL B 33 10.44 4.04 6.64
N ARG B 34 11.62 3.80 6.03
CA ARG B 34 11.78 2.74 5.06
C ARG B 34 11.49 1.41 5.72
N THR B 35 12.01 1.21 6.95
CA THR B 35 11.81 -0.04 7.63
C THR B 35 10.34 -0.23 7.90
N ARG B 36 9.65 0.84 8.34
CA ARG B 36 8.24 0.74 8.64
C ARG B 36 7.45 0.54 7.36
N LEU B 37 7.83 1.23 6.27
CA LEU B 37 7.10 1.15 5.03
C LEU B 37 7.13 -0.25 4.49
N LEU B 38 8.32 -0.85 4.41
CA LEU B 38 8.41 -2.18 3.85
C LEU B 38 8.08 -3.20 4.90
N GLY B 39 8.39 -2.90 6.18
CA GLY B 39 8.11 -3.83 7.25
C GLY B 39 6.62 -4.01 7.35
N HIS B 40 5.85 -2.90 7.22
CA HIS B 40 4.42 -2.98 7.32
C HIS B 40 3.88 -3.85 6.21
N LEU B 41 4.32 -3.60 4.96
CA LEU B 41 3.84 -4.40 3.86
C LEU B 41 4.32 -5.82 4.06
N ALA B 42 5.54 -5.99 4.60
CA ALA B 42 6.06 -7.32 4.85
C ALA B 42 5.18 -8.00 5.86
N ASN B 43 4.68 -7.25 6.86
CA ASN B 43 3.82 -7.84 7.86
C ASN B 43 2.57 -8.33 7.16
N CYS B 44 2.07 -7.56 6.17
CA CYS B 44 0.88 -7.96 5.45
C CYS B 44 1.17 -9.20 4.65
N MET B 45 2.39 -9.28 4.06
CA MET B 45 2.77 -10.42 3.26
C MET B 45 2.90 -11.60 4.17
N THR B 46 3.47 -11.35 5.36
CA THR B 46 3.67 -12.38 6.35
C THR B 46 2.32 -12.90 6.78
N GLN B 47 1.33 -11.99 6.91
CA GLN B 47 0.00 -12.38 7.32
C GLN B 47 -0.57 -13.37 6.33
N ILE B 48 -0.30 -13.16 5.03
CA ILE B 48 -0.81 -14.06 4.02
C ILE B 48 -0.17 -15.44 4.25
N ASP A 1 -19.19 -13.87 0.48
CA ASP A 1 -19.46 -13.25 1.80
C ASP A 1 -18.88 -11.85 1.85
N PRO A 2 -19.55 -10.96 2.53
CA PRO A 2 -19.11 -9.58 2.65
C PRO A 2 -17.87 -9.43 3.49
N SER A 3 -17.57 -10.44 4.32
CA SER A 3 -16.40 -10.39 5.16
C SER A 3 -15.18 -10.43 4.30
N VAL A 4 -15.27 -11.09 3.13
CA VAL A 4 -14.14 -11.19 2.22
C VAL A 4 -13.80 -9.80 1.75
N LEU A 5 -14.83 -9.04 1.36
CA LEU A 5 -14.63 -7.70 0.88
C LEU A 5 -14.10 -6.85 1.99
N GLY A 6 -14.62 -7.08 3.22
CA GLY A 6 -14.20 -6.31 4.37
C GLY A 6 -12.74 -6.51 4.62
N LYS A 7 -12.25 -7.77 4.50
CA LYS A 7 -10.85 -8.04 4.74
C LYS A 7 -10.01 -7.33 3.72
N TYR A 8 -10.47 -7.31 2.44
CA TYR A 8 -9.73 -6.67 1.39
C TYR A 8 -9.65 -5.19 1.69
N ARG A 9 -10.80 -4.58 2.07
CA ARG A 9 -10.84 -3.16 2.37
C ARG A 9 -9.98 -2.88 3.57
N ALA A 10 -10.02 -3.78 4.58
CA ALA A 10 -9.26 -3.60 5.79
C ALA A 10 -7.80 -3.54 5.46
N GLY A 11 -7.33 -4.43 4.55
CA GLY A 11 -5.94 -4.46 4.19
C GLY A 11 -5.55 -3.16 3.54
N PHE A 12 -6.43 -2.65 2.65
CA PHE A 12 -6.11 -1.41 1.95
C PHE A 12 -6.19 -0.25 2.89
N SER A 13 -7.07 -0.32 3.91
CA SER A 13 -7.17 0.77 4.85
C SER A 13 -5.83 0.91 5.52
N GLU A 14 -5.21 -0.25 5.84
CA GLU A 14 -3.92 -0.25 6.47
C GLU A 14 -2.88 0.29 5.51
N CYS A 15 -2.98 -0.09 4.20
CA CYS A 15 -2.00 0.38 3.24
C CYS A 15 -2.11 1.86 3.11
N MET A 16 -3.35 2.39 3.10
CA MET A 16 -3.56 3.81 2.94
C MET A 16 -2.91 4.55 4.09
N ASN A 17 -3.11 4.07 5.33
CA ASN A 17 -2.55 4.77 6.48
C ASN A 17 -1.04 4.76 6.42
N GLU A 18 -0.42 3.61 6.07
CA GLU A 18 1.02 3.54 6.03
C GLU A 18 1.54 4.36 4.88
N VAL A 19 0.85 4.29 3.73
CA VAL A 19 1.27 5.02 2.56
C VAL A 19 1.17 6.49 2.83
N THR A 20 0.11 6.90 3.55
CA THR A 20 -0.08 8.31 3.86
C THR A 20 1.08 8.81 4.68
N ARG A 21 1.56 7.98 5.63
CA ARG A 21 2.68 8.38 6.47
C ARG A 21 3.88 8.61 5.61
N PHE A 22 4.09 7.75 4.59
CA PHE A 22 5.24 7.89 3.73
C PHE A 22 5.10 9.18 2.94
N LEU A 23 3.90 9.43 2.40
CA LEU A 23 3.66 10.62 1.63
C LEU A 23 3.85 11.85 2.46
N SER A 24 3.42 11.81 3.74
CA SER A 24 3.52 12.97 4.58
C SER A 24 4.96 13.19 4.92
N THR A 25 5.82 12.21 4.58
CA THR A 25 7.21 12.30 4.88
C THR A 25 7.94 12.84 3.69
N CYS A 26 7.47 12.50 2.46
CA CYS A 26 8.17 12.96 1.27
C CYS A 26 7.46 14.16 0.73
N GLU A 27 8.16 15.31 0.69
CA GLU A 27 7.57 16.51 0.16
C GLU A 27 8.57 17.10 -0.79
N GLY A 28 8.33 16.95 -2.11
CA GLY A 28 9.24 17.49 -3.08
C GLY A 28 8.82 17.01 -4.42
N VAL A 29 9.19 15.75 -4.76
CA VAL A 29 8.83 15.20 -6.03
C VAL A 29 7.90 14.07 -5.74
N ASN A 30 6.66 14.43 -5.40
CA ASN A 30 5.69 13.44 -5.11
C ASN A 30 4.36 13.94 -5.57
N THR A 31 4.35 15.00 -6.39
CA THR A 31 3.10 15.50 -6.90
C THR A 31 2.60 14.49 -7.88
N GLU A 32 3.53 14.02 -8.75
CA GLU A 32 3.18 13.04 -9.74
C GLU A 32 3.05 11.72 -9.05
N VAL A 33 3.93 11.48 -8.05
CA VAL A 33 3.91 10.24 -7.33
C VAL A 33 2.61 10.13 -6.58
N ARG A 34 2.16 11.23 -5.95
CA ARG A 34 0.92 11.22 -5.18
C ARG A 34 -0.22 10.86 -6.07
N THR A 35 -0.22 11.38 -7.31
CA THR A 35 -1.31 11.12 -8.22
C THR A 35 -1.44 9.64 -8.46
N ARG A 36 -0.32 8.93 -8.69
CA ARG A 36 -0.39 7.50 -8.96
C ARG A 36 -0.43 6.73 -7.66
N LEU A 37 0.12 7.31 -6.58
CA LEU A 37 0.18 6.65 -5.30
C LEU A 37 -1.19 6.56 -4.71
N LEU A 38 -1.81 7.73 -4.48
CA LEU A 38 -3.12 7.76 -3.88
C LEU A 38 -4.14 7.37 -4.91
N GLY A 39 -3.87 7.67 -6.19
CA GLY A 39 -4.81 7.34 -7.23
C GLY A 39 -5.00 5.85 -7.32
N HIS A 40 -3.90 5.06 -7.24
CA HIS A 40 -4.04 3.63 -7.36
C HIS A 40 -4.73 3.07 -6.16
N LEU A 41 -4.40 3.57 -4.95
CA LEU A 41 -5.03 3.06 -3.76
C LEU A 41 -6.48 3.46 -3.81
N ALA A 42 -6.77 4.69 -4.29
CA ALA A 42 -8.14 5.16 -4.38
C ALA A 42 -8.89 4.30 -5.36
N ASN A 43 -8.25 3.92 -6.49
CA ASN A 43 -8.94 3.10 -7.45
C ASN A 43 -9.22 1.74 -6.85
N CYS A 44 -8.26 1.21 -6.05
CA CYS A 44 -8.47 -0.08 -5.45
C CYS A 44 -9.58 0.00 -4.44
N MET A 45 -9.64 1.11 -3.68
CA MET A 45 -10.65 1.27 -2.67
C MET A 45 -11.97 1.48 -3.34
N THR A 46 -11.96 2.28 -4.43
CA THR A 46 -13.16 2.55 -5.17
C THR A 46 -13.69 1.27 -5.76
N GLN A 47 -12.80 0.45 -6.36
CA GLN A 47 -13.22 -0.79 -6.96
C GLN A 47 -13.77 -1.71 -5.90
N ILE A 48 -13.07 -1.81 -4.74
CA ILE A 48 -13.53 -2.68 -3.68
C ILE A 48 -13.79 -1.82 -2.44
N ASP B 1 -12.19 -20.28 0.97
CA ASP B 1 -11.60 -20.56 -0.36
C ASP B 1 -10.26 -19.86 -0.50
N PRO B 2 -9.34 -20.50 -1.19
CA PRO B 2 -8.01 -19.94 -1.39
C PRO B 2 -8.00 -18.74 -2.28
N SER B 3 -9.07 -18.57 -3.09
CA SER B 3 -9.16 -17.43 -3.98
C SER B 3 -9.27 -16.17 -3.16
N VAL B 4 -9.87 -16.27 -1.96
CA VAL B 4 -10.03 -15.12 -1.11
C VAL B 4 -8.66 -14.63 -0.70
N LEU B 5 -7.78 -15.58 -0.31
CA LEU B 5 -6.45 -15.24 0.11
C LEU B 5 -5.70 -14.70 -1.07
N GLY B 6 -5.93 -15.30 -2.27
CA GLY B 6 -5.25 -14.86 -3.47
C GLY B 6 -5.59 -13.44 -3.77
N LYS B 7 -6.88 -13.05 -3.61
CA LYS B 7 -7.28 -11.69 -3.91
C LYS B 7 -6.59 -10.74 -2.94
N TYR B 8 -6.50 -11.14 -1.66
CA TYR B 8 -5.86 -10.31 -0.67
C TYR B 8 -4.41 -10.12 -1.04
N ARG B 9 -3.72 -11.22 -1.40
CA ARG B 9 -2.33 -11.16 -1.76
C ARG B 9 -2.17 -10.34 -3.01
N ALA B 10 -3.10 -10.50 -3.97
CA ALA B 10 -3.04 -9.79 -5.22
C ALA B 10 -3.10 -8.30 -4.96
N GLY B 11 -3.98 -7.88 -4.04
CA GLY B 11 -4.11 -6.47 -3.74
C GLY B 11 -2.83 -5.96 -3.15
N PHE B 12 -2.19 -6.74 -2.26
CA PHE B 12 -0.97 -6.28 -1.63
C PHE B 12 0.17 -6.32 -2.61
N SER B 13 0.13 -7.24 -3.59
CA SER B 13 1.17 -7.30 -4.57
C SER B 13 1.17 -5.98 -5.30
N GLU B 14 -0.05 -5.48 -5.60
CA GLU B 14 -0.19 -4.21 -6.29
C GLU B 14 0.28 -3.10 -5.39
N CYS B 15 -0.01 -3.16 -4.06
CA CYS B 15 0.40 -2.11 -3.17
C CYS B 15 1.91 -2.09 -3.11
N MET B 16 2.53 -3.27 -3.06
CA MET B 16 3.97 -3.35 -2.96
C MET B 16 4.61 -2.70 -4.17
N ASN B 17 4.10 -3.00 -5.39
CA ASN B 17 4.68 -2.44 -6.58
C ASN B 17 4.55 -0.93 -6.58
N GLU B 18 3.37 -0.40 -6.21
CA GLU B 18 3.17 1.04 -6.22
C GLU B 18 4.00 1.68 -5.13
N VAL B 19 4.04 1.04 -3.96
CA VAL B 19 4.77 1.56 -2.83
C VAL B 19 6.24 1.59 -3.18
N THR B 20 6.72 0.53 -3.88
CA THR B 20 8.11 0.43 -4.24
C THR B 20 8.47 1.59 -5.13
N ARG B 21 7.57 1.96 -6.06
CA ARG B 21 7.84 3.06 -6.96
C ARG B 21 7.99 4.32 -6.17
N PHE B 22 7.17 4.51 -5.12
CA PHE B 22 7.25 5.71 -4.31
C PHE B 22 8.56 5.71 -3.58
N LEU B 23 8.95 4.56 -3.00
CA LEU B 23 10.19 4.47 -2.27
C LEU B 23 11.36 4.72 -3.17
N SER B 24 11.31 4.22 -4.42
CA SER B 24 12.42 4.38 -5.33
C SER B 24 12.49 5.83 -5.74
N THR B 25 11.46 6.60 -5.39
CA THR B 25 11.41 7.99 -5.75
C THR B 25 11.94 8.81 -4.61
N CYS B 26 11.69 8.38 -3.36
CA CYS B 26 12.14 9.16 -2.22
C CYS B 26 13.42 8.57 -1.71
N GLU B 27 14.51 9.38 -1.74
CA GLU B 27 15.78 8.91 -1.25
C GLU B 27 16.32 10.00 -0.37
N GLY B 28 16.23 9.81 0.97
CA GLY B 28 16.75 10.81 1.86
C GLY B 28 16.36 10.41 3.25
N VAL B 29 15.10 10.69 3.63
CA VAL B 29 14.62 10.34 4.95
C VAL B 29 13.58 9.31 4.75
N ASN B 30 14.03 8.09 4.44
CA ASN B 30 13.11 7.02 4.24
C ASN B 30 13.74 5.77 4.73
N THR B 31 14.83 5.89 5.50
CA THR B 31 15.46 4.71 6.04
C THR B 31 14.53 4.17 7.08
N GLU B 32 14.03 5.09 7.93
CA GLU B 32 13.12 4.72 8.98
C GLU B 32 11.79 4.44 8.36
N VAL B 33 11.44 5.25 7.33
CA VAL B 33 10.16 5.09 6.68
C VAL B 33 10.14 3.76 5.98
N ARG B 34 11.24 3.37 5.32
CA ARG B 34 11.32 2.10 4.61
C ARG B 34 11.09 0.97 5.56
N THR B 35 11.65 1.07 6.77
CA THR B 35 11.53 0.01 7.75
C THR B 35 10.07 -0.23 8.06
N ARG B 36 9.29 0.84 8.27
CA ARG B 36 7.88 0.66 8.61
C ARG B 36 7.05 0.49 7.35
N LEU B 37 7.55 1.04 6.22
CA LEU B 37 6.82 0.99 4.97
C LEU B 37 6.84 -0.42 4.45
N LEU B 38 8.05 -0.94 4.19
CA LEU B 38 8.17 -2.27 3.64
C LEU B 38 7.89 -3.26 4.73
N GLY B 39 8.23 -2.92 5.99
CA GLY B 39 8.02 -3.84 7.08
C GLY B 39 6.56 -4.15 7.25
N HIS B 40 5.68 -3.12 7.15
CA HIS B 40 4.26 -3.38 7.35
C HIS B 40 3.72 -4.16 6.20
N LEU B 41 4.14 -3.85 4.96
CA LEU B 41 3.64 -4.57 3.83
C LEU B 41 4.16 -5.99 3.91
N ALA B 42 5.43 -6.14 4.35
CA ALA B 42 6.01 -7.46 4.47
C ALA B 42 5.26 -8.24 5.53
N ASN B 43 4.89 -7.59 6.64
CA ASN B 43 4.17 -8.30 7.68
C ASN B 43 2.82 -8.71 7.14
N CYS B 44 2.17 -7.84 6.34
CA CYS B 44 0.87 -8.18 5.80
C CYS B 44 1.00 -9.33 4.84
N MET B 45 2.08 -9.32 4.03
CA MET B 45 2.29 -10.37 3.05
C MET B 45 2.64 -11.63 3.78
N THR B 46 3.48 -11.51 4.81
CA THR B 46 3.89 -12.64 5.59
C THR B 46 2.68 -13.25 6.27
N GLN B 47 1.81 -12.41 6.87
CA GLN B 47 0.64 -12.90 7.54
C GLN B 47 -0.27 -13.57 6.55
N ILE B 48 -0.48 -12.95 5.37
CA ILE B 48 -1.35 -13.52 4.37
C ILE B 48 -0.52 -13.76 3.10
N ASP A 1 -20.77 -12.51 0.11
CA ASP A 1 -19.63 -12.72 1.06
C ASP A 1 -18.98 -11.41 1.39
N PRO A 2 -19.62 -10.64 2.24
CA PRO A 2 -19.12 -9.35 2.66
C PRO A 2 -17.90 -9.42 3.52
N SER A 3 -17.68 -10.59 4.17
CA SER A 3 -16.54 -10.76 5.03
C SER A 3 -15.29 -10.71 4.19
N VAL A 4 -15.36 -11.26 2.95
CA VAL A 4 -14.21 -11.27 2.07
C VAL A 4 -13.88 -9.85 1.71
N LEU A 5 -14.92 -9.06 1.37
CA LEU A 5 -14.72 -7.67 1.00
C LEU A 5 -14.18 -6.92 2.18
N GLY A 6 -14.69 -7.22 3.39
CA GLY A 6 -14.24 -6.54 4.58
C GLY A 6 -12.79 -6.82 4.82
N LYS A 7 -12.37 -8.10 4.61
CA LYS A 7 -10.97 -8.46 4.82
C LYS A 7 -10.12 -7.70 3.85
N TYR A 8 -10.56 -7.66 2.57
CA TYR A 8 -9.81 -6.97 1.53
C TYR A 8 -9.72 -5.51 1.89
N ARG A 9 -10.86 -4.91 2.29
CA ARG A 9 -10.92 -3.51 2.63
C ARG A 9 -10.02 -3.24 3.82
N ALA A 10 -9.99 -4.17 4.80
CA ALA A 10 -9.17 -3.97 5.98
C ALA A 10 -7.72 -3.90 5.57
N GLY A 11 -7.30 -4.81 4.66
CA GLY A 11 -5.91 -4.81 4.21
C GLY A 11 -5.65 -3.53 3.47
N PHE A 12 -6.62 -3.10 2.65
CA PHE A 12 -6.48 -1.88 1.89
C PHE A 12 -6.29 -0.70 2.83
N SER A 13 -7.15 -0.60 3.87
CA SER A 13 -7.09 0.52 4.79
C SER A 13 -5.74 0.55 5.44
N GLU A 14 -5.20 -0.63 5.80
CA GLU A 14 -3.90 -0.69 6.44
C GLU A 14 -2.85 -0.19 5.48
N CYS A 15 -2.95 -0.54 4.18
CA CYS A 15 -1.95 -0.12 3.23
C CYS A 15 -2.06 1.35 3.02
N MET A 16 -3.31 1.86 2.95
CA MET A 16 -3.53 3.27 2.71
C MET A 16 -2.95 4.07 3.85
N ASN A 17 -3.17 3.63 5.10
CA ASN A 17 -2.65 4.36 6.24
C ASN A 17 -1.15 4.37 6.22
N GLU A 18 -0.52 3.22 5.87
CA GLU A 18 0.93 3.16 5.85
C GLU A 18 1.46 4.02 4.73
N VAL A 19 0.78 3.97 3.56
CA VAL A 19 1.21 4.74 2.43
C VAL A 19 1.09 6.21 2.74
N THR A 20 0.00 6.58 3.45
CA THR A 20 -0.24 7.95 3.81
C THR A 20 0.90 8.43 4.68
N ARG A 21 1.38 7.59 5.60
CA ARG A 21 2.47 7.98 6.48
C ARG A 21 3.69 8.27 5.65
N PHE A 22 3.95 7.46 4.61
CA PHE A 22 5.11 7.68 3.77
C PHE A 22 4.93 8.98 3.02
N LEU A 23 3.71 9.22 2.53
CA LEU A 23 3.42 10.43 1.80
C LEU A 23 3.58 11.62 2.71
N SER A 24 3.21 11.46 3.99
CA SER A 24 3.29 12.55 4.93
C SER A 24 4.74 12.86 5.17
N THR A 25 5.63 11.93 4.76
CA THR A 25 7.04 12.14 4.93
C THR A 25 7.42 13.20 3.96
N CYS A 26 6.86 13.09 2.73
CA CYS A 26 7.08 14.07 1.70
C CYS A 26 8.53 14.08 1.30
N GLU A 27 9.20 15.25 1.46
CA GLU A 27 10.59 15.43 1.10
C GLU A 27 10.71 15.44 -0.40
N GLY A 28 9.62 15.82 -1.12
CA GLY A 28 9.67 15.88 -2.55
C GLY A 28 8.28 15.81 -3.06
N VAL A 29 7.73 14.58 -3.12
CA VAL A 29 6.39 14.35 -3.60
C VAL A 29 6.20 14.95 -4.97
N ASN A 30 6.55 14.17 -6.00
CA ASN A 30 6.35 14.60 -7.35
C ASN A 30 4.86 14.50 -7.54
N THR A 31 4.25 15.49 -8.21
CA THR A 31 2.83 15.47 -8.43
C THR A 31 2.49 14.23 -9.20
N GLU A 32 3.44 13.78 -10.02
CA GLU A 32 3.23 12.59 -10.81
C GLU A 32 3.19 11.40 -9.91
N VAL A 33 4.10 11.34 -8.91
CA VAL A 33 4.15 10.20 -8.02
C VAL A 33 2.94 10.24 -7.12
N ARG A 34 2.59 11.45 -6.63
CA ARG A 34 1.46 11.59 -5.73
C ARG A 34 0.22 11.12 -6.40
N THR A 35 0.03 11.50 -7.69
CA THR A 35 -1.16 11.13 -8.42
C THR A 35 -1.23 9.63 -8.54
N ARG A 36 -0.11 8.98 -8.90
CA ARG A 36 -0.12 7.54 -9.06
C ARG A 36 -0.24 6.85 -7.72
N LEU A 37 0.40 7.41 -6.68
CA LEU A 37 0.41 6.79 -5.37
C LEU A 37 -0.99 6.78 -4.82
N LEU A 38 -1.56 7.97 -4.57
CA LEU A 38 -2.87 8.06 -3.98
C LEU A 38 -3.91 7.62 -4.97
N GLY A 39 -3.71 7.92 -6.28
CA GLY A 39 -4.68 7.56 -7.28
C GLY A 39 -4.84 6.06 -7.33
N HIS A 40 -3.72 5.31 -7.24
CA HIS A 40 -3.80 3.86 -7.30
C HIS A 40 -4.61 3.35 -6.14
N LEU A 41 -4.29 3.83 -4.91
CA LEU A 41 -5.03 3.36 -3.75
C LEU A 41 -6.45 3.82 -3.88
N ALA A 42 -6.66 5.04 -4.42
CA ALA A 42 -8.00 5.56 -4.59
C ALA A 42 -8.74 4.67 -5.56
N ASN A 43 -8.05 4.16 -6.59
CA ASN A 43 -8.68 3.29 -7.55
C ASN A 43 -9.16 2.06 -6.83
N CYS A 44 -8.32 1.53 -5.90
CA CYS A 44 -8.70 0.34 -5.16
C CYS A 44 -9.86 0.65 -4.26
N MET A 45 -9.86 1.86 -3.64
CA MET A 45 -10.92 2.24 -2.74
C MET A 45 -12.18 2.41 -3.54
N THR A 46 -12.03 3.01 -4.73
CA THR A 46 -13.16 3.24 -5.61
C THR A 46 -13.74 1.92 -6.00
N GLN A 47 -12.88 0.92 -6.32
CA GLN A 47 -13.35 -0.38 -6.73
C GLN A 47 -14.14 -1.00 -5.59
N ILE A 48 -13.65 -0.86 -4.35
CA ILE A 48 -14.34 -1.44 -3.21
C ILE A 48 -15.25 -0.35 -2.61
N ASP B 1 -10.68 -21.73 1.34
CA ASP B 1 -11.02 -20.65 0.37
C ASP B 1 -9.79 -19.90 -0.06
N PRO B 2 -9.01 -20.53 -0.91
CA PRO B 2 -7.77 -19.94 -1.41
C PRO B 2 -8.00 -18.77 -2.33
N SER B 3 -9.21 -18.68 -2.92
CA SER B 3 -9.51 -17.59 -3.81
C SER B 3 -9.54 -16.31 -3.04
N VAL B 4 -10.02 -16.36 -1.77
CA VAL B 4 -10.09 -15.18 -0.95
C VAL B 4 -8.69 -14.72 -0.66
N LEU B 5 -7.80 -15.68 -0.33
CA LEU B 5 -6.42 -15.34 -0.02
C LEU B 5 -5.77 -14.80 -1.25
N GLY B 6 -6.08 -15.39 -2.43
CA GLY B 6 -5.48 -14.94 -3.67
C GLY B 6 -5.91 -13.52 -3.94
N LYS B 7 -7.20 -13.20 -3.71
CA LYS B 7 -7.69 -11.86 -3.96
C LYS B 7 -6.96 -10.89 -3.05
N TYR B 8 -6.83 -11.26 -1.76
CA TYR B 8 -6.17 -10.41 -0.80
C TYR B 8 -4.73 -10.22 -1.22
N ARG B 9 -4.06 -11.33 -1.60
CA ARG B 9 -2.68 -11.28 -2.00
C ARG B 9 -2.53 -10.42 -3.24
N ALA B 10 -3.49 -10.52 -4.18
CA ALA B 10 -3.43 -9.74 -5.39
C ALA B 10 -3.47 -8.27 -5.05
N GLY B 11 -4.36 -7.88 -4.12
CA GLY B 11 -4.46 -6.49 -3.73
C GLY B 11 -3.18 -6.07 -3.07
N PHE B 12 -2.62 -6.97 -2.23
CA PHE B 12 -1.39 -6.69 -1.53
C PHE B 12 -0.28 -6.45 -2.52
N SER B 13 -0.16 -7.34 -3.53
CA SER B 13 0.91 -7.23 -4.50
C SER B 13 0.80 -5.91 -5.21
N GLU B 14 -0.43 -5.49 -5.54
CA GLU B 14 -0.63 -4.24 -6.23
C GLU B 14 -0.19 -3.10 -5.35
N CYS B 15 -0.47 -3.18 -4.03
CA CYS B 15 -0.11 -2.10 -3.14
C CYS B 15 1.39 -2.08 -2.99
N MET B 16 2.01 -3.28 -2.89
CA MET B 16 3.44 -3.37 -2.72
C MET B 16 4.13 -2.76 -3.91
N ASN B 17 3.67 -3.08 -5.14
CA ASN B 17 4.31 -2.56 -6.32
C ASN B 17 4.18 -1.06 -6.36
N GLU B 18 3.00 -0.52 -5.99
CA GLU B 18 2.81 0.93 -6.03
C GLU B 18 3.67 1.57 -4.98
N VAL B 19 3.73 0.95 -3.78
CA VAL B 19 4.50 1.50 -2.69
C VAL B 19 5.96 1.48 -3.08
N THR B 20 6.40 0.39 -3.74
CA THR B 20 7.78 0.27 -4.16
C THR B 20 8.12 1.39 -5.10
N ARG B 21 7.19 1.75 -6.00
CA ARG B 21 7.45 2.83 -6.94
C ARG B 21 7.68 4.12 -6.19
N PHE B 22 6.90 4.35 -5.11
CA PHE B 22 7.04 5.56 -4.35
C PHE B 22 8.38 5.52 -3.65
N LEU B 23 8.75 4.35 -3.10
CA LEU B 23 10.01 4.21 -2.42
C LEU B 23 11.14 4.41 -3.40
N SER B 24 10.96 3.98 -4.65
CA SER B 24 11.99 4.10 -5.65
C SER B 24 12.17 5.56 -5.96
N THR B 25 11.19 6.38 -5.55
CA THR B 25 11.26 7.80 -5.79
C THR B 25 12.34 8.31 -4.88
N CYS B 26 12.32 7.80 -3.63
CA CYS B 26 13.32 8.14 -2.66
C CYS B 26 13.22 9.61 -2.32
N GLU B 27 14.34 10.37 -2.56
CA GLU B 27 14.40 11.79 -2.26
C GLU B 27 14.47 11.97 -0.76
N GLY B 28 14.97 10.96 -0.04
CA GLY B 28 15.09 11.09 1.39
C GLY B 28 15.17 9.71 1.97
N VAL B 29 13.99 9.07 2.11
CA VAL B 29 13.88 7.73 2.66
C VAL B 29 14.55 7.65 4.00
N ASN B 30 13.79 7.99 5.05
CA ASN B 30 14.30 7.88 6.39
C ASN B 30 14.33 6.41 6.64
N THR B 31 15.41 5.91 7.29
CA THR B 31 15.51 4.50 7.56
C THR B 31 14.34 4.10 8.41
N GLU B 32 13.85 5.05 9.21
CA GLU B 32 12.72 4.78 10.07
C GLU B 32 11.49 4.59 9.23
N VAL B 33 11.31 5.45 8.19
CA VAL B 33 10.13 5.36 7.36
C VAL B 33 10.24 4.13 6.50
N ARG B 34 11.45 3.85 5.97
CA ARG B 34 11.64 2.70 5.11
C ARG B 34 11.32 1.44 5.87
N THR B 35 11.77 1.36 7.14
CA THR B 35 11.54 0.17 7.93
C THR B 35 10.05 -0.02 8.13
N ARG B 36 9.33 1.06 8.46
CA ARG B 36 7.90 0.94 8.70
C ARG B 36 7.17 0.69 7.40
N LEU B 37 7.62 1.34 6.30
CA LEU B 37 6.95 1.22 5.03
C LEU B 37 7.03 -0.19 4.53
N LEU B 38 8.26 -0.66 4.26
CA LEU B 38 8.44 -1.98 3.72
C LEU B 38 8.13 -3.02 4.78
N GLY B 39 8.46 -2.73 6.06
CA GLY B 39 8.23 -3.69 7.11
C GLY B 39 6.76 -3.97 7.24
N HIS B 40 5.91 -2.92 7.13
CA HIS B 40 4.49 -3.13 7.27
C HIS B 40 3.99 -4.02 6.16
N LEU B 41 4.38 -3.72 4.90
CA LEU B 41 3.94 -4.54 3.79
C LEU B 41 4.53 -5.92 3.97
N ALA B 42 5.78 -6.00 4.45
CA ALA B 42 6.42 -7.28 4.67
C ALA B 42 5.64 -8.04 5.70
N ASN B 43 5.11 -7.35 6.72
CA ASN B 43 4.34 -8.02 7.75
C ASN B 43 3.12 -8.63 7.11
N CYS B 44 2.48 -7.88 6.17
CA CYS B 44 1.30 -8.38 5.50
C CYS B 44 1.68 -9.56 4.64
N MET B 45 2.84 -9.49 3.97
CA MET B 45 3.29 -10.56 3.09
C MET B 45 3.59 -11.75 3.94
N THR B 46 4.22 -11.50 5.09
CA THR B 46 4.59 -12.57 6.00
C THR B 46 3.34 -13.24 6.49
N GLN B 47 2.29 -12.45 6.81
CA GLN B 47 1.05 -13.01 7.30
C GLN B 47 0.45 -13.89 6.23
N ILE B 48 0.49 -13.45 4.96
CA ILE B 48 -0.07 -14.25 3.88
C ILE B 48 1.06 -15.09 3.27
N ASP A 1 -20.14 -12.08 -1.04
CA ASP A 1 -19.35 -12.30 0.21
C ASP A 1 -18.83 -11.00 0.73
N PRO A 2 -19.67 -10.28 1.44
CA PRO A 2 -19.33 -8.98 2.01
C PRO A 2 -18.14 -9.02 2.93
N SER A 3 -18.00 -10.13 3.70
CA SER A 3 -16.90 -10.25 4.63
C SER A 3 -15.61 -10.27 3.87
N VAL A 4 -15.59 -10.99 2.72
CA VAL A 4 -14.38 -11.10 1.94
C VAL A 4 -14.04 -9.73 1.39
N LEU A 5 -15.05 -9.01 0.88
CA LEU A 5 -14.83 -7.70 0.31
C LEU A 5 -14.36 -6.77 1.40
N GLY A 6 -14.97 -6.90 2.60
CA GLY A 6 -14.60 -6.04 3.71
C GLY A 6 -13.16 -6.29 4.08
N LYS A 7 -12.73 -7.56 4.06
CA LYS A 7 -11.36 -7.89 4.41
C LYS A 7 -10.43 -7.25 3.41
N TYR A 8 -10.80 -7.34 2.10
CA TYR A 8 -9.97 -6.78 1.05
C TYR A 8 -9.87 -5.29 1.24
N ARG A 9 -11.02 -4.61 1.50
CA ARG A 9 -11.03 -3.18 1.68
C ARG A 9 -10.24 -2.83 2.92
N ALA A 10 -10.38 -3.66 3.97
CA ALA A 10 -9.68 -3.41 5.22
C ALA A 10 -8.20 -3.44 4.98
N GLY A 11 -7.73 -4.41 4.15
CA GLY A 11 -6.31 -4.52 3.88
C GLY A 11 -5.83 -3.27 3.21
N PHE A 12 -6.60 -2.73 2.26
CA PHE A 12 -6.18 -1.54 1.56
C PHE A 12 -6.26 -0.35 2.46
N SER A 13 -7.25 -0.31 3.37
CA SER A 13 -7.36 0.80 4.29
C SER A 13 -6.10 0.82 5.10
N GLU A 14 -5.62 -0.39 5.50
CA GLU A 14 -4.42 -0.50 6.29
C GLU A 14 -3.22 -0.03 5.49
N CYS A 15 -3.13 -0.35 4.15
CA CYS A 15 -1.95 0.07 3.43
C CYS A 15 -2.04 1.55 3.19
N MET A 16 -3.27 2.10 3.13
CA MET A 16 -3.43 3.52 2.89
C MET A 16 -2.80 4.27 4.02
N ASN A 17 -3.05 3.85 5.28
CA ASN A 17 -2.50 4.55 6.43
C ASN A 17 -1.00 4.42 6.43
N GLU A 18 -0.47 3.22 6.10
CA GLU A 18 0.97 3.01 6.10
C GLU A 18 1.60 3.84 5.01
N VAL A 19 0.95 3.88 3.85
CA VAL A 19 1.44 4.64 2.73
C VAL A 19 1.39 6.10 3.07
N THR A 20 0.33 6.51 3.79
CA THR A 20 0.18 7.90 4.17
C THR A 20 1.37 8.31 4.99
N ARG A 21 1.88 7.40 5.86
CA ARG A 21 3.02 7.72 6.68
C ARG A 21 4.20 8.00 5.80
N PHE A 22 4.35 7.23 4.69
CA PHE A 22 5.48 7.47 3.81
C PHE A 22 5.35 8.83 3.19
N LEU A 23 4.13 9.15 2.71
CA LEU A 23 3.86 10.42 2.07
C LEU A 23 4.03 11.55 3.05
N SER A 24 3.64 11.33 4.32
CA SER A 24 3.73 12.37 5.32
C SER A 24 5.17 12.59 5.67
N THR A 25 6.06 11.69 5.20
CA THR A 25 7.44 11.82 5.51
C THR A 25 8.11 12.66 4.47
N CYS A 26 7.64 12.57 3.19
CA CYS A 26 8.30 13.35 2.16
C CYS A 26 7.24 14.00 1.30
N GLU A 27 7.31 15.34 1.21
CA GLU A 27 6.39 16.07 0.39
C GLU A 27 7.22 17.08 -0.36
N GLY A 28 6.95 17.24 -1.68
CA GLY A 28 7.70 18.19 -2.45
C GLY A 28 7.80 17.67 -3.84
N VAL A 29 8.51 16.53 -4.02
CA VAL A 29 8.68 15.97 -5.34
C VAL A 29 7.77 14.79 -5.44
N ASN A 30 7.01 14.58 -4.37
CA ASN A 30 6.09 13.50 -4.33
C ASN A 30 4.74 14.11 -4.33
N THR A 31 4.63 15.39 -4.76
CA THR A 31 3.35 16.03 -4.83
C THR A 31 2.62 15.38 -5.96
N GLU A 32 3.34 15.20 -7.08
CA GLU A 32 2.76 14.57 -8.25
C GLU A 32 2.62 13.12 -7.95
N VAL A 33 3.62 12.56 -7.24
CA VAL A 33 3.61 11.16 -6.88
C VAL A 33 2.44 10.92 -5.97
N ARG A 34 2.19 11.86 -5.02
CA ARG A 34 1.10 11.70 -4.07
C ARG A 34 -0.22 11.62 -4.80
N THR A 35 -0.39 12.42 -5.86
CA THR A 35 -1.63 12.40 -6.60
C THR A 35 -1.85 11.01 -7.16
N ARG A 36 -0.79 10.44 -7.77
CA ARG A 36 -0.90 9.11 -8.34
C ARG A 36 -1.00 8.09 -7.22
N LEU A 37 -0.30 8.35 -6.10
CA LEU A 37 -0.27 7.44 -4.98
C LEU A 37 -1.65 7.25 -4.44
N LEU A 38 -2.36 8.38 -4.20
CA LEU A 38 -3.70 8.29 -3.66
C LEU A 38 -4.63 7.82 -4.73
N GLY A 39 -4.40 8.28 -5.98
CA GLY A 39 -5.26 7.89 -7.08
C GLY A 39 -5.23 6.40 -7.29
N HIS A 40 -4.03 5.78 -7.21
CA HIS A 40 -3.95 4.36 -7.45
C HIS A 40 -4.62 3.60 -6.34
N LEU A 41 -4.45 4.02 -5.07
CA LEU A 41 -5.10 3.32 -3.99
C LEU A 41 -6.59 3.49 -4.14
N ALA A 42 -7.03 4.71 -4.53
CA ALA A 42 -8.44 4.96 -4.73
C ALA A 42 -8.93 4.10 -5.85
N ASN A 43 -8.12 3.95 -6.92
CA ASN A 43 -8.51 3.14 -8.04
C ASN A 43 -8.65 1.72 -7.58
N CYS A 44 -7.75 1.25 -6.69
CA CYS A 44 -7.83 -0.12 -6.21
C CYS A 44 -9.10 -0.30 -5.41
N MET A 45 -9.45 0.70 -4.58
CA MET A 45 -10.64 0.59 -3.76
C MET A 45 -11.84 0.66 -4.64
N THR A 46 -11.79 1.56 -5.64
CA THR A 46 -12.88 1.72 -6.57
C THR A 46 -13.07 0.47 -7.38
N GLN A 47 -11.96 -0.10 -7.90
CA GLN A 47 -12.02 -1.28 -8.74
C GLN A 47 -12.49 -2.47 -7.93
N ILE A 48 -12.01 -2.60 -6.67
CA ILE A 48 -12.38 -3.73 -5.84
C ILE A 48 -11.73 -4.99 -6.44
N ASP B 1 -10.26 -21.01 2.44
CA ASP B 1 -10.60 -20.30 1.18
C ASP B 1 -9.37 -19.69 0.58
N PRO B 2 -8.61 -20.52 -0.13
CA PRO B 2 -7.37 -20.08 -0.77
C PRO B 2 -7.56 -18.95 -1.74
N SER B 3 -8.70 -18.93 -2.46
CA SER B 3 -8.95 -17.89 -3.44
C SER B 3 -9.05 -16.57 -2.73
N VAL B 4 -9.72 -16.55 -1.55
CA VAL B 4 -9.90 -15.33 -0.81
C VAL B 4 -8.55 -14.85 -0.34
N LEU B 5 -7.72 -15.78 0.18
CA LEU B 5 -6.41 -15.41 0.68
C LEU B 5 -5.57 -14.93 -0.47
N GLY B 6 -5.69 -15.59 -1.64
CA GLY B 6 -4.92 -15.21 -2.80
C GLY B 6 -5.30 -13.82 -3.22
N LYS B 7 -6.61 -13.48 -3.17
CA LYS B 7 -7.06 -12.17 -3.55
C LYS B 7 -6.47 -11.15 -2.62
N TYR B 8 -6.48 -11.45 -1.30
CA TYR B 8 -5.94 -10.55 -0.31
C TYR B 8 -4.47 -10.32 -0.58
N ARG B 9 -3.72 -11.42 -0.81
CA ARG B 9 -2.29 -11.31 -1.07
C ARG B 9 -2.07 -10.56 -2.34
N ALA B 10 -2.92 -10.82 -3.36
CA ALA B 10 -2.79 -10.16 -4.64
C ALA B 10 -2.94 -8.68 -4.46
N GLY B 11 -3.90 -8.25 -3.62
CA GLY B 11 -4.12 -6.84 -3.40
C GLY B 11 -2.89 -6.22 -2.81
N PHE B 12 -2.25 -6.91 -1.84
CA PHE B 12 -1.07 -6.35 -1.23
C PHE B 12 0.09 -6.38 -2.17
N SER B 13 0.16 -7.40 -3.05
CA SER B 13 1.24 -7.45 -4.00
C SER B 13 1.12 -6.23 -4.87
N GLU B 14 -0.14 -5.88 -5.23
CA GLU B 14 -0.39 -4.73 -6.07
C GLU B 14 0.00 -3.47 -5.34
N CYS B 15 -0.26 -3.33 -4.00
CA CYS B 15 0.09 -2.10 -3.35
C CYS B 15 1.57 -2.04 -3.16
N MET B 16 2.23 -3.22 -3.09
CA MET B 16 3.67 -3.25 -2.90
C MET B 16 4.32 -2.61 -4.10
N ASN B 17 3.87 -2.96 -5.32
CA ASN B 17 4.47 -2.40 -6.52
C ASN B 17 4.21 -0.91 -6.58
N GLU B 18 2.98 -0.47 -6.21
CA GLU B 18 2.65 0.94 -6.27
C GLU B 18 3.47 1.69 -5.26
N VAL B 19 3.61 1.10 -4.06
CA VAL B 19 4.37 1.70 -3.00
C VAL B 19 5.82 1.75 -3.41
N THR B 20 6.29 0.70 -4.10
CA THR B 20 7.67 0.65 -4.54
C THR B 20 7.94 1.83 -5.43
N ARG B 21 6.96 2.21 -6.28
CA ARG B 21 7.14 3.35 -7.16
C ARG B 21 7.35 4.59 -6.34
N PHE B 22 6.63 4.73 -5.21
CA PHE B 22 6.79 5.91 -4.38
C PHE B 22 8.19 5.92 -3.82
N LEU B 23 8.64 4.76 -3.30
CA LEU B 23 9.95 4.62 -2.71
C LEU B 23 11.02 4.84 -3.76
N SER B 24 10.78 4.37 -5.00
CA SER B 24 11.77 4.51 -6.04
C SER B 24 11.84 5.94 -6.46
N THR B 25 10.89 6.77 -5.99
CA THR B 25 10.88 8.15 -6.37
C THR B 25 11.71 8.93 -5.39
N CYS B 26 11.72 8.52 -4.10
CA CYS B 26 12.48 9.28 -3.13
C CYS B 26 13.26 8.33 -2.26
N GLU B 27 14.59 8.52 -2.23
CA GLU B 27 15.43 7.69 -1.41
C GLU B 27 16.39 8.63 -0.74
N GLY B 28 16.63 8.44 0.57
CA GLY B 28 17.55 9.30 1.28
C GLY B 28 17.08 9.42 2.68
N VAL B 29 15.90 10.05 2.88
CA VAL B 29 15.38 10.22 4.22
C VAL B 29 14.29 9.23 4.41
N ASN B 30 14.09 8.41 3.38
CA ASN B 30 13.10 7.40 3.43
C ASN B 30 13.83 6.10 3.46
N THR B 31 15.12 6.13 3.83
CA THR B 31 15.88 4.90 3.92
C THR B 31 15.34 4.17 5.12
N GLU B 32 15.15 4.92 6.23
CA GLU B 32 14.62 4.35 7.43
C GLU B 32 13.17 4.08 7.21
N VAL B 33 12.50 5.00 6.48
CA VAL B 33 11.09 4.85 6.20
C VAL B 33 10.91 3.62 5.34
N ARG B 34 11.83 3.40 4.36
CA ARG B 34 11.73 2.26 3.47
C ARG B 34 11.78 0.98 4.26
N THR B 35 12.65 0.93 5.29
CA THR B 35 12.76 -0.28 6.08
C THR B 35 11.42 -0.58 6.71
N ARG B 36 10.79 0.44 7.30
CA ARG B 36 9.50 0.26 7.93
C ARG B 36 8.44 0.02 6.88
N LEU B 37 8.59 0.69 5.71
CA LEU B 37 7.64 0.59 4.63
C LEU B 37 7.55 -0.83 4.16
N LEU B 38 8.72 -1.45 3.90
CA LEU B 38 8.72 -2.81 3.42
C LEU B 38 8.39 -3.74 4.55
N GLY B 39 8.87 -3.41 5.77
CA GLY B 39 8.62 -4.25 6.92
C GLY B 39 7.14 -4.32 7.20
N HIS B 40 6.40 -3.20 7.09
CA HIS B 40 4.99 -3.21 7.39
C HIS B 40 4.24 -4.01 6.35
N LEU B 41 4.60 -3.86 5.06
CA LEU B 41 3.90 -4.61 4.04
C LEU B 41 4.21 -6.07 4.24
N ALA B 42 5.48 -6.39 4.60
CA ALA B 42 5.86 -7.77 4.84
C ALA B 42 5.09 -8.27 6.03
N ASN B 43 4.92 -7.42 7.06
CA ASN B 43 4.20 -7.83 8.24
C ASN B 43 2.77 -8.12 7.85
N CYS B 44 2.19 -7.30 6.94
CA CYS B 44 0.82 -7.51 6.53
C CYS B 44 0.70 -8.83 5.79
N MET B 45 1.70 -9.14 4.94
CA MET B 45 1.65 -10.37 4.17
C MET B 45 1.87 -11.52 5.11
N THR B 46 2.80 -11.33 6.06
CA THR B 46 3.10 -12.38 7.02
C THR B 46 1.90 -12.62 7.90
N GLN B 47 1.26 -11.54 8.40
CA GLN B 47 0.13 -11.67 9.29
C GLN B 47 -1.05 -12.27 8.56
N ILE B 48 -1.27 -11.86 7.29
CA ILE B 48 -2.41 -12.36 6.52
C ILE B 48 -3.69 -11.80 7.16
N ASP A 1 -19.66 -13.85 2.21
CA ASP A 1 -19.44 -13.25 0.86
C ASP A 1 -18.95 -11.82 0.95
N PRO A 2 -19.71 -10.93 1.57
CA PRO A 2 -19.29 -9.54 1.70
C PRO A 2 -18.12 -9.34 2.61
N SER A 3 -17.89 -10.33 3.51
CA SER A 3 -16.78 -10.23 4.43
C SER A 3 -15.49 -10.33 3.67
N VAL A 4 -15.50 -11.03 2.52
CA VAL A 4 -14.31 -11.18 1.73
C VAL A 4 -13.92 -9.82 1.21
N LEU A 5 -14.90 -9.06 0.69
CA LEU A 5 -14.65 -7.75 0.16
C LEU A 5 -14.23 -6.85 1.28
N GLY A 6 -14.89 -6.98 2.45
CA GLY A 6 -14.57 -6.15 3.59
C GLY A 6 -13.14 -6.38 4.01
N LYS A 7 -12.70 -7.66 4.03
CA LYS A 7 -11.35 -7.96 4.43
C LYS A 7 -10.39 -7.35 3.44
N TYR A 8 -10.70 -7.48 2.13
CA TYR A 8 -9.85 -6.94 1.09
C TYR A 8 -9.74 -5.45 1.25
N ARG A 9 -10.90 -4.77 1.41
CA ARG A 9 -10.91 -3.32 1.56
C ARG A 9 -10.20 -2.91 2.81
N ALA A 10 -10.39 -3.69 3.91
CA ALA A 10 -9.77 -3.35 5.17
C ALA A 10 -8.26 -3.36 5.03
N GLY A 11 -7.70 -4.42 4.40
CA GLY A 11 -6.26 -4.50 4.25
C GLY A 11 -5.79 -3.43 3.31
N PHE A 12 -6.56 -3.20 2.24
CA PHE A 12 -6.19 -2.22 1.25
C PHE A 12 -6.19 -0.84 1.88
N SER A 13 -7.21 -0.55 2.72
CA SER A 13 -7.31 0.74 3.37
C SER A 13 -6.11 0.93 4.25
N GLU A 14 -5.67 -0.14 4.92
CA GLU A 14 -4.51 -0.07 5.79
C GLU A 14 -3.30 0.29 4.98
N CYS A 15 -3.21 -0.19 3.72
CA CYS A 15 -2.04 0.08 2.91
C CYS A 15 -2.02 1.56 2.63
N MET A 16 -3.20 2.16 2.37
CA MET A 16 -3.29 3.56 2.06
C MET A 16 -2.75 4.35 3.22
N ASN A 17 -3.13 3.98 4.46
CA ASN A 17 -2.67 4.70 5.62
C ASN A 17 -1.17 4.57 5.74
N GLU A 18 -0.62 3.38 5.45
CA GLU A 18 0.81 3.16 5.55
C GLU A 18 1.54 4.00 4.53
N VAL A 19 1.01 4.09 3.29
CA VAL A 19 1.70 4.85 2.28
C VAL A 19 1.53 6.31 2.61
N THR A 20 0.41 6.67 3.27
CA THR A 20 0.18 8.05 3.66
C THR A 20 1.29 8.48 4.57
N ARG A 21 1.73 7.57 5.47
CA ARG A 21 2.82 7.89 6.37
C ARG A 21 4.06 8.15 5.57
N PHE A 22 4.25 7.38 4.48
CA PHE A 22 5.42 7.57 3.63
C PHE A 22 5.32 8.95 2.99
N LEU A 23 4.12 9.28 2.49
CA LEU A 23 3.87 10.56 1.86
C LEU A 23 4.07 11.68 2.83
N SER A 24 3.65 11.49 4.09
CA SER A 24 3.76 12.52 5.08
C SER A 24 5.20 12.74 5.42
N THR A 25 6.07 11.85 4.91
CA THR A 25 7.47 11.95 5.20
C THR A 25 8.10 12.85 4.18
N CYS A 26 7.63 12.79 2.92
CA CYS A 26 8.24 13.62 1.91
C CYS A 26 7.19 14.10 0.96
N GLU A 27 7.11 15.43 0.81
CA GLU A 27 6.15 16.02 -0.10
C GLU A 27 6.90 17.04 -0.91
N GLY A 28 6.64 17.08 -2.23
CA GLY A 28 7.30 18.05 -3.08
C GLY A 28 7.49 17.40 -4.41
N VAL A 29 8.37 16.38 -4.46
CA VAL A 29 8.64 15.69 -5.72
C VAL A 29 7.67 14.56 -5.80
N ASN A 30 6.92 14.38 -4.72
CA ASN A 30 5.97 13.33 -4.67
C ASN A 30 4.64 13.97 -4.81
N THR A 31 4.60 15.20 -5.36
CA THR A 31 3.33 15.86 -5.58
C THR A 31 2.67 15.12 -6.70
N GLU A 32 3.46 14.81 -7.74
CA GLU A 32 2.95 14.08 -8.89
C GLU A 32 2.74 12.67 -8.45
N VAL A 33 3.68 12.16 -7.60
CA VAL A 33 3.60 10.80 -7.12
C VAL A 33 2.36 10.69 -6.27
N ARG A 34 2.06 11.73 -5.45
CA ARG A 34 0.90 11.73 -4.58
C ARG A 34 -0.35 11.57 -5.38
N THR A 35 -0.43 12.26 -6.54
CA THR A 35 -1.62 12.18 -7.36
C THR A 35 -1.84 10.75 -7.78
N ARG A 36 -0.76 10.07 -8.25
CA ARG A 36 -0.88 8.71 -8.68
C ARG A 36 -1.10 7.80 -7.49
N LEU A 37 -0.40 8.09 -6.37
CA LEU A 37 -0.47 7.28 -5.18
C LEU A 37 -1.87 7.23 -4.64
N LEU A 38 -2.49 8.40 -4.45
CA LEU A 38 -3.81 8.41 -3.88
C LEU A 38 -4.82 8.14 -4.95
N GLY A 39 -4.53 8.56 -6.20
CA GLY A 39 -5.47 8.35 -7.28
C GLY A 39 -5.65 6.88 -7.53
N HIS A 40 -4.54 6.10 -7.52
CA HIS A 40 -4.64 4.69 -7.77
C HIS A 40 -5.29 3.98 -6.62
N LEU A 41 -4.90 4.31 -5.36
CA LEU A 41 -5.49 3.63 -4.23
C LEU A 41 -6.97 3.98 -4.19
N ALA A 42 -7.29 5.26 -4.48
CA ALA A 42 -8.67 5.70 -4.50
C ALA A 42 -9.38 4.99 -5.61
N ASN A 43 -8.70 4.77 -6.75
CA ASN A 43 -9.32 4.11 -7.89
C ASN A 43 -9.74 2.73 -7.47
N CYS A 44 -8.90 2.01 -6.68
CA CYS A 44 -9.26 0.67 -6.29
C CYS A 44 -10.48 0.70 -5.41
N MET A 45 -10.56 1.69 -4.48
CA MET A 45 -11.70 1.77 -3.59
C MET A 45 -12.90 2.21 -4.38
N THR A 46 -12.68 3.14 -5.32
CA THR A 46 -13.76 3.64 -6.14
C THR A 46 -14.31 2.52 -6.97
N GLN A 47 -13.43 1.66 -7.54
CA GLN A 47 -13.87 0.57 -8.37
C GLN A 47 -14.72 -0.38 -7.56
N ILE A 48 -14.32 -0.68 -6.31
CA ILE A 48 -15.09 -1.58 -5.50
C ILE A 48 -16.29 -0.81 -4.90
N ASP B 1 -12.20 -20.82 -0.73
CA ASP B 1 -11.56 -20.50 0.58
C ASP B 1 -10.19 -19.89 0.40
N PRO B 2 -9.26 -20.60 -0.23
CA PRO B 2 -7.92 -20.08 -0.43
C PRO B 2 -7.86 -18.94 -1.40
N SER B 3 -8.89 -18.83 -2.26
CA SER B 3 -8.94 -17.77 -3.24
C SER B 3 -9.11 -16.45 -2.53
N VAL B 4 -9.75 -16.47 -1.34
CA VAL B 4 -9.98 -15.25 -0.60
C VAL B 4 -8.63 -14.73 -0.16
N LEU B 5 -7.77 -15.63 0.37
CA LEU B 5 -6.47 -15.23 0.82
C LEU B 5 -5.65 -14.79 -0.36
N GLY B 6 -5.79 -15.52 -1.49
CA GLY B 6 -5.03 -15.18 -2.68
C GLY B 6 -5.39 -13.81 -3.15
N LYS B 7 -6.70 -13.47 -3.12
CA LYS B 7 -7.15 -12.16 -3.57
C LYS B 7 -6.58 -11.11 -2.65
N TYR B 8 -6.62 -11.38 -1.33
CA TYR B 8 -6.11 -10.43 -0.35
C TYR B 8 -4.64 -10.20 -0.59
N ARG B 9 -3.88 -11.31 -0.74
CA ARG B 9 -2.45 -11.20 -0.94
C ARG B 9 -2.15 -10.53 -2.24
N ALA B 10 -2.95 -10.83 -3.29
CA ALA B 10 -2.72 -10.24 -4.59
C ALA B 10 -2.85 -8.73 -4.51
N GLY B 11 -3.93 -8.24 -3.87
CA GLY B 11 -4.13 -6.80 -3.76
C GLY B 11 -3.07 -6.20 -2.90
N PHE B 12 -2.71 -6.91 -1.81
CA PHE B 12 -1.73 -6.40 -0.89
C PHE B 12 -0.39 -6.32 -1.58
N SER B 13 -0.05 -7.35 -2.38
CA SER B 13 1.21 -7.37 -3.10
C SER B 13 1.27 -6.19 -4.02
N GLU B 14 0.12 -5.87 -4.67
CA GLU B 14 0.08 -4.77 -5.58
C GLU B 14 0.36 -3.49 -4.85
N CYS B 15 -0.08 -3.38 -3.56
CA CYS B 15 0.13 -2.17 -2.83
C CYS B 15 1.61 -1.99 -2.61
N MET B 16 2.31 -3.11 -2.33
CA MET B 16 3.74 -3.07 -2.09
C MET B 16 4.43 -2.51 -3.31
N ASN B 17 4.04 -2.99 -4.50
CA ASN B 17 4.66 -2.53 -5.72
C ASN B 17 4.41 -1.04 -5.89
N GLU B 18 3.17 -0.59 -5.56
CA GLU B 18 2.84 0.81 -5.73
C GLU B 18 3.65 1.66 -4.77
N VAL B 19 3.83 1.19 -3.52
CA VAL B 19 4.59 1.99 -2.58
C VAL B 19 6.04 1.94 -2.96
N THR B 20 6.47 0.83 -3.60
CA THR B 20 7.84 0.69 -4.03
C THR B 20 8.13 1.79 -5.01
N ARG B 21 7.15 2.12 -5.89
CA ARG B 21 7.34 3.18 -6.85
C ARG B 21 7.53 4.46 -6.10
N PHE B 22 6.79 4.65 -4.99
CA PHE B 22 6.91 5.86 -4.21
C PHE B 22 8.32 5.90 -3.64
N LEU B 23 8.77 4.76 -3.08
CA LEU B 23 10.10 4.65 -2.51
C LEU B 23 11.15 4.90 -3.54
N SER B 24 10.94 4.41 -4.77
CA SER B 24 11.93 4.55 -5.82
C SER B 24 12.00 5.99 -6.22
N THR B 25 11.06 6.81 -5.70
CA THR B 25 11.03 8.19 -6.07
C THR B 25 11.91 8.95 -5.13
N CYS B 26 11.95 8.54 -3.83
CA CYS B 26 12.76 9.27 -2.89
C CYS B 26 13.38 8.30 -1.92
N GLU B 27 14.72 8.33 -1.82
CA GLU B 27 15.42 7.47 -0.91
C GLU B 27 16.40 8.33 -0.18
N GLY B 28 16.53 8.14 1.15
CA GLY B 28 17.46 8.93 1.92
C GLY B 28 16.86 9.12 3.27
N VAL B 29 15.77 9.92 3.34
CA VAL B 29 15.12 10.18 4.61
C VAL B 29 14.08 9.13 4.79
N ASN B 30 13.90 8.32 3.75
CA ASN B 30 12.96 7.28 3.78
C ASN B 30 13.71 6.00 3.96
N THR B 31 14.96 6.10 4.45
CA THR B 31 15.74 4.90 4.70
C THR B 31 15.10 4.24 5.88
N GLU B 32 14.76 5.05 6.90
CA GLU B 32 14.13 4.54 8.08
C GLU B 32 12.72 4.19 7.72
N VAL B 33 12.11 5.04 6.87
CA VAL B 33 10.75 4.82 6.44
C VAL B 33 10.70 3.53 5.65
N ARG B 34 11.73 3.30 4.81
CA ARG B 34 11.79 2.09 3.98
C ARG B 34 11.77 0.88 4.85
N THR B 35 12.52 0.91 5.98
CA THR B 35 12.57 -0.25 6.85
C THR B 35 11.19 -0.57 7.35
N ARG B 36 10.45 0.47 7.80
CA ARG B 36 9.10 0.27 8.30
C ARG B 36 8.18 -0.09 7.15
N LEU B 37 8.36 0.57 5.99
CA LEU B 37 7.50 0.39 4.85
C LEU B 37 7.55 -1.04 4.38
N LEU B 38 8.76 -1.58 4.16
CA LEU B 38 8.86 -2.90 3.65
C LEU B 38 8.73 -3.88 4.77
N GLY B 39 9.17 -3.50 5.98
CA GLY B 39 9.09 -4.40 7.10
C GLY B 39 7.66 -4.69 7.43
N HIS B 40 6.79 -3.66 7.40
CA HIS B 40 5.39 -3.86 7.73
C HIS B 40 4.69 -4.63 6.65
N LEU B 41 4.92 -4.26 5.36
CA LEU B 41 4.26 -4.97 4.28
C LEU B 41 4.74 -6.41 4.29
N ALA B 42 6.05 -6.61 4.54
CA ALA B 42 6.60 -7.95 4.59
C ALA B 42 6.01 -8.66 5.76
N ASN B 43 5.78 -7.94 6.89
CA ASN B 43 5.22 -8.56 8.07
C ASN B 43 3.86 -9.11 7.74
N CYS B 44 3.05 -8.37 6.95
CA CYS B 44 1.72 -8.87 6.62
C CYS B 44 1.82 -10.13 5.81
N MET B 45 2.76 -10.16 4.84
CA MET B 45 2.92 -11.33 4.00
C MET B 45 3.49 -12.44 4.81
N THR B 46 4.43 -12.10 5.69
CA THR B 46 5.06 -13.09 6.54
C THR B 46 4.03 -13.71 7.45
N GLN B 47 3.13 -12.87 8.01
CA GLN B 47 2.10 -13.37 8.92
C GLN B 47 1.20 -14.33 8.19
N ILE B 48 0.82 -14.02 6.93
CA ILE B 48 -0.06 -14.91 6.20
C ILE B 48 0.80 -16.04 5.62
N ASP A 1 -20.76 -12.57 0.26
CA ASP A 1 -19.60 -12.76 1.17
C ASP A 1 -18.94 -11.43 1.47
N PRO A 2 -19.59 -10.66 2.32
CA PRO A 2 -19.08 -9.35 2.70
C PRO A 2 -17.84 -9.41 3.56
N SER A 3 -17.62 -10.56 4.21
CA SER A 3 -16.46 -10.71 5.06
C SER A 3 -15.21 -10.67 4.20
N VAL A 4 -15.29 -11.24 2.98
CA VAL A 4 -14.17 -11.26 2.09
C VAL A 4 -13.83 -9.85 1.71
N LEU A 5 -14.88 -9.06 1.38
CA LEU A 5 -14.68 -7.68 1.00
C LEU A 5 -14.12 -6.91 2.16
N GLY A 6 -14.62 -7.22 3.38
CA GLY A 6 -14.16 -6.53 4.57
C GLY A 6 -12.70 -6.77 4.78
N LYS A 7 -12.23 -8.02 4.58
CA LYS A 7 -10.82 -8.33 4.77
C LYS A 7 -10.01 -7.58 3.75
N TYR A 8 -10.49 -7.55 2.50
CA TYR A 8 -9.77 -6.86 1.44
C TYR A 8 -9.71 -5.39 1.77
N ARG A 9 -10.85 -4.82 2.19
CA ARG A 9 -10.92 -3.41 2.53
C ARG A 9 -10.02 -3.13 3.70
N ALA A 10 -9.97 -4.03 4.70
CA ALA A 10 -9.14 -3.82 5.86
C ALA A 10 -7.69 -3.74 5.44
N GLY A 11 -7.25 -4.65 4.55
CA GLY A 11 -5.88 -4.63 4.10
C GLY A 11 -5.63 -3.36 3.34
N PHE A 12 -6.60 -2.97 2.50
CA PHE A 12 -6.48 -1.77 1.70
C PHE A 12 -6.34 -0.56 2.60
N SER A 13 -7.22 -0.44 3.61
CA SER A 13 -7.21 0.70 4.50
C SER A 13 -5.88 0.75 5.21
N GLU A 14 -5.36 -0.42 5.60
CA GLU A 14 -4.10 -0.48 6.30
C GLU A 14 -3.01 0.05 5.39
N CYS A 15 -3.06 -0.28 4.08
CA CYS A 15 -2.03 0.15 3.18
C CYS A 15 -2.12 1.64 3.00
N MET A 16 -3.35 2.17 2.91
CA MET A 16 -3.53 3.59 2.71
C MET A 16 -2.92 4.36 3.85
N ASN A 17 -3.17 3.93 5.10
CA ASN A 17 -2.64 4.64 6.25
C ASN A 17 -1.12 4.62 6.24
N GLU A 18 -0.50 3.45 5.95
CA GLU A 18 0.94 3.36 5.96
C GLU A 18 1.53 4.12 4.81
N VAL A 19 0.88 4.04 3.64
CA VAL A 19 1.35 4.72 2.46
C VAL A 19 1.27 6.20 2.68
N THR A 20 0.18 6.67 3.34
CA THR A 20 0.01 8.08 3.61
C THR A 20 1.16 8.55 4.46
N ARG A 21 1.58 7.73 5.44
CA ARG A 21 2.68 8.11 6.31
C ARG A 21 3.93 8.30 5.50
N PHE A 22 4.15 7.45 4.48
CA PHE A 22 5.35 7.57 3.68
C PHE A 22 5.30 8.88 2.95
N LEU A 23 4.13 9.20 2.36
CA LEU A 23 3.95 10.42 1.62
C LEU A 23 4.08 11.61 2.53
N SER A 24 3.57 11.51 3.77
CA SER A 24 3.62 12.61 4.69
C SER A 24 5.05 12.89 5.05
N THR A 25 5.95 11.98 4.65
CA THR A 25 7.34 12.15 4.98
C THR A 25 7.99 12.97 3.91
N CYS A 26 7.53 12.82 2.64
CA CYS A 26 8.16 13.56 1.57
C CYS A 26 7.10 14.09 0.66
N GLU A 27 7.07 15.43 0.48
CA GLU A 27 6.11 16.04 -0.40
C GLU A 27 6.85 17.04 -1.22
N GLY A 28 6.59 17.06 -2.54
CA GLY A 28 7.26 18.01 -3.40
C GLY A 28 7.48 17.34 -4.72
N VAL A 29 8.38 16.34 -4.74
CA VAL A 29 8.67 15.64 -5.97
C VAL A 29 7.74 14.49 -6.07
N ASN A 30 6.95 14.31 -5.01
CA ASN A 30 6.01 13.26 -4.96
C ASN A 30 4.67 13.86 -5.16
N THR A 31 4.62 15.07 -5.74
CA THR A 31 3.34 15.70 -6.01
C THR A 31 2.73 14.91 -7.13
N GLU A 32 3.55 14.62 -8.16
CA GLU A 32 3.09 13.86 -9.30
C GLU A 32 2.93 12.44 -8.85
N VAL A 33 3.88 12.00 -7.99
CA VAL A 33 3.84 10.64 -7.49
C VAL A 33 2.60 10.48 -6.66
N ARG A 34 2.24 11.51 -5.87
CA ARG A 34 1.06 11.46 -5.02
C ARG A 34 -0.16 11.21 -5.85
N THR A 35 -0.25 11.86 -7.03
CA THR A 35 -1.41 11.68 -7.87
C THR A 35 -1.54 10.23 -8.23
N ARG A 36 -0.44 9.60 -8.64
CA ARG A 36 -0.48 8.20 -9.01
C ARG A 36 -0.66 7.32 -7.79
N LEU A 37 0.02 7.69 -6.68
CA LEU A 37 0.00 6.91 -5.45
C LEU A 37 -1.39 6.83 -4.91
N LEU A 38 -2.06 7.98 -4.77
CA LEU A 38 -3.37 7.99 -4.20
C LEU A 38 -4.38 7.66 -5.26
N GLY A 39 -4.08 7.99 -6.52
CA GLY A 39 -4.99 7.71 -7.60
C GLY A 39 -5.16 6.22 -7.75
N HIS A 40 -4.05 5.45 -7.64
CA HIS A 40 -4.14 4.02 -7.81
C HIS A 40 -4.85 3.42 -6.62
N LEU A 41 -4.52 3.87 -5.38
CA LEU A 41 -5.20 3.32 -4.22
C LEU A 41 -6.66 3.70 -4.31
N ALA A 42 -6.96 4.92 -4.79
CA ALA A 42 -8.33 5.35 -4.93
C ALA A 42 -9.02 4.46 -5.92
N ASN A 43 -8.32 4.05 -7.00
CA ASN A 43 -8.92 3.18 -7.98
C ASN A 43 -9.27 1.87 -7.31
N CYS A 44 -8.39 1.38 -6.41
CA CYS A 44 -8.65 0.13 -5.72
C CYS A 44 -9.84 0.31 -4.81
N MET A 45 -9.94 1.48 -4.15
CA MET A 45 -11.03 1.74 -3.23
C MET A 45 -12.29 1.83 -4.04
N THR A 46 -12.19 2.50 -5.20
CA THR A 46 -13.32 2.66 -6.09
C THR A 46 -13.78 1.30 -6.55
N GLN A 47 -12.83 0.39 -6.84
CA GLN A 47 -13.18 -0.94 -7.30
C GLN A 47 -13.98 -1.64 -6.24
N ILE A 48 -13.61 -1.46 -4.96
CA ILE A 48 -14.34 -2.10 -3.88
C ILE A 48 -15.79 -1.58 -3.89
N ASP B 1 -10.75 -21.73 1.20
CA ASP B 1 -11.07 -20.63 0.25
C ASP B 1 -9.82 -19.88 -0.14
N PRO B 2 -9.03 -20.49 -0.99
CA PRO B 2 -7.79 -19.90 -1.45
C PRO B 2 -7.99 -18.72 -2.35
N SER B 3 -9.19 -18.61 -2.97
CA SER B 3 -9.46 -17.51 -3.86
C SER B 3 -9.50 -16.23 -3.06
N VAL B 4 -10.01 -16.30 -1.82
CA VAL B 4 -10.08 -15.13 -0.96
C VAL B 4 -8.69 -14.67 -0.67
N LEU B 5 -7.80 -15.62 -0.34
CA LEU B 5 -6.43 -15.30 -0.02
C LEU B 5 -5.76 -14.74 -1.24
N GLY B 6 -6.08 -15.31 -2.42
CA GLY B 6 -5.47 -14.86 -3.65
C GLY B 6 -5.85 -13.43 -3.91
N LYS B 7 -7.13 -13.05 -3.68
CA LYS B 7 -7.56 -11.69 -3.92
C LYS B 7 -6.85 -10.76 -2.97
N TYR B 8 -6.72 -11.19 -1.69
CA TYR B 8 -6.06 -10.37 -0.71
C TYR B 8 -4.62 -10.19 -1.11
N ARG B 9 -3.96 -11.31 -1.51
CA ARG B 9 -2.57 -11.27 -1.91
C ARG B 9 -2.41 -10.40 -3.12
N ALA B 10 -3.37 -10.48 -4.08
CA ALA B 10 -3.27 -9.69 -5.29
C ALA B 10 -3.29 -8.22 -4.93
N GLY B 11 -4.20 -7.82 -4.02
CA GLY B 11 -4.29 -6.43 -3.63
C GLY B 11 -3.02 -6.04 -2.94
N PHE B 12 -2.49 -6.94 -2.07
CA PHE B 12 -1.29 -6.68 -1.35
C PHE B 12 -0.13 -6.48 -2.30
N SER B 13 0.02 -7.40 -3.28
CA SER B 13 1.12 -7.32 -4.22
C SER B 13 1.03 -6.03 -4.98
N GLU B 14 -0.20 -5.62 -5.34
CA GLU B 14 -0.39 -4.41 -6.09
C GLU B 14 0.07 -3.24 -5.25
N CYS B 15 -0.20 -3.26 -3.93
CA CYS B 15 0.18 -2.15 -3.09
C CYS B 15 1.68 -2.11 -2.98
N MET B 16 2.32 -3.29 -2.87
CA MET B 16 3.76 -3.33 -2.71
C MET B 16 4.42 -2.71 -3.92
N ASN B 17 3.95 -3.06 -5.15
CA ASN B 17 4.58 -2.52 -6.34
C ASN B 17 4.42 -1.01 -6.40
N GLU B 18 3.22 -0.48 -6.07
CA GLU B 18 3.00 0.95 -6.15
C GLU B 18 3.77 1.64 -5.06
N VAL B 19 3.79 1.04 -3.86
CA VAL B 19 4.47 1.63 -2.74
C VAL B 19 5.95 1.66 -3.02
N THR B 20 6.48 0.59 -3.66
CA THR B 20 7.88 0.52 -3.98
C THR B 20 8.22 1.66 -4.91
N ARG B 21 7.33 1.97 -5.86
CA ARG B 21 7.57 3.06 -6.80
C ARG B 21 7.69 4.35 -6.05
N PHE B 22 6.86 4.55 -5.00
CA PHE B 22 6.92 5.80 -4.26
C PHE B 22 8.27 5.88 -3.58
N LEU B 23 8.69 4.77 -2.95
CA LEU B 23 9.96 4.72 -2.27
C LEU B 23 11.09 4.92 -3.23
N SER B 24 10.98 4.35 -4.45
CA SER B 24 12.05 4.44 -5.42
C SER B 24 12.18 5.87 -5.85
N THR B 25 11.22 6.72 -5.45
CA THR B 25 11.24 8.09 -5.85
C THR B 25 12.06 8.85 -4.84
N CYS B 26 12.00 8.45 -3.56
CA CYS B 26 12.73 9.19 -2.55
C CYS B 26 13.39 8.22 -1.61
N GLU B 27 14.73 8.31 -1.49
CA GLU B 27 15.46 7.44 -0.61
C GLU B 27 16.43 8.31 0.14
N GLY B 28 16.53 8.11 1.47
CA GLY B 28 17.45 8.90 2.25
C GLY B 28 16.82 9.13 3.58
N VAL B 29 15.75 9.94 3.62
CA VAL B 29 15.07 10.22 4.87
C VAL B 29 14.02 9.20 5.05
N ASN B 30 13.86 8.36 4.04
CA ASN B 30 12.89 7.32 4.08
C ASN B 30 13.62 6.05 4.31
N THR B 31 14.86 6.13 4.83
CA THR B 31 15.59 4.92 5.12
C THR B 31 14.91 4.30 6.31
N GLU B 32 14.60 5.14 7.31
CA GLU B 32 13.92 4.68 8.50
C GLU B 32 12.51 4.37 8.13
N VAL B 33 11.94 5.24 7.26
CA VAL B 33 10.58 5.06 6.83
C VAL B 33 10.48 3.78 6.05
N ARG B 34 11.52 3.47 5.23
CA ARG B 34 11.53 2.25 4.42
C ARG B 34 11.42 1.06 5.33
N THR B 35 12.13 1.07 6.47
CA THR B 35 12.09 -0.06 7.37
C THR B 35 10.67 -0.29 7.80
N ARG B 36 9.95 0.77 8.19
CA ARG B 36 8.57 0.63 8.63
C ARG B 36 7.68 0.32 7.45
N LEU B 37 7.93 0.98 6.30
CA LEU B 37 7.11 0.83 5.12
C LEU B 37 7.12 -0.58 4.63
N LEU B 38 8.33 -1.16 4.47
CA LEU B 38 8.42 -2.49 3.96
C LEU B 38 8.22 -3.47 5.08
N GLY B 39 8.58 -3.08 6.30
CA GLY B 39 8.43 -3.97 7.44
C GLY B 39 6.96 -4.25 7.66
N HIS B 40 6.10 -3.22 7.54
CA HIS B 40 4.69 -3.43 7.78
C HIS B 40 4.10 -4.23 6.65
N LEU B 41 4.47 -3.92 5.38
CA LEU B 41 3.92 -4.70 4.28
C LEU B 41 4.43 -6.11 4.42
N ALA B 42 5.70 -6.29 4.85
CA ALA B 42 6.25 -7.61 5.02
C ALA B 42 5.46 -8.33 6.08
N ASN B 43 5.04 -7.62 7.14
CA ASN B 43 4.26 -8.25 8.19
C ASN B 43 2.97 -8.73 7.60
N CYS B 44 2.36 -7.93 6.69
CA CYS B 44 1.11 -8.33 6.07
C CYS B 44 1.35 -9.55 5.20
N MET B 45 2.50 -9.57 4.49
CA MET B 45 2.82 -10.69 3.61
C MET B 45 3.05 -11.89 4.47
N THR B 46 3.75 -11.68 5.59
CA THR B 46 4.04 -12.75 6.51
C THR B 46 2.76 -13.30 7.06
N GLN B 47 1.78 -12.42 7.35
CA GLN B 47 0.50 -12.85 7.90
C GLN B 47 -0.17 -13.76 6.90
N ILE B 48 -0.07 -13.43 5.59
CA ILE B 48 -0.70 -14.27 4.57
C ILE B 48 -0.05 -15.66 4.62
N ASP A 1 -19.05 -13.18 -1.01
CA ASP A 1 -19.53 -12.65 0.29
C ASP A 1 -18.93 -11.29 0.57
N PRO A 2 -19.69 -10.45 1.24
CA PRO A 2 -19.24 -9.10 1.56
C PRO A 2 -18.12 -9.07 2.56
N SER A 3 -17.98 -10.16 3.35
CA SER A 3 -16.94 -10.22 4.34
C SER A 3 -15.61 -10.23 3.63
N VAL A 4 -15.53 -10.96 2.50
CA VAL A 4 -14.30 -11.05 1.74
C VAL A 4 -13.96 -9.68 1.23
N LEU A 5 -14.97 -8.97 0.68
CA LEU A 5 -14.74 -7.65 0.14
C LEU A 5 -14.31 -6.72 1.24
N GLY A 6 -14.95 -6.86 2.43
CA GLY A 6 -14.63 -6.01 3.56
C GLY A 6 -13.21 -6.23 3.97
N LYS A 7 -12.76 -7.51 3.99
CA LYS A 7 -11.40 -7.81 4.38
C LYS A 7 -10.44 -7.18 3.40
N TYR A 8 -10.76 -7.31 2.09
CA TYR A 8 -9.90 -6.76 1.05
C TYR A 8 -9.84 -5.26 1.23
N ARG A 9 -11.01 -4.62 1.43
CA ARG A 9 -11.08 -3.19 1.60
C ARG A 9 -10.32 -2.79 2.84
N ALA A 10 -10.44 -3.58 3.93
CA ALA A 10 -9.77 -3.27 5.17
C ALA A 10 -8.28 -3.26 4.95
N GLY A 11 -7.77 -4.23 4.15
CA GLY A 11 -6.35 -4.30 3.89
C GLY A 11 -5.89 -3.05 3.19
N PHE A 12 -6.69 -2.55 2.22
CA PHE A 12 -6.31 -1.37 1.50
C PHE A 12 -6.43 -0.16 2.38
N SER A 13 -7.43 -0.13 3.27
CA SER A 13 -7.59 1.00 4.16
C SER A 13 -6.33 1.08 4.99
N GLU A 14 -5.84 -0.10 5.43
CA GLU A 14 -4.64 -0.16 6.22
C GLU A 14 -3.47 0.30 5.38
N CYS A 15 -3.42 -0.09 4.08
CA CYS A 15 -2.31 0.31 3.23
C CYS A 15 -2.31 1.80 3.09
N MET A 16 -3.51 2.40 2.93
CA MET A 16 -3.60 3.83 2.76
C MET A 16 -3.04 4.55 3.95
N ASN A 17 -3.30 4.05 5.18
CA ASN A 17 -2.80 4.72 6.36
C ASN A 17 -1.28 4.71 6.37
N GLU A 18 -0.66 3.55 6.06
CA GLU A 18 0.80 3.47 6.08
C GLU A 18 1.35 4.29 4.94
N VAL A 19 0.68 4.23 3.79
CA VAL A 19 1.12 4.97 2.63
C VAL A 19 1.04 6.44 2.91
N THR A 20 -0.02 6.86 3.64
CA THR A 20 -0.20 8.27 3.97
C THR A 20 0.98 8.75 4.77
N ARG A 21 1.48 7.92 5.72
CA ARG A 21 2.62 8.32 6.52
C ARG A 21 3.80 8.58 5.62
N PHE A 22 3.98 7.75 4.59
CA PHE A 22 5.10 7.93 3.68
C PHE A 22 4.96 9.26 2.96
N LEU A 23 3.76 9.55 2.41
CA LEU A 23 3.56 10.80 1.69
C LEU A 23 3.65 11.96 2.66
N SER A 24 3.37 11.72 3.95
CA SER A 24 3.42 12.79 4.92
C SER A 24 4.86 13.01 5.30
N THR A 25 5.76 12.10 4.86
CA THR A 25 7.13 12.23 5.21
C THR A 25 7.81 13.11 4.20
N CYS A 26 7.38 13.04 2.92
CA CYS A 26 8.04 13.84 1.93
C CYS A 26 7.02 14.35 0.94
N GLU A 27 7.04 15.69 0.73
CA GLU A 27 6.13 16.30 -0.22
C GLU A 27 6.96 17.25 -1.03
N GLY A 28 6.72 17.30 -2.35
CA GLY A 28 7.48 18.21 -3.18
C GLY A 28 7.61 17.60 -4.53
N VAL A 29 8.33 16.46 -4.63
CA VAL A 29 8.51 15.81 -5.91
C VAL A 29 7.66 14.60 -5.91
N ASN A 30 6.82 14.49 -4.89
CA ASN A 30 5.95 13.37 -4.78
C ASN A 30 4.57 13.89 -5.04
N THR A 31 4.48 15.06 -5.70
CA THR A 31 3.18 15.59 -6.03
C THR A 31 2.63 14.71 -7.10
N GLU A 32 3.49 14.37 -8.08
CA GLU A 32 3.10 13.51 -9.16
C GLU A 32 2.98 12.12 -8.60
N VAL A 33 3.91 11.76 -7.70
CA VAL A 33 3.91 10.45 -7.10
C VAL A 33 2.65 10.29 -6.29
N ARG A 34 2.26 11.35 -5.55
CA ARG A 34 1.06 11.30 -4.72
C ARG A 34 -0.14 11.06 -5.56
N THR A 35 -0.20 11.68 -6.76
CA THR A 35 -1.36 11.51 -7.62
C THR A 35 -1.53 10.05 -7.96
N ARG A 36 -0.45 9.38 -8.39
CA ARG A 36 -0.54 7.98 -8.76
C ARG A 36 -0.69 7.13 -7.51
N LEU A 37 0.04 7.50 -6.44
CA LEU A 37 0.06 6.75 -5.21
C LEU A 37 -1.31 6.72 -4.58
N LEU A 38 -1.93 7.90 -4.44
CA LEU A 38 -3.22 7.96 -3.81
C LEU A 38 -4.29 7.60 -4.80
N GLY A 39 -4.08 7.94 -6.08
CA GLY A 39 -5.07 7.65 -7.09
C GLY A 39 -5.24 6.15 -7.20
N HIS A 40 -4.13 5.40 -7.19
CA HIS A 40 -4.21 3.96 -7.32
C HIS A 40 -4.90 3.36 -6.12
N LEU A 41 -4.48 3.78 -4.90
CA LEU A 41 -5.09 3.20 -3.71
C LEU A 41 -6.54 3.61 -3.68
N ALA A 42 -6.83 4.87 -4.08
CA ALA A 42 -8.20 5.34 -4.09
C ALA A 42 -8.98 4.54 -5.09
N ASN A 43 -8.35 4.20 -6.24
CA ASN A 43 -9.04 3.43 -7.25
C ASN A 43 -9.40 2.09 -6.68
N CYS A 44 -8.47 1.47 -5.93
CA CYS A 44 -8.75 0.17 -5.35
C CYS A 44 -9.78 0.31 -4.27
N MET A 45 -9.67 1.40 -3.46
CA MET A 45 -10.58 1.61 -2.36
C MET A 45 -11.97 1.85 -2.88
N THR A 46 -12.11 2.66 -3.94
CA THR A 46 -13.42 2.97 -4.48
C THR A 46 -13.87 1.87 -5.41
N GLN A 47 -13.02 0.85 -5.66
CA GLN A 47 -13.39 -0.23 -6.55
C GLN A 47 -14.55 -0.96 -5.94
N ILE A 48 -14.51 -1.17 -4.61
CA ILE A 48 -15.59 -1.86 -3.95
C ILE A 48 -16.67 -0.84 -3.61
N ASP B 1 -11.44 -20.01 2.43
CA ASP B 1 -10.94 -20.51 1.12
C ASP B 1 -9.64 -19.82 0.75
N PRO B 2 -8.77 -20.53 0.08
CA PRO B 2 -7.48 -19.99 -0.33
C PRO B 2 -7.59 -18.91 -1.37
N SER B 3 -8.71 -18.90 -2.11
CA SER B 3 -8.91 -17.91 -3.14
C SER B 3 -9.01 -16.55 -2.49
N VAL B 4 -9.69 -16.50 -1.33
CA VAL B 4 -9.85 -15.24 -0.62
C VAL B 4 -8.50 -14.76 -0.18
N LEU B 5 -7.67 -15.67 0.37
CA LEU B 5 -6.36 -15.30 0.84
C LEU B 5 -5.52 -14.86 -0.33
N GLY B 6 -5.65 -15.57 -1.47
CA GLY B 6 -4.89 -15.23 -2.65
C GLY B 6 -5.24 -13.85 -3.12
N LYS B 7 -6.55 -13.51 -3.09
CA LYS B 7 -6.98 -12.20 -3.54
C LYS B 7 -6.40 -11.14 -2.61
N TYR B 8 -6.44 -11.41 -1.29
CA TYR B 8 -5.92 -10.47 -0.32
C TYR B 8 -4.44 -10.29 -0.57
N ARG B 9 -3.73 -11.42 -0.75
CA ARG B 9 -2.29 -11.37 -0.98
C ARG B 9 -2.01 -10.63 -2.27
N ALA B 10 -2.84 -10.87 -3.31
CA ALA B 10 -2.64 -10.23 -4.59
C ALA B 10 -2.75 -8.74 -4.44
N GLY B 11 -3.72 -8.28 -3.62
CA GLY B 11 -3.91 -6.86 -3.42
C GLY B 11 -2.68 -6.27 -2.80
N PHE B 12 -2.08 -6.98 -1.82
CA PHE B 12 -0.89 -6.46 -1.17
C PHE B 12 0.29 -6.52 -2.09
N SER B 13 0.36 -7.56 -2.94
CA SER B 13 1.47 -7.66 -3.87
C SER B 13 1.40 -6.44 -4.76
N GLU B 14 0.17 -6.07 -5.17
CA GLU B 14 -0.03 -4.92 -6.00
C GLU B 14 0.37 -3.67 -5.24
N CYS B 15 0.03 -3.60 -3.92
CA CYS B 15 0.36 -2.43 -3.14
C CYS B 15 1.85 -2.29 -3.07
N MET B 16 2.57 -3.42 -2.90
CA MET B 16 4.01 -3.39 -2.78
C MET B 16 4.62 -2.82 -4.02
N ASN B 17 4.09 -3.18 -5.21
CA ASN B 17 4.67 -2.68 -6.44
C ASN B 17 4.52 -1.18 -6.52
N GLU B 18 3.33 -0.63 -6.19
CA GLU B 18 3.13 0.80 -6.26
C GLU B 18 3.94 1.48 -5.19
N VAL B 19 3.99 0.86 -4.01
CA VAL B 19 4.74 1.41 -2.90
C VAL B 19 6.20 1.44 -3.25
N THR B 20 6.67 0.39 -3.95
CA THR B 20 8.08 0.31 -4.34
C THR B 20 8.42 1.49 -5.20
N ARG B 21 7.51 1.88 -6.14
CA ARG B 21 7.79 3.01 -7.01
C ARG B 21 7.97 4.25 -6.18
N PHE B 22 7.17 4.41 -5.10
CA PHE B 22 7.29 5.57 -4.27
C PHE B 22 8.66 5.57 -3.60
N LEU B 23 9.08 4.44 -3.02
CA LEU B 23 10.37 4.37 -2.35
C LEU B 23 11.47 4.52 -3.37
N SER B 24 11.21 4.16 -4.63
CA SER B 24 12.23 4.26 -5.65
C SER B 24 12.31 5.68 -6.10
N THR B 25 11.35 6.52 -5.66
CA THR B 25 11.33 7.89 -6.07
C THR B 25 12.19 8.67 -5.13
N CYS B 26 12.22 8.31 -3.83
CA CYS B 26 13.01 9.08 -2.91
C CYS B 26 13.63 8.16 -1.91
N GLU B 27 14.98 8.28 -1.75
CA GLU B 27 15.70 7.48 -0.81
C GLU B 27 16.61 8.43 -0.08
N GLY B 28 16.75 8.25 1.25
CA GLY B 28 17.62 9.12 2.00
C GLY B 28 17.06 9.26 3.39
N VAL B 29 15.87 9.89 3.50
CA VAL B 29 15.26 10.07 4.80
C VAL B 29 14.13 9.13 4.90
N ASN B 30 14.04 8.23 3.92
CA ASN B 30 13.01 7.27 3.90
C ASN B 30 13.64 5.95 4.19
N THR B 31 14.85 5.99 4.80
CA THR B 31 15.50 4.76 5.15
C THR B 31 14.72 4.17 6.29
N GLU B 32 14.34 5.05 7.25
CA GLU B 32 13.56 4.63 8.38
C GLU B 32 12.17 4.38 7.90
N VAL B 33 11.69 5.24 6.97
CA VAL B 33 10.35 5.10 6.43
C VAL B 33 10.28 3.79 5.69
N ARG B 34 11.33 3.46 4.91
CA ARG B 34 11.35 2.22 4.13
C ARG B 34 11.25 1.04 5.05
N THR B 35 11.92 1.10 6.22
CA THR B 35 11.89 -0.03 7.12
C THR B 35 10.47 -0.31 7.54
N ARG B 36 9.74 0.74 7.96
CA ARG B 36 8.36 0.54 8.38
C ARG B 36 7.46 0.26 7.19
N LEU B 37 7.73 0.97 6.08
CA LEU B 37 6.93 0.87 4.88
C LEU B 37 6.99 -0.52 4.31
N LEU B 38 8.22 -1.06 4.14
CA LEU B 38 8.35 -2.36 3.57
C LEU B 38 8.13 -3.40 4.62
N GLY B 39 8.51 -3.11 5.87
CA GLY B 39 8.34 -4.08 6.93
C GLY B 39 6.88 -4.37 7.12
N HIS B 40 6.03 -3.32 7.11
CA HIS B 40 4.61 -3.52 7.30
C HIS B 40 4.03 -4.31 6.16
N LEU B 41 4.34 -3.91 4.90
CA LEU B 41 3.78 -4.62 3.77
C LEU B 41 4.32 -6.03 3.78
N ALA B 42 5.61 -6.20 4.13
CA ALA B 42 6.19 -7.52 4.18
C ALA B 42 5.50 -8.31 5.25
N ASN B 43 5.16 -7.67 6.38
CA ASN B 43 4.51 -8.36 7.46
C ASN B 43 3.17 -8.86 6.96
N CYS B 44 2.43 -8.03 6.20
CA CYS B 44 1.15 -8.44 5.70
C CYS B 44 1.32 -9.51 4.65
N MET B 45 2.36 -9.34 3.80
CA MET B 45 2.61 -10.29 2.73
C MET B 45 2.99 -11.63 3.29
N THR B 46 3.85 -11.65 4.33
CA THR B 46 4.29 -12.91 4.91
C THR B 46 3.29 -13.40 5.90
N GLN B 47 2.20 -12.62 6.16
CA GLN B 47 1.20 -13.04 7.11
C GLN B 47 0.55 -14.29 6.59
N ILE B 48 0.27 -14.33 5.27
CA ILE B 48 -0.35 -15.48 4.69
C ILE B 48 0.75 -16.50 4.35
N ASP A 1 -20.82 -12.53 -1.16
CA ASP A 1 -19.90 -12.48 0.00
C ASP A 1 -19.19 -11.15 0.07
N PRO A 2 -19.90 -10.15 0.55
CA PRO A 2 -19.36 -8.81 0.68
C PRO A 2 -18.31 -8.67 1.75
N SER A 3 -18.27 -9.65 2.68
CA SER A 3 -17.30 -9.61 3.75
C SER A 3 -15.92 -9.70 3.16
N VAL A 4 -15.75 -10.56 2.13
CA VAL A 4 -14.47 -10.74 1.50
C VAL A 4 -14.08 -9.45 0.83
N LEU A 5 -15.03 -8.80 0.14
CA LEU A 5 -14.75 -7.56 -0.55
C LEU A 5 -14.39 -6.51 0.47
N GLY A 6 -15.11 -6.49 1.61
CA GLY A 6 -14.85 -5.52 2.65
C GLY A 6 -13.47 -5.73 3.20
N LYS A 7 -13.06 -7.01 3.37
CA LYS A 7 -11.74 -7.30 3.89
C LYS A 7 -10.70 -6.80 2.92
N TYR A 8 -10.94 -7.01 1.61
CA TYR A 8 -10.00 -6.57 0.60
C TYR A 8 -9.90 -5.07 0.66
N ARG A 9 -11.05 -4.37 0.74
CA ARG A 9 -11.07 -2.92 0.79
C ARG A 9 -10.36 -2.47 2.04
N ALA A 10 -10.57 -3.19 3.17
CA ALA A 10 -9.93 -2.83 4.42
C ALA A 10 -8.44 -2.92 4.24
N GLY A 11 -7.97 -3.93 3.50
CA GLY A 11 -6.55 -4.10 3.27
C GLY A 11 -6.02 -2.89 2.55
N PHE A 12 -6.78 -2.35 1.57
CA PHE A 12 -6.33 -1.20 0.84
C PHE A 12 -6.43 0.02 1.71
N SER A 13 -7.34 0.03 2.69
CA SER A 13 -7.44 1.16 3.58
C SER A 13 -6.12 1.24 4.31
N GLU A 14 -5.59 0.06 4.70
CA GLU A 14 -4.32 -0.01 5.38
C GLU A 14 -3.25 0.45 4.42
N CYS A 15 -3.38 0.09 3.12
CA CYS A 15 -2.39 0.48 2.13
C CYS A 15 -2.31 1.97 2.09
N MET A 16 -3.47 2.65 2.02
CA MET A 16 -3.49 4.10 1.92
C MET A 16 -2.80 4.68 3.14
N ASN A 17 -3.14 4.20 4.34
CA ASN A 17 -2.53 4.74 5.55
C ASN A 17 -1.05 4.48 5.55
N GLU A 18 -0.62 3.27 5.10
CA GLU A 18 0.79 2.93 5.11
C GLU A 18 1.56 3.81 4.15
N VAL A 19 1.02 4.05 2.95
CA VAL A 19 1.75 4.86 2.00
C VAL A 19 1.66 6.31 2.42
N THR A 20 0.59 6.68 3.13
CA THR A 20 0.45 8.04 3.62
C THR A 20 1.61 8.32 4.53
N ARG A 21 2.02 7.32 5.34
CA ARG A 21 3.15 7.51 6.24
C ARG A 21 4.38 7.77 5.41
N PHE A 22 4.52 7.06 4.27
CA PHE A 22 5.68 7.28 3.43
C PHE A 22 5.58 8.65 2.83
N LEU A 23 4.37 9.02 2.36
CA LEU A 23 4.13 10.31 1.76
C LEU A 23 4.41 11.42 2.74
N SER A 24 4.06 11.22 4.01
CA SER A 24 4.24 12.25 5.00
C SER A 24 5.70 12.45 5.23
N THR A 25 6.53 11.54 4.68
CA THR A 25 7.95 11.62 4.87
C THR A 25 8.53 12.46 3.77
N CYS A 26 7.92 12.42 2.55
CA CYS A 26 8.48 13.18 1.45
C CYS A 26 7.41 14.05 0.88
N GLU A 27 7.64 15.38 0.90
CA GLU A 27 6.68 16.31 0.35
C GLU A 27 7.46 17.25 -0.54
N GLY A 28 6.95 17.49 -1.76
CA GLY A 28 7.63 18.40 -2.66
C GLY A 28 7.40 17.92 -4.06
N VAL A 29 7.92 16.71 -4.39
CA VAL A 29 7.77 16.18 -5.73
C VAL A 29 6.74 15.11 -5.69
N ASN A 30 5.94 15.11 -4.61
CA ASN A 30 4.92 14.14 -4.46
C ASN A 30 3.62 14.74 -4.90
N THR A 31 3.66 15.86 -5.61
CA THR A 31 2.42 16.45 -6.08
C THR A 31 1.87 15.52 -7.12
N GLU A 32 2.76 15.04 -8.00
CA GLU A 32 2.34 14.15 -9.06
C GLU A 32 2.27 12.77 -8.49
N VAL A 33 3.19 12.45 -7.56
CA VAL A 33 3.21 11.12 -6.97
C VAL A 33 1.98 10.95 -6.12
N ARG A 34 1.59 11.99 -5.34
CA ARG A 34 0.43 11.87 -4.47
C ARG A 34 -0.81 11.66 -5.31
N THR A 35 -0.91 12.38 -6.44
CA THR A 35 -2.08 12.26 -7.28
C THR A 35 -2.22 10.84 -7.74
N ARG A 36 -1.12 10.23 -8.22
CA ARG A 36 -1.16 8.87 -8.68
C ARG A 36 -1.32 7.93 -7.52
N LEU A 37 -0.66 8.24 -6.38
CA LEU A 37 -0.68 7.39 -5.22
C LEU A 37 -2.08 7.25 -4.70
N LEU A 38 -2.78 8.37 -4.50
CA LEU A 38 -4.10 8.30 -3.94
C LEU A 38 -5.08 7.97 -5.02
N GLY A 39 -4.85 8.46 -6.25
CA GLY A 39 -5.77 8.19 -7.33
C GLY A 39 -5.81 6.72 -7.63
N HIS A 40 -4.63 6.05 -7.65
CA HIS A 40 -4.60 4.64 -7.96
C HIS A 40 -5.16 3.84 -6.83
N LEU A 41 -4.87 4.22 -5.57
CA LEU A 41 -5.40 3.47 -4.45
C LEU A 41 -6.89 3.66 -4.43
N ALA A 42 -7.37 4.89 -4.72
CA ALA A 42 -8.79 5.15 -4.74
C ALA A 42 -9.40 4.35 -5.85
N ASN A 43 -8.69 4.25 -7.00
CA ASN A 43 -9.20 3.50 -8.12
C ASN A 43 -9.34 2.05 -7.71
N CYS A 44 -8.35 1.52 -6.96
CA CYS A 44 -8.38 0.15 -6.56
C CYS A 44 -9.54 -0.08 -5.62
N MET A 45 -9.77 0.86 -4.68
CA MET A 45 -10.84 0.70 -3.72
C MET A 45 -12.15 0.86 -4.43
N THR A 46 -12.20 1.81 -5.37
CA THR A 46 -13.40 2.06 -6.12
C THR A 46 -13.74 0.85 -6.94
N GLN A 47 -12.72 0.26 -7.63
CA GLN A 47 -12.96 -0.90 -8.46
C GLN A 47 -13.38 -2.06 -7.60
N ILE A 48 -12.70 -2.25 -6.44
CA ILE A 48 -13.04 -3.35 -5.57
C ILE A 48 -13.59 -2.77 -4.26
N ASP B 1 -10.63 -21.72 2.63
CA ASP B 1 -10.72 -20.85 1.42
C ASP B 1 -9.46 -20.04 1.26
N PRO B 2 -8.42 -20.69 0.76
CA PRO B 2 -7.14 -20.04 0.55
C PRO B 2 -7.14 -19.04 -0.57
N SER B 3 -8.16 -19.11 -1.45
CA SER B 3 -8.25 -18.19 -2.56
C SER B 3 -8.43 -16.80 -2.03
N VAL B 4 -9.26 -16.67 -0.96
CA VAL B 4 -9.51 -15.36 -0.38
C VAL B 4 -8.24 -14.83 0.20
N LEU B 5 -7.48 -15.70 0.90
CA LEU B 5 -6.24 -15.29 1.52
C LEU B 5 -5.27 -14.89 0.44
N GLY B 6 -5.24 -15.66 -0.67
CA GLY B 6 -4.34 -15.36 -1.76
C GLY B 6 -4.69 -14.03 -2.35
N LYS B 7 -6.00 -13.74 -2.48
CA LYS B 7 -6.42 -12.48 -3.05
C LYS B 7 -5.97 -11.36 -2.15
N TYR B 8 -6.11 -11.55 -0.82
CA TYR B 8 -5.71 -10.53 0.13
C TYR B 8 -4.22 -10.30 -0.01
N ARG B 9 -3.44 -11.40 -0.07
CA ARG B 9 -2.00 -11.30 -0.18
C ARG B 9 -1.66 -10.61 -1.48
N ALA B 10 -2.41 -10.93 -2.57
CA ALA B 10 -2.16 -10.33 -3.86
C ALA B 10 -2.36 -8.84 -3.74
N GLY B 11 -3.39 -8.42 -2.97
CA GLY B 11 -3.66 -7.01 -2.80
C GLY B 11 -2.47 -6.34 -2.16
N PHE B 12 -1.83 -7.02 -1.17
CA PHE B 12 -0.69 -6.44 -0.52
C PHE B 12 0.49 -6.47 -1.43
N SER B 13 0.54 -7.43 -2.38
CA SER B 13 1.63 -7.47 -3.32
C SER B 13 1.58 -6.19 -4.10
N GLU B 14 0.34 -5.78 -4.46
CA GLU B 14 0.13 -4.56 -5.19
C GLU B 14 0.54 -3.40 -4.30
N CYS B 15 0.25 -3.49 -2.97
CA CYS B 15 0.59 -2.44 -2.05
C CYS B 15 2.08 -2.23 -2.07
N MET B 16 2.86 -3.32 -1.99
CA MET B 16 4.29 -3.21 -1.97
C MET B 16 4.77 -2.54 -3.23
N ASN B 17 4.26 -2.97 -4.41
CA ASN B 17 4.69 -2.38 -5.66
C ASN B 17 4.31 -0.92 -5.70
N GLU B 18 3.09 -0.58 -5.22
CA GLU B 18 2.63 0.79 -5.27
C GLU B 18 3.48 1.68 -4.39
N VAL B 19 3.82 1.22 -3.18
CA VAL B 19 4.60 2.06 -2.30
C VAL B 19 6.02 2.08 -2.79
N THR B 20 6.46 0.99 -3.46
CA THR B 20 7.81 0.95 -4.01
C THR B 20 7.96 2.09 -4.97
N ARG B 21 6.89 2.38 -5.76
CA ARG B 21 6.94 3.47 -6.71
C ARG B 21 7.13 4.76 -5.96
N PHE B 22 6.45 4.90 -4.78
CA PHE B 22 6.60 6.11 -4.01
C PHE B 22 8.01 6.15 -3.46
N LEU B 23 8.50 5.00 -2.97
CA LEU B 23 9.83 4.90 -2.41
C LEU B 23 10.87 5.22 -3.45
N SER B 24 10.65 4.79 -4.70
CA SER B 24 11.62 5.02 -5.75
C SER B 24 11.68 6.48 -6.05
N THR B 25 10.72 7.25 -5.49
CA THR B 25 10.67 8.66 -5.74
C THR B 25 11.51 9.36 -4.71
N CYS B 26 11.57 8.81 -3.46
CA CYS B 26 12.33 9.48 -2.43
C CYS B 26 13.32 8.51 -1.85
N GLU B 27 14.61 8.86 -1.94
CA GLU B 27 15.64 8.01 -1.40
C GLU B 27 16.54 8.90 -0.59
N GLY B 28 16.89 8.46 0.65
CA GLY B 28 17.76 9.25 1.48
C GLY B 28 17.37 9.07 2.91
N VAL B 29 16.13 9.49 3.27
CA VAL B 29 15.68 9.36 4.63
C VAL B 29 14.70 8.24 4.69
N ASN B 30 14.73 7.40 3.65
CA ASN B 30 13.84 6.28 3.58
C ASN B 30 14.56 5.06 4.05
N THR B 31 15.71 5.24 4.70
CA THR B 31 16.42 4.08 5.20
C THR B 31 15.59 3.50 6.30
N GLU B 32 15.07 4.38 7.18
CA GLU B 32 14.27 3.94 8.28
C GLU B 32 12.87 3.72 7.78
N VAL B 33 12.44 4.57 6.82
CA VAL B 33 11.10 4.45 6.31
C VAL B 33 10.98 3.18 5.52
N ARG B 34 12.01 2.84 4.70
CA ARG B 34 11.97 1.62 3.89
C ARG B 34 11.91 0.42 4.78
N THR B 35 12.67 0.43 5.89
CA THR B 35 12.70 -0.71 6.79
C THR B 35 11.31 -0.94 7.32
N ARG B 36 10.63 0.12 7.78
CA ARG B 36 9.29 -0.01 8.30
C ARG B 36 8.32 -0.30 7.18
N LEU B 37 8.53 0.34 6.01
CA LEU B 37 7.63 0.18 4.89
C LEU B 37 7.58 -1.24 4.43
N LEU B 38 8.76 -1.86 4.21
CA LEU B 38 8.76 -3.20 3.71
C LEU B 38 8.58 -4.16 4.85
N GLY B 39 9.10 -3.83 6.05
CA GLY B 39 8.95 -4.71 7.18
C GLY B 39 7.51 -4.86 7.55
N HIS B 40 6.74 -3.74 7.54
CA HIS B 40 5.35 -3.81 7.93
C HIS B 40 4.55 -4.50 6.86
N LEU B 41 4.85 -4.24 5.57
CA LEU B 41 4.11 -4.88 4.51
C LEU B 41 4.42 -6.35 4.54
N ALA B 42 5.70 -6.70 4.79
CA ALA B 42 6.08 -8.09 4.87
C ALA B 42 5.39 -8.72 6.03
N ASN B 43 5.27 -7.97 7.15
CA ASN B 43 4.62 -8.49 8.33
C ASN B 43 3.18 -8.76 8.00
N CYS B 44 2.53 -7.85 7.23
CA CYS B 44 1.14 -8.03 6.90
C CYS B 44 0.97 -9.24 6.01
N MET B 45 1.89 -9.43 5.04
CA MET B 45 1.79 -10.55 4.14
C MET B 45 2.08 -11.81 4.90
N THR B 46 3.08 -11.74 5.79
CA THR B 46 3.46 -12.88 6.58
C THR B 46 2.31 -13.27 7.48
N GLN B 47 1.68 -12.28 8.14
CA GLN B 47 0.57 -12.57 9.04
C GLN B 47 -0.58 -13.13 8.24
N ILE B 48 -0.88 -12.53 7.07
CA ILE B 48 -1.98 -13.00 6.27
C ILE B 48 -1.41 -13.56 4.95
N ASP A 1 -19.93 -11.90 -1.51
CA ASP A 1 -19.18 -12.15 -0.25
C ASP A 1 -18.67 -10.85 0.34
N PRO A 2 -19.55 -10.17 1.04
CA PRO A 2 -19.23 -8.89 1.67
C PRO A 2 -18.07 -8.96 2.63
N SER A 3 -17.95 -10.09 3.36
CA SER A 3 -16.88 -10.24 4.31
C SER A 3 -15.56 -10.23 3.60
N VAL A 4 -15.49 -10.90 2.43
CA VAL A 4 -14.26 -10.96 1.68
C VAL A 4 -13.92 -9.57 1.20
N LEU A 5 -14.92 -8.84 0.71
CA LEU A 5 -14.70 -7.50 0.21
C LEU A 5 -14.25 -6.63 1.36
N GLY A 6 -14.85 -6.83 2.55
CA GLY A 6 -14.50 -6.03 3.70
C GLY A 6 -13.06 -6.27 4.06
N LYS A 7 -12.59 -7.53 3.99
CA LYS A 7 -11.22 -7.83 4.34
C LYS A 7 -10.30 -7.17 3.33
N TYR A 8 -10.69 -7.19 2.05
CA TYR A 8 -9.86 -6.59 1.02
C TYR A 8 -9.77 -5.10 1.28
N ARG A 9 -10.92 -4.45 1.56
CA ARG A 9 -10.93 -3.03 1.81
C ARG A 9 -10.16 -2.73 3.06
N ALA A 10 -10.29 -3.60 4.07
CA ALA A 10 -9.59 -3.39 5.33
C ALA A 10 -8.11 -3.41 5.09
N GLY A 11 -7.64 -4.34 4.22
CA GLY A 11 -6.24 -4.42 3.93
C GLY A 11 -5.77 -3.15 3.27
N PHE A 12 -6.59 -2.60 2.35
CA PHE A 12 -6.22 -1.39 1.66
C PHE A 12 -6.31 -0.22 2.60
N SER A 13 -7.23 -0.27 3.58
CA SER A 13 -7.34 0.82 4.53
C SER A 13 -6.03 0.89 5.26
N GLU A 14 -5.48 -0.29 5.62
CA GLU A 14 -4.22 -0.35 6.31
C GLU A 14 -3.13 0.14 5.40
N CYS A 15 -3.18 -0.20 4.09
CA CYS A 15 -2.14 0.22 3.18
C CYS A 15 -2.19 1.71 3.04
N MET A 16 -3.41 2.28 2.99
CA MET A 16 -3.56 3.71 2.83
C MET A 16 -2.94 4.42 4.01
N ASN A 17 -3.19 3.93 5.24
CA ASN A 17 -2.64 4.58 6.42
C ASN A 17 -1.12 4.46 6.42
N GLU A 18 -0.59 3.28 6.05
CA GLU A 18 0.86 3.10 6.05
C GLU A 18 1.46 3.97 4.98
N VAL A 19 0.79 4.03 3.83
CA VAL A 19 1.26 4.82 2.71
C VAL A 19 1.21 6.28 3.10
N THR A 20 0.17 6.66 3.86
CA THR A 20 0.02 8.04 4.29
C THR A 20 1.22 8.44 5.11
N ARG A 21 1.74 7.53 5.96
CA ARG A 21 2.91 7.85 6.77
C ARG A 21 4.07 8.15 5.85
N PHE A 22 4.21 7.38 4.76
CA PHE A 22 5.30 7.61 3.84
C PHE A 22 5.11 8.97 3.20
N LEU A 23 3.87 9.25 2.76
CA LEU A 23 3.56 10.51 2.10
C LEU A 23 3.72 11.66 3.06
N SER A 24 3.45 11.45 4.36
CA SER A 24 3.54 12.52 5.33
C SER A 24 4.98 12.78 5.65
N THR A 25 5.87 11.88 5.17
CA THR A 25 7.27 12.03 5.47
C THR A 25 7.91 12.68 4.29
N CYS A 26 7.32 12.49 3.10
CA CYS A 26 7.88 13.05 1.90
C CYS A 26 7.32 14.42 1.67
N GLU A 27 8.22 15.39 1.36
CA GLU A 27 7.79 16.74 1.11
C GLU A 27 8.74 17.33 0.11
N GLY A 28 8.74 16.79 -1.14
CA GLY A 28 9.62 17.32 -2.15
C GLY A 28 9.00 17.04 -3.48
N VAL A 29 9.42 15.92 -4.10
CA VAL A 29 8.89 15.54 -5.40
C VAL A 29 8.02 14.37 -5.17
N ASN A 30 6.82 14.64 -4.61
CA ASN A 30 5.89 13.60 -4.36
C ASN A 30 4.53 14.17 -4.56
N THR A 31 4.44 15.31 -5.25
CA THR A 31 3.15 15.90 -5.51
C THR A 31 2.53 15.09 -6.61
N GLU A 32 3.36 14.77 -7.62
CA GLU A 32 2.90 13.97 -8.72
C GLU A 32 2.76 12.56 -8.22
N VAL A 33 3.71 12.14 -7.36
CA VAL A 33 3.69 10.81 -6.82
C VAL A 33 2.45 10.66 -5.97
N ARG A 34 2.10 11.70 -5.17
CA ARG A 34 0.94 11.64 -4.30
C ARG A 34 -0.30 11.41 -5.10
N THR A 35 -0.42 12.09 -6.25
CA THR A 35 -1.61 11.96 -7.07
C THR A 35 -1.79 10.52 -7.49
N ARG A 36 -0.72 9.88 -7.97
CA ARG A 36 -0.83 8.50 -8.42
C ARG A 36 -0.88 7.58 -7.22
N LEU A 37 -0.15 7.93 -6.14
CA LEU A 37 -0.07 7.11 -4.96
C LEU A 37 -1.43 6.97 -4.33
N LEU A 38 -2.13 8.10 -4.10
CA LEU A 38 -3.41 8.04 -3.46
C LEU A 38 -4.44 7.67 -4.47
N GLY A 39 -4.28 8.15 -5.72
CA GLY A 39 -5.24 7.87 -6.76
C GLY A 39 -5.30 6.39 -7.02
N HIS A 40 -4.14 5.70 -7.03
CA HIS A 40 -4.14 4.28 -7.31
C HIS A 40 -4.76 3.53 -6.17
N LEU A 41 -4.47 3.92 -4.91
CA LEU A 41 -5.06 3.21 -3.79
C LEU A 41 -6.54 3.44 -3.82
N ALA A 42 -6.96 4.69 -4.14
CA ALA A 42 -8.37 5.01 -4.19
C ALA A 42 -9.00 4.22 -5.30
N ASN A 43 -8.30 4.09 -6.46
CA ASN A 43 -8.85 3.36 -7.57
C ASN A 43 -9.00 1.92 -7.18
N CYS A 44 -8.02 1.35 -6.44
CA CYS A 44 -8.11 -0.04 -6.06
C CYS A 44 -9.25 -0.25 -5.11
N MET A 45 -9.44 0.70 -4.16
CA MET A 45 -10.50 0.56 -3.18
C MET A 45 -11.81 0.76 -3.87
N THR A 46 -11.85 1.74 -4.78
CA THR A 46 -13.07 2.03 -5.50
C THR A 46 -13.45 0.85 -6.37
N GLN A 47 -12.45 0.26 -7.08
CA GLN A 47 -12.72 -0.87 -7.95
C GLN A 47 -13.21 -2.03 -7.13
N ILE A 48 -12.56 -2.31 -5.98
CA ILE A 48 -12.97 -3.42 -5.15
C ILE A 48 -13.34 -2.88 -3.77
N ASP B 1 -10.07 -20.76 2.90
CA ASP B 1 -10.44 -20.09 1.62
C ASP B 1 -9.22 -19.51 0.96
N PRO B 2 -8.49 -20.36 0.26
CA PRO B 2 -7.27 -19.95 -0.44
C PRO B 2 -7.48 -18.86 -1.44
N SER B 3 -8.64 -18.87 -2.12
CA SER B 3 -8.93 -17.85 -3.12
C SER B 3 -9.00 -16.51 -2.46
N VAL B 4 -9.62 -16.44 -1.26
CA VAL B 4 -9.76 -15.19 -0.56
C VAL B 4 -8.39 -14.71 -0.17
N LEU B 5 -7.55 -15.63 0.34
CA LEU B 5 -6.21 -15.27 0.75
C LEU B 5 -5.44 -14.79 -0.45
N GLY B 6 -5.63 -15.47 -1.59
CA GLY B 6 -4.92 -15.11 -2.80
C GLY B 6 -5.29 -13.71 -3.21
N LYS B 7 -6.59 -13.35 -3.11
CA LYS B 7 -7.02 -12.02 -3.50
C LYS B 7 -6.39 -11.01 -2.57
N TYR B 8 -6.33 -11.33 -1.26
CA TYR B 8 -5.76 -10.42 -0.29
C TYR B 8 -4.30 -10.20 -0.62
N ARG B 9 -3.56 -11.31 -0.89
CA ARG B 9 -2.15 -11.21 -1.20
C ARG B 9 -1.98 -10.48 -2.50
N ALA B 10 -2.88 -10.74 -3.47
CA ALA B 10 -2.79 -10.09 -4.76
C ALA B 10 -2.92 -8.60 -4.58
N GLY B 11 -3.84 -8.17 -3.69
CA GLY B 11 -4.04 -6.75 -3.45
C GLY B 11 -2.79 -6.16 -2.88
N PHE B 12 -2.12 -6.89 -1.95
CA PHE B 12 -0.93 -6.38 -1.34
C PHE B 12 0.21 -6.42 -2.32
N SER B 13 0.20 -7.38 -3.26
CA SER B 13 1.25 -7.45 -4.25
C SER B 13 1.17 -6.16 -5.04
N GLU B 14 -0.07 -5.74 -5.36
CA GLU B 14 -0.26 -4.53 -6.11
C GLU B 14 0.18 -3.35 -5.26
N CYS B 15 -0.11 -3.38 -3.93
CA CYS B 15 0.26 -2.26 -3.09
C CYS B 15 1.76 -2.18 -3.03
N MET B 16 2.44 -3.34 -2.95
CA MET B 16 3.87 -3.36 -2.85
C MET B 16 4.47 -2.73 -4.09
N ASN B 17 3.97 -3.09 -5.28
CA ASN B 17 4.50 -2.54 -6.51
C ASN B 17 4.27 -1.05 -6.56
N GLU B 18 3.06 -0.58 -6.17
CA GLU B 18 2.75 0.84 -6.22
C GLU B 18 3.60 1.57 -5.23
N VAL B 19 3.78 0.95 -4.04
CA VAL B 19 4.57 1.53 -2.99
C VAL B 19 6.01 1.59 -3.44
N THR B 20 6.45 0.55 -4.17
CA THR B 20 7.81 0.50 -4.66
C THR B 20 8.07 1.69 -5.54
N ARG B 21 7.09 2.09 -6.38
CA ARG B 21 7.27 3.24 -7.25
C ARG B 21 7.51 4.47 -6.39
N PHE B 22 6.78 4.58 -5.27
CA PHE B 22 6.96 5.74 -4.41
C PHE B 22 8.35 5.69 -3.82
N LEU B 23 8.76 4.49 -3.35
CA LEU B 23 10.06 4.33 -2.75
C LEU B 23 11.16 4.54 -3.75
N SER B 24 10.91 4.20 -5.03
CA SER B 24 11.93 4.32 -6.05
C SER B 24 12.04 5.76 -6.44
N THR B 25 11.10 6.61 -5.96
CA THR B 25 11.11 8.00 -6.32
C THR B 25 11.76 8.74 -5.21
N CYS B 26 11.68 8.19 -3.99
CA CYS B 26 12.23 8.85 -2.84
C CYS B 26 13.65 8.42 -2.65
N GLU B 27 14.55 9.41 -2.43
CA GLU B 27 15.95 9.11 -2.22
C GLU B 27 16.50 10.15 -1.29
N GLY B 28 16.01 10.17 -0.02
CA GLY B 28 16.51 11.13 0.92
C GLY B 28 16.34 10.55 2.29
N VAL B 29 15.21 10.90 2.95
CA VAL B 29 14.94 10.40 4.28
C VAL B 29 13.84 9.42 4.15
N ASN B 30 14.18 8.23 3.63
CA ASN B 30 13.21 7.21 3.47
C ASN B 30 13.91 5.91 3.69
N THR B 31 15.09 5.94 4.34
CA THR B 31 15.79 4.72 4.63
C THR B 31 15.08 4.09 5.78
N GLU B 32 14.73 4.93 6.77
CA GLU B 32 14.02 4.47 7.93
C GLU B 32 12.62 4.17 7.50
N VAL B 33 12.09 5.06 6.62
CA VAL B 33 10.74 4.90 6.14
C VAL B 33 10.65 3.61 5.35
N ARG B 34 11.68 3.32 4.53
CA ARG B 34 11.69 2.12 3.70
C ARG B 34 11.60 0.90 4.57
N THR B 35 12.33 0.89 5.70
CA THR B 35 12.34 -0.27 6.57
C THR B 35 10.94 -0.55 7.06
N ARG B 36 10.24 0.49 7.53
CA ARG B 36 8.88 0.28 8.04
C ARG B 36 7.92 0.10 6.88
N LEU B 37 8.17 0.80 5.77
CA LEU B 37 7.29 0.76 4.62
C LEU B 37 7.24 -0.64 4.06
N LEU B 38 8.42 -1.24 3.81
CA LEU B 38 8.43 -2.56 3.22
C LEU B 38 8.20 -3.58 4.29
N GLY B 39 8.71 -3.31 5.51
CA GLY B 39 8.56 -4.24 6.61
C GLY B 39 7.11 -4.41 6.93
N HIS B 40 6.32 -3.31 6.93
CA HIS B 40 4.92 -3.42 7.27
C HIS B 40 4.18 -4.15 6.20
N LEU B 41 4.49 -3.89 4.91
CA LEU B 41 3.79 -4.59 3.85
C LEU B 41 4.14 -6.04 3.93
N ALA B 42 5.43 -6.33 4.20
CA ALA B 42 5.88 -7.71 4.30
C ALA B 42 5.19 -8.36 5.48
N ASN B 43 5.06 -7.62 6.60
CA ASN B 43 4.42 -8.18 7.77
C ASN B 43 2.97 -8.47 7.46
N CYS B 44 2.30 -7.57 6.70
CA CYS B 44 0.91 -7.78 6.39
C CYS B 44 0.76 -8.98 5.50
N MET B 45 1.68 -9.14 4.52
CA MET B 45 1.60 -10.25 3.59
C MET B 45 1.93 -11.51 4.33
N THR B 46 2.95 -11.43 5.19
CA THR B 46 3.37 -12.58 5.95
C THR B 46 2.27 -13.02 6.88
N GLN B 47 1.63 -12.04 7.57
CA GLN B 47 0.56 -12.36 8.50
C GLN B 47 -0.59 -12.98 7.76
N ILE B 48 -0.97 -12.41 6.60
CA ILE B 48 -2.07 -12.96 5.85
C ILE B 48 -1.57 -13.34 4.45
N ASP A 1 -20.64 -12.27 -0.56
CA ASP A 1 -19.57 -12.43 0.46
C ASP A 1 -18.94 -11.09 0.78
N PRO A 2 -19.65 -10.29 1.54
CA PRO A 2 -19.18 -8.96 1.92
C PRO A 2 -18.02 -9.00 2.88
N SER A 3 -17.87 -10.13 3.61
CA SER A 3 -16.79 -10.26 4.55
C SER A 3 -15.48 -10.22 3.81
N VAL A 4 -15.44 -10.88 2.63
CA VAL A 4 -14.23 -10.92 1.83
C VAL A 4 -13.91 -9.53 1.37
N LEU A 5 -14.94 -8.80 0.90
CA LEU A 5 -14.73 -7.46 0.41
C LEU A 5 -14.27 -6.58 1.56
N GLY A 6 -14.86 -6.78 2.76
CA GLY A 6 -14.50 -5.99 3.91
C GLY A 6 -13.06 -6.24 4.26
N LYS A 7 -12.62 -7.52 4.19
CA LYS A 7 -11.24 -7.85 4.52
C LYS A 7 -10.33 -7.19 3.54
N TYR A 8 -10.69 -7.24 2.23
CA TYR A 8 -9.87 -6.65 1.20
C TYR A 8 -9.81 -5.16 1.41
N ARG A 9 -10.98 -4.55 1.73
CA ARG A 9 -11.05 -3.12 1.95
C ARG A 9 -10.21 -2.76 3.15
N ALA A 10 -10.27 -3.59 4.21
CA ALA A 10 -9.51 -3.31 5.41
C ALA A 10 -8.04 -3.30 5.09
N GLY A 11 -7.59 -4.24 4.23
CA GLY A 11 -6.19 -4.31 3.89
C GLY A 11 -5.78 -3.06 3.18
N PHE A 12 -6.64 -2.55 2.27
CA PHE A 12 -6.31 -1.35 1.54
C PHE A 12 -6.38 -0.16 2.44
N SER A 13 -7.33 -0.14 3.40
CA SER A 13 -7.42 0.98 4.31
C SER A 13 -6.13 1.03 5.08
N GLU A 14 -5.62 -0.14 5.48
CA GLU A 14 -4.39 -0.21 6.22
C GLU A 14 -3.25 0.25 5.35
N CYS A 15 -3.23 -0.15 4.04
CA CYS A 15 -2.14 0.24 3.19
C CYS A 15 -2.18 1.73 2.98
N MET A 16 -3.39 2.29 2.82
CA MET A 16 -3.55 3.71 2.58
C MET A 16 -3.02 4.49 3.75
N ASN A 17 -3.34 4.07 4.99
CA ASN A 17 -2.87 4.81 6.15
C ASN A 17 -1.36 4.80 6.23
N GLU A 18 -0.73 3.64 5.97
CA GLU A 18 0.72 3.57 6.06
C GLU A 18 1.33 4.33 4.92
N VAL A 19 0.72 4.23 3.74
CA VAL A 19 1.21 4.92 2.57
C VAL A 19 1.11 6.41 2.81
N THR A 20 0.01 6.84 3.45
CA THR A 20 -0.21 8.25 3.73
C THR A 20 0.92 8.76 4.60
N ARG A 21 1.37 7.95 5.57
CA ARG A 21 2.45 8.37 6.44
C ARG A 21 3.68 8.60 5.61
N PHE A 22 3.93 7.73 4.61
CA PHE A 22 5.08 7.88 3.77
C PHE A 22 4.93 9.15 2.94
N LEU A 23 3.72 9.37 2.41
CA LEU A 23 3.47 10.55 1.60
C LEU A 23 3.61 11.80 2.44
N SER A 24 3.38 11.67 3.76
CA SER A 24 3.47 12.82 4.63
C SER A 24 4.92 13.02 4.96
N THR A 25 5.77 12.06 4.60
CA THR A 25 7.17 12.16 4.91
C THR A 25 7.89 12.76 3.73
N CYS A 26 7.49 12.38 2.50
CA CYS A 26 8.16 12.89 1.33
C CYS A 26 7.37 14.05 0.80
N GLU A 27 8.02 15.22 0.66
CA GLU A 27 7.37 16.38 0.13
C GLU A 27 8.33 17.04 -0.82
N GLY A 28 8.38 16.54 -2.07
CA GLY A 28 9.29 17.13 -3.04
C GLY A 28 8.88 16.62 -4.40
N VAL A 29 9.42 15.46 -4.79
CA VAL A 29 9.10 14.90 -6.09
C VAL A 29 8.20 13.73 -5.87
N ASN A 30 6.97 14.04 -5.44
CA ASN A 30 6.02 13.02 -5.21
C ASN A 30 4.68 13.60 -5.52
N THR A 31 4.65 14.68 -6.32
CA THR A 31 3.39 15.26 -6.68
C THR A 31 2.78 14.34 -7.69
N GLU A 32 3.63 13.87 -8.63
CA GLU A 32 3.18 12.96 -9.65
C GLU A 32 3.02 11.62 -8.99
N VAL A 33 3.95 11.30 -8.06
CA VAL A 33 3.91 10.02 -7.38
C VAL A 33 2.65 9.95 -6.57
N ARG A 34 2.30 11.03 -5.84
CA ARG A 34 1.12 11.04 -5.01
C ARG A 34 -0.10 10.84 -5.84
N THR A 35 -0.15 11.43 -7.04
CA THR A 35 -1.31 11.32 -7.89
C THR A 35 -1.57 9.87 -8.22
N ARG A 36 -0.52 9.12 -8.60
CA ARG A 36 -0.70 7.74 -8.98
C ARG A 36 -0.75 6.84 -7.76
N LEU A 37 -0.01 7.20 -6.69
CA LEU A 37 0.04 6.35 -5.52
C LEU A 37 -1.21 6.52 -4.70
N LEU A 38 -1.50 7.76 -4.28
CA LEU A 38 -2.66 8.01 -3.46
C LEU A 38 -3.90 7.81 -4.28
N GLY A 39 -3.87 8.27 -5.55
CA GLY A 39 -5.04 8.17 -6.41
C GLY A 39 -5.41 6.73 -6.60
N HIS A 40 -4.44 5.83 -6.82
CA HIS A 40 -4.77 4.43 -7.04
C HIS A 40 -5.37 3.84 -5.80
N LEU A 41 -4.77 4.09 -4.61
CA LEU A 41 -5.30 3.52 -3.39
C LEU A 41 -6.67 4.08 -3.16
N ALA A 42 -6.86 5.39 -3.42
CA ALA A 42 -8.15 6.00 -3.25
C ALA A 42 -9.10 5.38 -4.22
N ASN A 43 -8.64 5.11 -5.46
CA ASN A 43 -9.51 4.53 -6.46
C ASN A 43 -9.94 3.16 -6.00
N CYS A 44 -9.02 2.38 -5.41
CA CYS A 44 -9.36 1.05 -4.97
C CYS A 44 -10.37 1.14 -3.84
N MET A 45 -10.14 2.05 -2.89
CA MET A 45 -11.03 2.18 -1.75
C MET A 45 -12.36 2.68 -2.24
N THR A 46 -12.32 3.64 -3.16
CA THR A 46 -13.54 4.21 -3.71
C THR A 46 -14.31 3.16 -4.47
N GLN A 47 -13.59 2.32 -5.25
CA GLN A 47 -14.25 1.28 -6.04
C GLN A 47 -14.98 0.34 -5.12
N ILE A 48 -14.37 -0.03 -3.98
CA ILE A 48 -15.02 -0.95 -3.07
C ILE A 48 -16.23 -0.23 -2.44
N ASP B 1 -10.58 -21.50 1.92
CA ASP B 1 -10.85 -20.49 0.87
C ASP B 1 -9.58 -19.78 0.47
N PRO B 2 -8.76 -20.46 -0.30
CA PRO B 2 -7.49 -19.90 -0.75
C PRO B 2 -7.65 -18.80 -1.75
N SER B 3 -8.81 -18.76 -2.43
CA SER B 3 -9.06 -17.72 -3.41
C SER B 3 -9.10 -16.39 -2.72
N VAL B 4 -9.71 -16.36 -1.52
CA VAL B 4 -9.82 -15.12 -0.77
C VAL B 4 -8.44 -14.68 -0.37
N LEU B 5 -7.61 -15.63 0.10
CA LEU B 5 -6.26 -15.31 0.52
C LEU B 5 -5.47 -14.83 -0.67
N GLY B 6 -5.68 -15.48 -1.84
CA GLY B 6 -4.96 -15.10 -3.03
C GLY B 6 -5.34 -13.70 -3.43
N LYS B 7 -6.64 -13.35 -3.33
CA LYS B 7 -7.08 -12.03 -3.70
C LYS B 7 -6.45 -11.02 -2.77
N TYR B 8 -6.43 -11.33 -1.46
CA TYR B 8 -5.86 -10.43 -0.48
C TYR B 8 -4.39 -10.28 -0.76
N ARG B 9 -3.70 -11.40 -1.05
CA ARG B 9 -2.28 -11.38 -1.33
C ARG B 9 -2.03 -10.56 -2.58
N ALA B 10 -2.89 -10.72 -3.61
CA ALA B 10 -2.74 -10.00 -4.85
C ALA B 10 -2.82 -8.52 -4.58
N GLY B 11 -3.77 -8.11 -3.70
CA GLY B 11 -3.92 -6.70 -3.40
C GLY B 11 -2.67 -6.17 -2.76
N PHE B 12 -2.07 -6.95 -1.84
CA PHE B 12 -0.87 -6.51 -1.18
C PHE B 12 0.29 -6.52 -2.13
N SER B 13 0.35 -7.50 -3.04
CA SER B 13 1.43 -7.56 -4.00
C SER B 13 1.37 -6.30 -4.82
N GLU B 14 0.13 -5.89 -5.19
CA GLU B 14 -0.05 -4.71 -5.98
C GLU B 14 0.35 -3.49 -5.17
N CYS B 15 0.00 -3.45 -3.86
CA CYS B 15 0.34 -2.30 -3.05
C CYS B 15 1.83 -2.22 -2.91
N MET B 16 2.49 -3.39 -2.72
CA MET B 16 3.92 -3.42 -2.54
C MET B 16 4.61 -2.88 -3.76
N ASN B 17 4.18 -3.28 -4.97
CA ASN B 17 4.84 -2.82 -6.18
C ASN B 17 4.71 -1.31 -6.31
N GLU B 18 3.50 -0.75 -6.04
CA GLU B 18 3.32 0.67 -6.17
C GLU B 18 4.08 1.39 -5.09
N VAL B 19 4.07 0.82 -3.87
CA VAL B 19 4.77 1.41 -2.77
C VAL B 19 6.25 1.41 -3.06
N THR B 20 6.74 0.32 -3.68
CA THR B 20 8.15 0.20 -4.00
C THR B 20 8.54 1.32 -4.93
N ARG B 21 7.65 1.68 -5.89
CA ARG B 21 7.96 2.75 -6.82
C ARG B 21 8.12 4.02 -6.05
N PHE B 22 7.29 4.24 -5.02
CA PHE B 22 7.38 5.45 -4.24
C PHE B 22 8.67 5.43 -3.46
N LEU B 23 9.03 4.26 -2.88
CA LEU B 23 10.24 4.13 -2.12
C LEU B 23 11.43 4.33 -3.02
N SER B 24 11.28 4.02 -4.32
CA SER B 24 12.39 4.16 -5.24
C SER B 24 12.47 5.61 -5.64
N THR B 25 11.46 6.41 -5.27
CA THR B 25 11.43 7.80 -5.63
C THR B 25 12.03 8.60 -4.51
N CYS B 26 11.73 8.23 -3.25
CA CYS B 26 12.24 8.98 -2.12
C CYS B 26 13.47 8.30 -1.60
N GLU B 27 14.59 9.05 -1.55
CA GLU B 27 15.81 8.50 -1.04
C GLU B 27 16.43 9.55 -0.15
N GLY B 28 15.98 9.62 1.11
CA GLY B 28 16.52 10.60 2.02
C GLY B 28 16.12 10.23 3.41
N VAL B 29 14.92 10.68 3.84
CA VAL B 29 14.45 10.38 5.16
C VAL B 29 13.35 9.39 5.03
N ASN B 30 13.73 8.18 4.63
CA ASN B 30 12.78 7.13 4.48
C ASN B 30 13.46 5.86 4.83
N THR B 31 14.58 5.93 5.57
CA THR B 31 15.26 4.74 5.97
C THR B 31 14.42 4.11 7.03
N GLU B 32 13.94 4.95 7.95
CA GLU B 32 13.09 4.49 9.02
C GLU B 32 11.75 4.20 8.44
N VAL B 33 11.32 5.06 7.48
CA VAL B 33 10.03 4.90 6.86
C VAL B 33 10.02 3.60 6.09
N ARG B 34 11.10 3.31 5.34
CA ARG B 34 11.17 2.09 4.55
C ARG B 34 11.09 0.89 5.44
N THR B 35 11.73 0.94 6.62
CA THR B 35 11.74 -0.18 7.50
C THR B 35 10.33 -0.53 7.91
N ARG B 36 9.52 0.48 8.28
CA ARG B 36 8.16 0.20 8.72
C ARG B 36 7.23 0.04 7.55
N LEU B 37 7.49 0.75 6.44
CA LEU B 37 6.60 0.70 5.29
C LEU B 37 6.84 -0.58 4.52
N LEU B 38 8.07 -0.80 4.05
CA LEU B 38 8.37 -1.96 3.27
C LEU B 38 8.30 -3.18 4.15
N GLY B 39 8.80 -3.06 5.40
CA GLY B 39 8.82 -4.19 6.30
C GLY B 39 7.43 -4.67 6.58
N HIS B 40 6.46 -3.75 6.79
CA HIS B 40 5.11 -4.18 7.08
C HIS B 40 4.51 -4.88 5.89
N LEU B 41 4.68 -4.31 4.68
CA LEU B 41 4.10 -4.93 3.49
C LEU B 41 4.75 -6.26 3.30
N ALA B 42 6.07 -6.34 3.52
CA ALA B 42 6.78 -7.58 3.36
C ALA B 42 6.28 -8.55 4.40
N ASN B 43 6.02 -8.05 5.63
CA ASN B 43 5.55 -8.91 6.69
C ASN B 43 4.20 -9.47 6.30
N CYS B 44 3.32 -8.63 5.70
CA CYS B 44 2.01 -9.09 5.33
C CYS B 44 2.13 -10.14 4.25
N MET B 45 2.99 -9.87 3.25
CA MET B 45 3.15 -10.80 2.14
C MET B 45 3.75 -12.07 2.65
N THR B 46 4.74 -11.93 3.55
CA THR B 46 5.43 -13.07 4.11
C THR B 46 4.47 -13.88 4.94
N GLN B 47 3.59 -13.20 5.73
CA GLN B 47 2.66 -13.90 6.58
C GLN B 47 1.73 -14.74 5.74
N ILE B 48 1.27 -14.20 4.58
CA ILE B 48 0.37 -14.96 3.74
C ILE B 48 1.15 -16.14 3.13
N ASP A 1 -20.59 -12.57 -0.55
CA ASP A 1 -19.52 -12.67 0.49
C ASP A 1 -18.91 -11.32 0.74
N PRO A 2 -19.62 -10.49 1.46
CA PRO A 2 -19.16 -9.14 1.79
C PRO A 2 -18.01 -9.13 2.76
N SER A 3 -17.82 -10.23 3.51
CA SER A 3 -16.74 -10.32 4.46
C SER A 3 -15.43 -10.30 3.73
N VAL A 4 -15.40 -10.93 2.53
CA VAL A 4 -14.18 -10.99 1.76
C VAL A 4 -13.83 -9.58 1.33
N LEU A 5 -14.85 -8.83 0.88
CA LEU A 5 -14.62 -7.47 0.42
C LEU A 5 -14.18 -6.64 1.60
N GLY A 6 -14.78 -6.89 2.79
CA GLY A 6 -14.43 -6.14 3.97
C GLY A 6 -12.99 -6.36 4.32
N LYS A 7 -12.51 -7.62 4.22
CA LYS A 7 -11.12 -7.91 4.54
C LYS A 7 -10.23 -7.23 3.54
N TYR A 8 -10.63 -7.23 2.26
CA TYR A 8 -9.83 -6.61 1.23
C TYR A 8 -9.77 -5.12 1.49
N ARG A 9 -10.93 -4.52 1.85
CA ARG A 9 -11.00 -3.11 2.14
C ARG A 9 -10.15 -2.80 3.35
N ALA A 10 -10.22 -3.68 4.38
CA ALA A 10 -9.46 -3.46 5.59
C ALA A 10 -7.99 -3.43 5.28
N GLY A 11 -7.53 -4.35 4.40
CA GLY A 11 -6.14 -4.40 4.05
C GLY A 11 -5.73 -3.12 3.37
N PHE A 12 -6.59 -2.61 2.46
CA PHE A 12 -6.26 -1.40 1.75
C PHE A 12 -6.36 -0.21 2.66
N SER A 13 -7.27 -0.25 3.66
CA SER A 13 -7.38 0.86 4.57
C SER A 13 -6.06 0.98 5.28
N GLU A 14 -5.48 -0.18 5.67
CA GLU A 14 -4.22 -0.19 6.35
C GLU A 14 -3.14 0.28 5.41
N CYS A 15 -3.19 -0.13 4.11
CA CYS A 15 -2.17 0.27 3.18
C CYS A 15 -2.23 1.76 2.99
N MET A 16 -3.44 2.32 2.90
CA MET A 16 -3.60 3.74 2.68
C MET A 16 -3.01 4.50 3.84
N ASN A 17 -3.29 4.06 5.09
CA ASN A 17 -2.77 4.76 6.24
C ASN A 17 -1.26 4.72 6.26
N GLU A 18 -0.66 3.55 5.93
CA GLU A 18 0.79 3.43 5.95
C GLU A 18 1.37 4.22 4.82
N VAL A 19 0.71 4.20 3.65
CA VAL A 19 1.18 4.92 2.50
C VAL A 19 1.13 6.39 2.77
N THR A 20 0.06 6.84 3.45
CA THR A 20 -0.10 8.25 3.77
C THR A 20 1.06 8.68 4.63
N ARG A 21 1.47 7.83 5.59
CA ARG A 21 2.57 8.18 6.48
C ARG A 21 3.82 8.36 5.66
N PHE A 22 4.03 7.49 4.65
CA PHE A 22 5.22 7.59 3.85
C PHE A 22 5.14 8.85 3.02
N LEU A 23 3.93 9.14 2.49
CA LEU A 23 3.73 10.32 1.68
C LEU A 23 4.02 11.57 2.47
N SER A 24 3.62 11.60 3.76
CA SER A 24 3.83 12.78 4.57
C SER A 24 5.30 12.87 4.88
N THR A 25 6.04 11.79 4.58
CA THR A 25 7.45 11.76 4.86
C THR A 25 8.18 12.36 3.68
N CYS A 26 7.70 12.04 2.45
CA CYS A 26 8.35 12.55 1.26
C CYS A 26 8.02 14.01 1.14
N GLU A 27 9.06 14.85 0.90
CA GLU A 27 8.83 16.27 0.79
C GLU A 27 8.75 16.64 -0.67
N GLY A 28 9.40 15.84 -1.56
CA GLY A 28 9.38 16.16 -2.98
C GLY A 28 7.97 16.08 -3.49
N VAL A 29 7.29 14.93 -3.19
CA VAL A 29 5.91 14.69 -3.58
C VAL A 29 5.60 15.26 -4.94
N ASN A 30 5.96 14.50 -6.00
CA ASN A 30 5.65 14.93 -7.32
C ASN A 30 4.18 14.74 -7.46
N THR A 31 3.50 15.68 -8.14
CA THR A 31 2.08 15.58 -8.31
C THR A 31 1.80 14.31 -9.04
N GLU A 32 2.71 13.95 -9.97
CA GLU A 32 2.51 12.76 -10.76
C GLU A 32 2.65 11.53 -9.90
N VAL A 33 3.62 11.51 -8.96
CA VAL A 33 3.80 10.32 -8.14
C VAL A 33 2.68 10.27 -7.13
N ARG A 34 2.32 11.43 -6.55
CA ARG A 34 1.29 11.47 -5.54
C ARG A 34 -0.01 11.00 -6.13
N THR A 35 -0.32 11.45 -7.36
CA THR A 35 -1.57 11.07 -7.99
C THR A 35 -1.61 9.58 -8.19
N ARG A 36 -0.50 9.00 -8.68
CA ARG A 36 -0.46 7.57 -8.91
C ARG A 36 -0.51 6.83 -7.60
N LEU A 37 0.19 7.33 -6.56
CA LEU A 37 0.26 6.65 -5.28
C LEU A 37 -1.09 6.61 -4.63
N LEU A 38 -1.61 7.78 -4.24
CA LEU A 38 -2.86 7.84 -3.53
C LEU A 38 -4.00 7.48 -4.45
N GLY A 39 -3.94 7.95 -5.71
CA GLY A 39 -5.02 7.70 -6.64
C GLY A 39 -5.19 6.22 -6.87
N HIS A 40 -4.08 5.46 -6.96
CA HIS A 40 -4.20 4.04 -7.19
C HIS A 40 -4.90 3.39 -6.03
N LEU A 41 -4.48 3.72 -4.79
CA LEU A 41 -5.11 3.12 -3.64
C LEU A 41 -6.55 3.54 -3.60
N ALA A 42 -6.83 4.82 -3.94
CA ALA A 42 -8.19 5.31 -3.96
C ALA A 42 -8.95 4.55 -5.00
N ASN A 43 -8.32 4.25 -6.15
CA ASN A 43 -9.00 3.54 -7.21
C ASN A 43 -9.38 2.17 -6.71
N CYS A 44 -8.47 1.50 -5.97
CA CYS A 44 -8.76 0.18 -5.47
C CYS A 44 -9.87 0.24 -4.46
N MET A 45 -9.87 1.29 -3.61
CA MET A 45 -10.89 1.40 -2.58
C MET A 45 -12.19 1.72 -3.25
N THR A 46 -12.13 2.59 -4.27
CA THR A 46 -13.32 3.00 -5.01
C THR A 46 -13.89 1.80 -5.72
N GLN A 47 -13.01 0.93 -6.27
CA GLN A 47 -13.46 -0.24 -7.00
C GLN A 47 -14.29 -1.11 -6.09
N ILE A 48 -13.88 -1.25 -4.81
CA ILE A 48 -14.63 -2.08 -3.89
C ILE A 48 -16.07 -1.53 -3.78
N ASP B 1 -10.73 -21.52 2.00
CA ASP B 1 -10.96 -20.52 0.93
C ASP B 1 -9.69 -19.80 0.59
N PRO B 2 -8.82 -20.47 -0.15
CA PRO B 2 -7.54 -19.91 -0.55
C PRO B 2 -7.66 -18.82 -1.56
N SER B 3 -8.81 -18.76 -2.27
CA SER B 3 -9.02 -17.73 -3.26
C SER B 3 -9.09 -16.40 -2.59
N VAL B 4 -9.67 -16.36 -1.37
CA VAL B 4 -9.80 -15.12 -0.64
C VAL B 4 -8.41 -14.63 -0.30
N LEU B 5 -7.55 -15.55 0.17
CA LEU B 5 -6.20 -15.20 0.54
C LEU B 5 -5.46 -14.75 -0.69
N GLY B 6 -5.72 -15.42 -1.83
CA GLY B 6 -5.05 -15.06 -3.07
C GLY B 6 -5.41 -13.66 -3.46
N LYS B 7 -6.70 -13.28 -3.33
CA LYS B 7 -7.12 -11.95 -3.69
C LYS B 7 -6.47 -10.95 -2.77
N TYR B 8 -6.39 -11.29 -1.47
CA TYR B 8 -5.79 -10.39 -0.50
C TYR B 8 -4.33 -10.22 -0.85
N ARG B 9 -3.65 -11.35 -1.17
CA ARG B 9 -2.25 -11.30 -1.52
C ARG B 9 -2.07 -10.50 -2.79
N ALA B 10 -2.97 -10.68 -3.77
CA ALA B 10 -2.87 -9.96 -5.02
C ALA B 10 -2.96 -8.49 -4.77
N GLY B 11 -3.87 -8.06 -3.87
CA GLY B 11 -4.03 -6.65 -3.58
C GLY B 11 -2.77 -6.11 -2.98
N PHE B 12 -2.14 -6.89 -2.06
CA PHE B 12 -0.94 -6.42 -1.42
C PHE B 12 0.22 -6.47 -2.38
N SER B 13 0.21 -7.42 -3.33
CA SER B 13 1.29 -7.48 -4.29
C SER B 13 1.27 -6.20 -5.06
N GLU B 14 0.05 -5.73 -5.42
CA GLU B 14 -0.10 -4.51 -6.15
C GLU B 14 0.32 -3.35 -5.28
N CYS B 15 -0.03 -3.38 -3.97
CA CYS B 15 0.32 -2.28 -3.10
C CYS B 15 1.81 -2.20 -2.97
N MET B 16 2.48 -3.37 -2.85
CA MET B 16 3.92 -3.39 -2.70
C MET B 16 4.57 -2.80 -3.92
N ASN B 17 4.10 -3.16 -5.13
CA ASN B 17 4.71 -2.64 -6.34
C ASN B 17 4.53 -1.15 -6.42
N GLU B 18 3.33 -0.63 -6.07
CA GLU B 18 3.09 0.80 -6.13
C GLU B 18 3.88 1.50 -5.07
N VAL B 19 3.95 0.89 -3.87
CA VAL B 19 4.68 1.48 -2.77
C VAL B 19 6.14 1.54 -3.12
N THR B 20 6.66 0.47 -3.76
CA THR B 20 8.06 0.42 -4.14
C THR B 20 8.35 1.56 -5.08
N ARG B 21 7.44 1.87 -6.02
CA ARG B 21 7.65 2.94 -6.95
C ARG B 21 7.74 4.24 -6.19
N PHE B 22 6.90 4.43 -5.16
CA PHE B 22 6.95 5.66 -4.42
C PHE B 22 8.24 5.72 -3.64
N LEU B 23 8.65 4.57 -3.08
CA LEU B 23 9.87 4.51 -2.32
C LEU B 23 11.06 4.86 -3.18
N SER B 24 11.07 4.40 -4.44
CA SER B 24 12.19 4.68 -5.32
C SER B 24 12.14 6.13 -5.70
N THR B 25 11.02 6.79 -5.38
CA THR B 25 10.86 8.18 -5.71
C THR B 25 11.44 9.00 -4.59
N CYS B 26 11.21 8.56 -3.33
CA CYS B 26 11.71 9.31 -2.19
C CYS B 26 13.21 9.10 -2.14
N GLU B 27 13.96 10.22 -1.98
CA GLU B 27 15.40 10.12 -1.91
C GLU B 27 15.84 10.14 -0.47
N GLY B 28 15.03 10.76 0.43
CA GLY B 28 15.41 10.83 1.82
C GLY B 28 15.46 9.44 2.39
N VAL B 29 14.37 8.66 2.18
CA VAL B 29 14.27 7.28 2.64
C VAL B 29 14.91 7.09 3.99
N ASN B 30 14.18 7.43 5.06
CA ASN B 30 14.70 7.22 6.38
C ASN B 30 14.62 5.75 6.58
N THR B 31 15.65 5.18 7.24
CA THR B 31 15.69 3.76 7.48
C THR B 31 14.47 3.41 8.28
N GLU B 32 14.08 4.33 9.19
CA GLU B 32 12.94 4.08 10.03
C GLU B 32 11.67 4.06 9.23
N VAL B 33 11.52 4.98 8.25
CA VAL B 33 10.30 5.02 7.48
C VAL B 33 10.29 3.87 6.52
N ARG B 34 11.46 3.58 5.90
CA ARG B 34 11.54 2.50 4.93
C ARG B 34 11.22 1.19 5.60
N THR B 35 11.74 0.97 6.82
CA THR B 35 11.50 -0.27 7.53
C THR B 35 10.02 -0.42 7.79
N ARG B 36 9.37 0.66 8.26
CA ARG B 36 7.95 0.59 8.56
C ARG B 36 7.16 0.41 7.29
N LEU B 37 7.55 1.11 6.21
CA LEU B 37 6.82 1.06 4.95
C LEU B 37 6.87 -0.32 4.36
N LEU B 38 8.06 -0.76 3.94
CA LEU B 38 8.19 -2.02 3.28
C LEU B 38 7.98 -3.14 4.25
N GLY B 39 8.49 -2.99 5.50
CA GLY B 39 8.37 -4.03 6.49
C GLY B 39 6.92 -4.32 6.78
N HIS B 40 6.07 -3.28 6.87
CA HIS B 40 4.68 -3.50 7.17
C HIS B 40 4.05 -4.30 6.07
N LEU B 41 4.29 -3.93 4.80
CA LEU B 41 3.70 -4.66 3.69
C LEU B 41 4.23 -6.06 3.71
N ALA B 42 5.54 -6.21 4.00
CA ALA B 42 6.15 -7.52 4.05
C ALA B 42 5.51 -8.30 5.15
N ASN B 43 5.22 -7.64 6.29
CA ASN B 43 4.61 -8.32 7.41
C ASN B 43 3.24 -8.84 6.99
N CYS B 44 2.48 -8.01 6.24
CA CYS B 44 1.17 -8.44 5.82
C CYS B 44 1.28 -9.59 4.86
N MET B 45 2.28 -9.55 3.95
CA MET B 45 2.45 -10.60 2.97
C MET B 45 2.89 -11.85 3.69
N THR B 46 3.81 -11.66 4.65
CA THR B 46 4.33 -12.77 5.42
C THR B 46 3.23 -13.40 6.22
N GLN B 47 2.31 -12.58 6.76
CA GLN B 47 1.21 -13.09 7.56
C GLN B 47 0.37 -14.03 6.74
N ILE B 48 0.15 -13.69 5.44
CA ILE B 48 -0.66 -14.56 4.60
C ILE B 48 0.01 -15.94 4.53
N ASP A 1 -19.43 -13.39 2.41
CA ASP A 1 -18.93 -12.53 1.30
C ASP A 1 -18.43 -11.19 1.80
N PRO A 2 -19.23 -10.48 2.60
CA PRO A 2 -18.82 -9.17 3.14
C PRO A 2 -17.53 -9.22 3.91
N SER A 3 -17.27 -10.35 4.58
CA SER A 3 -16.06 -10.50 5.36
C SER A 3 -14.86 -10.41 4.45
N VAL A 4 -14.97 -11.02 3.25
CA VAL A 4 -13.87 -11.01 2.30
C VAL A 4 -13.58 -9.58 1.91
N LEU A 5 -14.65 -8.82 1.60
CA LEU A 5 -14.48 -7.44 1.20
C LEU A 5 -13.91 -6.65 2.35
N GLY A 6 -14.36 -6.96 3.58
CA GLY A 6 -13.89 -6.25 4.75
C GLY A 6 -12.41 -6.47 4.92
N LYS A 7 -11.92 -7.71 4.69
CA LYS A 7 -10.51 -7.99 4.85
C LYS A 7 -9.71 -7.20 3.84
N TYR A 8 -10.22 -7.12 2.60
CA TYR A 8 -9.53 -6.39 1.55
C TYR A 8 -9.56 -4.93 1.90
N ARG A 9 -10.71 -4.44 2.40
CA ARG A 9 -10.86 -3.04 2.76
C ARG A 9 -9.91 -2.73 3.88
N ALA A 10 -9.76 -3.66 4.84
CA ALA A 10 -8.86 -3.44 5.96
C ALA A 10 -7.47 -3.25 5.44
N GLY A 11 -7.05 -4.10 4.47
CA GLY A 11 -5.72 -3.99 3.91
C GLY A 11 -5.57 -2.66 3.23
N PHE A 12 -6.62 -2.24 2.50
CA PHE A 12 -6.59 -0.99 1.79
C PHE A 12 -6.44 0.15 2.77
N SER A 13 -7.26 0.17 3.84
CA SER A 13 -7.23 1.26 4.80
C SER A 13 -5.87 1.33 5.44
N GLU A 14 -5.29 0.16 5.79
CA GLU A 14 -4.00 0.15 6.41
C GLU A 14 -2.95 0.62 5.44
N CYS A 15 -3.06 0.23 4.15
CA CYS A 15 -2.05 0.61 3.19
C CYS A 15 -2.11 2.08 2.96
N MET A 16 -3.32 2.64 2.83
CA MET A 16 -3.44 4.05 2.55
C MET A 16 -2.91 4.85 3.70
N ASN A 17 -3.29 4.51 4.95
CA ASN A 17 -2.85 5.29 6.09
C ASN A 17 -1.35 5.17 6.27
N GLU A 18 -0.79 3.96 6.10
CA GLU A 18 0.63 3.78 6.31
C GLU A 18 1.40 4.43 5.19
N VAL A 19 0.97 4.22 3.94
CA VAL A 19 1.70 4.75 2.82
C VAL A 19 1.62 6.26 2.83
N THR A 20 0.46 6.83 3.23
CA THR A 20 0.34 8.27 3.25
C THR A 20 1.38 8.84 4.16
N ARG A 21 1.59 8.23 5.35
CA ARG A 21 2.60 8.70 6.26
C ARG A 21 3.96 8.55 5.66
N PHE A 22 4.18 7.47 4.89
CA PHE A 22 5.48 7.24 4.31
C PHE A 22 5.74 8.26 3.23
N LEU A 23 4.71 8.63 2.44
CA LEU A 23 4.92 9.60 1.39
C LEU A 23 4.91 10.99 1.97
N SER A 24 4.38 11.15 3.22
CA SER A 24 4.35 12.46 3.83
C SER A 24 5.73 12.75 4.32
N THR A 25 6.55 11.69 4.44
CA THR A 25 7.91 11.84 4.89
C THR A 25 8.67 12.52 3.80
N CYS A 26 8.36 12.15 2.54
CA CYS A 26 9.01 12.72 1.40
C CYS A 26 8.66 14.18 1.36
N GLU A 27 9.70 15.05 1.23
CA GLU A 27 9.45 16.48 1.19
C GLU A 27 9.29 16.91 -0.24
N GLY A 28 9.45 15.96 -1.19
CA GLY A 28 9.28 16.30 -2.59
C GLY A 28 7.87 16.02 -2.96
N VAL A 29 7.55 14.71 -3.18
CA VAL A 29 6.21 14.30 -3.53
C VAL A 29 5.86 14.86 -4.87
N ASN A 30 6.15 14.08 -5.93
CA ASN A 30 5.82 14.51 -7.25
C ASN A 30 4.33 14.43 -7.35
N THR A 31 3.72 15.37 -8.09
CA THR A 31 2.29 15.38 -8.25
C THR A 31 1.90 14.06 -8.85
N GLU A 32 2.77 13.53 -9.74
CA GLU A 32 2.49 12.28 -10.38
C GLU A 32 2.47 11.16 -9.37
N VAL A 33 3.43 11.17 -8.41
CA VAL A 33 3.49 10.11 -7.44
C VAL A 33 2.31 10.22 -6.51
N ARG A 34 1.98 11.46 -6.07
CA ARG A 34 0.87 11.66 -5.16
C ARG A 34 -0.41 11.23 -5.83
N THR A 35 -0.60 11.63 -7.11
CA THR A 35 -1.81 11.30 -7.83
C THR A 35 -1.92 9.81 -7.99
N ARG A 36 -0.83 9.15 -8.40
CA ARG A 36 -0.86 7.72 -8.61
C ARG A 36 -1.02 7.00 -7.30
N LEU A 37 -0.38 7.50 -6.21
CA LEU A 37 -0.44 6.84 -4.94
C LEU A 37 -1.85 6.76 -4.44
N LEU A 38 -2.57 7.89 -4.42
CA LEU A 38 -3.90 7.87 -3.90
C LEU A 38 -4.85 7.40 -4.95
N GLY A 39 -4.57 7.72 -6.23
CA GLY A 39 -5.46 7.32 -7.30
C GLY A 39 -5.49 5.82 -7.43
N HIS A 40 -4.30 5.16 -7.35
CA HIS A 40 -4.26 3.72 -7.52
C HIS A 40 -4.88 3.05 -6.33
N LEU A 41 -4.62 3.58 -5.12
CA LEU A 41 -5.20 2.99 -3.94
C LEU A 41 -6.70 3.20 -4.01
N ALA A 42 -7.11 4.38 -4.51
CA ALA A 42 -8.53 4.68 -4.66
C ALA A 42 -9.12 3.71 -5.62
N ASN A 43 -8.38 3.34 -6.68
CA ASN A 43 -8.90 2.39 -7.65
C ASN A 43 -9.14 1.08 -6.93
N CYS A 44 -8.25 0.70 -5.99
CA CYS A 44 -8.42 -0.54 -5.27
C CYS A 44 -9.67 -0.44 -4.43
N MET A 45 -9.91 0.74 -3.82
CA MET A 45 -11.07 0.92 -2.97
C MET A 45 -12.29 0.92 -3.84
N THR A 46 -12.16 1.54 -5.03
CA THR A 46 -13.24 1.62 -5.99
C THR A 46 -13.67 0.23 -6.39
N GLN A 47 -12.69 -0.69 -6.56
CA GLN A 47 -13.02 -2.04 -6.96
C GLN A 47 -13.88 -2.69 -5.90
N ILE A 48 -13.62 -2.40 -4.61
CA ILE A 48 -14.41 -2.98 -3.54
C ILE A 48 -15.88 -2.59 -3.75
N ASP B 1 -11.77 -20.57 -0.96
CA ASP B 1 -10.91 -19.96 0.09
C ASP B 1 -9.63 -19.37 -0.50
N PRO B 2 -8.90 -20.14 -1.30
CA PRO B 2 -7.66 -19.64 -1.90
C PRO B 2 -7.84 -18.40 -2.73
N SER B 3 -9.02 -18.26 -3.36
CA SER B 3 -9.31 -17.11 -4.19
C SER B 3 -9.29 -15.87 -3.33
N VAL B 4 -9.82 -15.98 -2.09
CA VAL B 4 -9.86 -14.83 -1.20
C VAL B 4 -8.46 -14.41 -0.88
N LEU B 5 -7.59 -15.39 -0.57
CA LEU B 5 -6.21 -15.09 -0.24
C LEU B 5 -5.54 -14.51 -1.45
N GLY B 6 -5.85 -15.04 -2.64
CA GLY B 6 -5.24 -14.56 -3.86
C GLY B 6 -5.58 -13.12 -4.09
N LYS B 7 -6.85 -12.72 -3.83
CA LYS B 7 -7.26 -11.35 -4.03
C LYS B 7 -6.50 -10.45 -3.08
N TYR B 8 -6.32 -10.89 -1.83
CA TYR B 8 -5.61 -10.08 -0.85
C TYR B 8 -4.17 -10.01 -1.26
N ARG B 9 -3.61 -11.15 -1.74
CA ARG B 9 -2.22 -11.20 -2.15
C ARG B 9 -2.04 -10.27 -3.33
N ALA B 10 -3.02 -10.24 -4.25
CA ALA B 10 -2.92 -9.39 -5.41
C ALA B 10 -2.83 -7.95 -4.97
N GLY B 11 -3.66 -7.56 -3.97
CA GLY B 11 -3.66 -6.21 -3.48
C GLY B 11 -2.31 -5.91 -2.87
N PHE B 12 -1.78 -6.90 -2.10
CA PHE B 12 -0.49 -6.72 -1.47
C PHE B 12 0.59 -6.52 -2.50
N SER B 13 0.63 -7.39 -3.54
CA SER B 13 1.67 -7.31 -4.54
C SER B 13 1.59 -5.98 -5.24
N GLU B 14 0.37 -5.53 -5.55
CA GLU B 14 0.22 -4.27 -6.24
C GLU B 14 0.64 -3.13 -5.33
N CYS B 15 0.31 -3.22 -4.02
CA CYS B 15 0.64 -2.13 -3.13
C CYS B 15 2.13 -2.05 -2.96
N MET B 16 2.79 -3.21 -2.80
CA MET B 16 4.22 -3.20 -2.60
C MET B 16 4.93 -2.65 -3.81
N ASN B 17 4.57 -3.12 -5.01
CA ASN B 17 5.24 -2.67 -6.21
C ASN B 17 4.99 -1.20 -6.45
N GLU B 18 3.75 -0.73 -6.24
CA GLU B 18 3.44 0.65 -6.50
C GLU B 18 4.06 1.54 -5.45
N VAL B 19 3.94 1.14 -4.16
CA VAL B 19 4.46 1.96 -3.11
C VAL B 19 5.96 2.01 -3.19
N THR B 20 6.61 0.88 -3.57
CA THR B 20 8.06 0.87 -3.65
C THR B 20 8.51 1.93 -4.62
N ARG B 21 7.82 2.02 -5.78
CA ARG B 21 8.18 3.03 -6.77
C ARG B 21 7.93 4.40 -6.21
N PHE B 22 6.87 4.56 -5.41
CA PHE B 22 6.54 5.86 -4.87
C PHE B 22 7.59 6.27 -3.85
N LEU B 23 8.07 5.31 -3.05
CA LEU B 23 9.07 5.63 -2.04
C LEU B 23 10.43 5.71 -2.69
N SER B 24 10.58 5.15 -3.91
CA SER B 24 11.86 5.20 -4.58
C SER B 24 12.02 6.58 -5.15
N THR B 25 10.88 7.30 -5.25
CA THR B 25 10.90 8.64 -5.77
C THR B 25 11.56 9.51 -4.75
N CYS B 26 11.26 9.22 -3.45
CA CYS B 26 11.83 9.98 -2.37
C CYS B 26 13.32 9.75 -2.38
N GLU B 27 14.10 10.85 -2.33
CA GLU B 27 15.54 10.75 -2.36
C GLU B 27 16.05 10.67 -0.94
N GLY B 28 15.13 10.79 0.04
CA GLY B 28 15.53 10.73 1.43
C GLY B 28 15.39 9.31 1.88
N VAL B 29 14.14 8.90 2.16
CA VAL B 29 13.85 7.54 2.59
C VAL B 29 14.50 7.30 3.91
N ASN B 30 13.74 7.57 5.00
CA ASN B 30 14.25 7.35 6.32
C ASN B 30 14.30 5.86 6.48
N THR B 31 15.32 5.37 7.20
CA THR B 31 15.46 3.96 7.42
C THR B 31 14.21 3.48 8.10
N GLU B 32 13.64 4.35 8.97
CA GLU B 32 12.45 3.99 9.70
C GLU B 32 11.30 3.84 8.73
N VAL B 33 11.19 4.74 7.73
CA VAL B 33 10.08 4.66 6.80
C VAL B 33 10.25 3.46 5.92
N ARG B 34 11.50 3.22 5.44
CA ARG B 34 11.74 2.08 4.57
C ARG B 34 11.46 0.80 5.32
N THR B 35 11.93 0.71 6.58
CA THR B 35 11.74 -0.49 7.36
C THR B 35 10.26 -0.72 7.59
N ARG B 36 9.54 0.34 7.99
CA ARG B 36 8.12 0.19 8.26
C ARG B 36 7.35 -0.09 6.99
N LEU B 37 7.76 0.54 5.88
CA LEU B 37 7.06 0.37 4.63
C LEU B 37 7.07 -1.07 4.20
N LEU B 38 8.27 -1.68 4.15
CA LEU B 38 8.33 -3.04 3.68
C LEU B 38 7.99 -3.98 4.81
N GLY B 39 8.33 -3.61 6.06
CA GLY B 39 8.06 -4.48 7.17
C GLY B 39 6.58 -4.63 7.38
N HIS B 40 5.82 -3.51 7.28
CA HIS B 40 4.38 -3.58 7.51
C HIS B 40 3.73 -4.30 6.39
N LEU B 41 4.16 -4.06 5.14
CA LEU B 41 3.58 -4.74 4.01
C LEU B 41 3.93 -6.21 4.13
N ALA B 42 5.16 -6.51 4.60
CA ALA B 42 5.59 -7.87 4.79
C ALA B 42 4.71 -8.51 5.83
N ASN B 43 4.32 -7.75 6.87
CA ASN B 43 3.47 -8.30 7.90
C ASN B 43 2.16 -8.70 7.26
N CYS B 44 1.66 -7.88 6.30
CA CYS B 44 0.41 -8.18 5.64
C CYS B 44 0.57 -9.46 4.85
N MET B 45 1.75 -9.63 4.19
CA MET B 45 2.00 -10.80 3.39
C MET B 45 2.13 -11.98 4.32
N THR B 46 2.78 -11.73 5.46
CA THR B 46 3.00 -12.77 6.45
C THR B 46 1.67 -13.29 6.94
N GLN B 47 0.67 -12.39 7.12
CA GLN B 47 -0.63 -12.81 7.59
C GLN B 47 -1.24 -13.77 6.60
N ILE B 48 -1.03 -13.54 5.29
CA ILE B 48 -1.59 -14.43 4.29
C ILE B 48 -1.06 -15.85 4.54
N ASP A 1 -19.78 -13.46 1.65
CA ASP A 1 -19.48 -12.66 0.42
C ASP A 1 -18.96 -11.28 0.77
N PRO A 2 -19.72 -10.48 1.50
CA PRO A 2 -19.27 -9.13 1.86
C PRO A 2 -18.13 -9.14 2.83
N SER A 3 -17.98 -10.25 3.59
CA SER A 3 -16.91 -10.35 4.55
C SER A 3 -15.59 -10.34 3.81
N VAL A 4 -15.55 -11.04 2.66
CA VAL A 4 -14.33 -11.10 1.87
C VAL A 4 -13.99 -9.72 1.39
N LEU A 5 -15.01 -8.98 0.90
CA LEU A 5 -14.79 -7.64 0.41
C LEU A 5 -14.33 -6.77 1.53
N GLY A 6 -14.91 -6.96 2.73
CA GLY A 6 -14.56 -6.15 3.88
C GLY A 6 -13.12 -6.38 4.23
N LYS A 7 -12.65 -7.64 4.17
CA LYS A 7 -11.27 -7.94 4.49
C LYS A 7 -10.36 -7.28 3.48
N TYR A 8 -10.76 -7.30 2.20
CA TYR A 8 -9.96 -6.70 1.16
C TYR A 8 -9.85 -5.22 1.42
N ARG A 9 -10.99 -4.56 1.72
CA ARG A 9 -11.00 -3.14 1.97
C ARG A 9 -10.20 -2.84 3.21
N ALA A 10 -10.32 -3.72 4.22
CA ALA A 10 -9.61 -3.52 5.47
C ALA A 10 -8.14 -3.53 5.20
N GLY A 11 -7.67 -4.45 4.34
CA GLY A 11 -6.26 -4.54 4.03
C GLY A 11 -5.81 -3.26 3.38
N PHE A 12 -6.63 -2.71 2.47
CA PHE A 12 -6.26 -1.49 1.79
C PHE A 12 -6.32 -0.33 2.74
N SER A 13 -7.25 -0.35 3.70
CA SER A 13 -7.33 0.73 4.66
C SER A 13 -6.03 0.77 5.40
N GLU A 14 -5.50 -0.43 5.74
CA GLU A 14 -4.26 -0.53 6.44
C GLU A 14 -3.14 -0.07 5.54
N CYS A 15 -3.20 -0.43 4.22
CA CYS A 15 -2.16 -0.03 3.31
C CYS A 15 -2.14 1.47 3.20
N MET A 16 -3.34 2.09 3.16
CA MET A 16 -3.44 3.53 3.02
C MET A 16 -2.74 4.21 4.18
N ASN A 17 -2.94 3.71 5.42
CA ASN A 17 -2.32 4.34 6.56
C ASN A 17 -0.81 4.26 6.45
N GLU A 18 -0.28 3.09 6.03
CA GLU A 18 1.17 2.94 5.93
C GLU A 18 1.70 3.77 4.80
N VAL A 19 0.96 3.78 3.67
CA VAL A 19 1.38 4.52 2.50
C VAL A 19 1.39 5.98 2.83
N THR A 20 0.37 6.43 3.59
CA THR A 20 0.28 7.83 3.97
C THR A 20 1.47 8.21 4.80
N ARG A 21 1.92 7.32 5.69
CA ARG A 21 3.05 7.62 6.55
C ARG A 21 4.28 7.86 5.72
N PHE A 22 4.49 7.10 4.64
CA PHE A 22 5.68 7.26 3.84
C PHE A 22 5.69 8.64 3.21
N LEU A 23 4.57 9.04 2.57
CA LEU A 23 4.53 10.33 1.90
C LEU A 23 4.46 11.45 2.91
N SER A 24 4.07 11.15 4.16
CA SER A 24 3.96 12.20 5.15
C SER A 24 5.34 12.51 5.65
N THR A 25 6.31 11.66 5.25
CA THR A 25 7.67 11.84 5.69
C THR A 25 8.46 12.35 4.53
N CYS A 26 8.00 12.05 3.30
CA CYS A 26 8.75 12.46 2.14
C CYS A 26 7.97 13.51 1.40
N GLU A 27 8.56 14.71 1.27
CA GLU A 27 7.91 15.78 0.57
C GLU A 27 8.95 16.44 -0.30
N GLY A 28 8.62 16.67 -1.58
CA GLY A 28 9.56 17.32 -2.47
C GLY A 28 9.06 17.14 -3.86
N VAL A 29 9.28 15.94 -4.43
CA VAL A 29 8.82 15.66 -5.76
C VAL A 29 7.86 14.53 -5.63
N ASN A 30 6.71 14.84 -5.00
CA ASN A 30 5.72 13.84 -4.80
C ASN A 30 4.40 14.47 -5.00
N THR A 31 4.35 15.63 -5.66
CA THR A 31 3.06 16.25 -5.90
C THR A 31 2.35 15.40 -6.90
N GLU A 32 3.10 14.99 -7.95
CA GLU A 32 2.53 14.17 -8.98
C GLU A 32 2.57 12.75 -8.50
N VAL A 33 3.59 12.40 -7.69
CA VAL A 33 3.70 11.04 -7.22
C VAL A 33 2.58 10.78 -6.24
N ARG A 34 2.28 11.75 -5.34
CA ARG A 34 1.23 11.57 -4.35
C ARG A 34 -0.09 11.42 -5.05
N THR A 35 -0.33 12.20 -6.12
CA THR A 35 -1.59 12.12 -6.83
C THR A 35 -1.78 10.71 -7.34
N ARG A 36 -0.72 10.15 -7.97
CA ARG A 36 -0.81 8.80 -8.50
C ARG A 36 -0.85 7.82 -7.36
N LEU A 37 -0.10 8.09 -6.27
CA LEU A 37 -0.01 7.19 -5.14
C LEU A 37 -1.36 7.01 -4.53
N LEU A 38 -2.06 8.12 -4.23
CA LEU A 38 -3.34 8.02 -3.60
C LEU A 38 -4.39 7.62 -4.60
N GLY A 39 -4.33 8.18 -5.82
CA GLY A 39 -5.32 7.89 -6.82
C GLY A 39 -5.29 6.44 -7.20
N HIS A 40 -4.09 5.87 -7.40
CA HIS A 40 -4.00 4.49 -7.83
C HIS A 40 -4.36 3.59 -6.69
N LEU A 41 -3.95 3.94 -5.46
CA LEU A 41 -4.25 3.11 -4.32
C LEU A 41 -5.75 3.11 -4.12
N ALA A 42 -6.37 4.29 -4.24
CA ALA A 42 -7.81 4.40 -4.09
C ALA A 42 -8.46 3.63 -5.20
N ASN A 43 -7.91 3.72 -6.42
CA ASN A 43 -8.49 3.01 -7.54
C ASN A 43 -8.41 1.53 -7.29
N CYS A 44 -7.28 1.05 -6.71
CA CYS A 44 -7.13 -0.36 -6.47
C CYS A 44 -8.12 -0.80 -5.44
N MET A 45 -8.35 0.03 -4.41
CA MET A 45 -9.27 -0.33 -3.35
C MET A 45 -10.66 -0.28 -3.91
N THR A 46 -10.94 0.76 -4.71
CA THR A 46 -12.24 0.93 -5.30
C THR A 46 -12.56 -0.21 -6.24
N GLN A 47 -11.59 -0.58 -7.12
CA GLN A 47 -11.81 -1.65 -8.07
C GLN A 47 -11.96 -2.96 -7.34
N ILE A 48 -11.15 -3.17 -6.27
CA ILE A 48 -11.19 -4.40 -5.50
C ILE A 48 -10.65 -5.53 -6.41
N ASP B 1 -11.77 -20.88 -0.18
CA ASP B 1 -10.95 -20.47 1.00
C ASP B 1 -9.64 -19.84 0.56
N PRO B 2 -8.80 -20.57 -0.18
CA PRO B 2 -7.53 -20.03 -0.62
C PRO B 2 -7.67 -18.94 -1.64
N SER B 3 -8.82 -18.91 -2.35
CA SER B 3 -9.06 -17.90 -3.35
C SER B 3 -9.12 -16.56 -2.67
N VAL B 4 -9.76 -16.52 -1.48
CA VAL B 4 -9.90 -15.27 -0.75
C VAL B 4 -8.54 -14.80 -0.35
N LEU B 5 -7.69 -15.73 0.14
CA LEU B 5 -6.36 -15.38 0.57
C LEU B 5 -5.57 -14.90 -0.61
N GLY B 6 -5.76 -15.55 -1.77
CA GLY B 6 -5.04 -15.18 -2.97
C GLY B 6 -5.40 -13.78 -3.38
N LYS B 7 -6.70 -13.42 -3.27
CA LYS B 7 -7.13 -12.09 -3.64
C LYS B 7 -6.51 -11.09 -2.70
N TYR B 8 -6.43 -11.42 -1.40
CA TYR B 8 -5.87 -10.52 -0.42
C TYR B 8 -4.41 -10.30 -0.75
N ARG B 9 -3.68 -11.40 -1.03
CA ARG B 9 -2.27 -11.30 -1.35
C ARG B 9 -2.09 -10.55 -2.64
N ALA B 10 -3.00 -10.78 -3.60
CA ALA B 10 -2.91 -10.12 -4.89
C ALA B 10 -3.04 -8.63 -4.69
N GLY B 11 -3.96 -8.21 -3.80
CA GLY B 11 -4.16 -6.80 -3.54
C GLY B 11 -2.90 -6.20 -2.98
N PHE B 12 -2.23 -6.94 -2.06
CA PHE B 12 -1.02 -6.43 -1.45
C PHE B 12 0.10 -6.44 -2.44
N SER B 13 0.11 -7.42 -3.38
CA SER B 13 1.16 -7.45 -4.37
C SER B 13 1.05 -6.18 -5.18
N GLU B 14 -0.21 -5.79 -5.47
CA GLU B 14 -0.44 -4.57 -6.23
C GLU B 14 -0.04 -3.39 -5.39
N CYS B 15 -0.33 -3.41 -4.06
CA CYS B 15 0.02 -2.30 -3.21
C CYS B 15 1.51 -2.16 -3.17
N MET B 16 2.23 -3.29 -3.12
CA MET B 16 3.67 -3.26 -3.03
C MET B 16 4.24 -2.56 -4.24
N ASN B 17 3.71 -2.86 -5.45
CA ASN B 17 4.24 -2.24 -6.65
C ASN B 17 4.03 -0.74 -6.60
N GLU B 18 2.84 -0.28 -6.15
CA GLU B 18 2.57 1.14 -6.11
C GLU B 18 3.40 1.78 -5.04
N VAL B 19 3.52 1.11 -3.88
CA VAL B 19 4.27 1.64 -2.77
C VAL B 19 5.71 1.76 -3.17
N THR B 20 6.22 0.75 -3.90
CA THR B 20 7.60 0.75 -4.35
C THR B 20 7.84 1.94 -5.24
N ARG B 21 6.88 2.27 -6.11
CA ARG B 21 7.04 3.37 -7.03
C ARG B 21 7.21 4.66 -6.27
N PHE B 22 6.47 4.85 -5.15
CA PHE B 22 6.57 6.09 -4.42
C PHE B 22 7.97 6.24 -3.84
N LEU B 23 8.50 5.20 -3.18
CA LEU B 23 9.81 5.29 -2.57
C LEU B 23 10.89 5.26 -3.62
N SER B 24 10.58 4.80 -4.84
CA SER B 24 11.59 4.73 -5.88
C SER B 24 11.75 6.11 -6.45
N THR B 25 10.84 7.02 -6.05
CA THR B 25 10.88 8.36 -6.56
C THR B 25 11.38 9.25 -5.46
N CYS B 26 11.17 8.83 -4.19
CA CYS B 26 11.55 9.66 -3.08
C CYS B 26 12.69 9.01 -2.36
N GLU B 27 13.85 9.70 -2.32
CA GLU B 27 15.00 9.17 -1.63
C GLU B 27 15.61 10.30 -0.85
N GLY B 28 15.92 10.06 0.43
CA GLY B 28 16.52 11.09 1.24
C GLY B 28 16.45 10.63 2.67
N VAL B 29 15.26 10.77 3.28
CA VAL B 29 15.07 10.37 4.65
C VAL B 29 14.04 9.31 4.61
N ASN B 30 14.40 8.16 4.01
CA ASN B 30 13.48 7.09 3.90
C ASN B 30 14.24 5.82 4.13
N THR B 31 15.43 5.89 4.73
CA THR B 31 16.17 4.69 4.99
C THR B 31 15.42 3.96 6.07
N GLU B 32 14.99 4.71 7.10
CA GLU B 32 14.27 4.13 8.19
C GLU B 32 12.84 4.01 7.78
N VAL B 33 12.37 4.97 6.95
CA VAL B 33 10.98 4.95 6.54
C VAL B 33 10.78 3.76 5.62
N ARG B 34 11.74 3.50 4.69
CA ARG B 34 11.60 2.40 3.76
C ARG B 34 11.59 1.10 4.51
N THR B 35 12.43 0.99 5.56
CA THR B 35 12.48 -0.25 6.31
C THR B 35 11.12 -0.53 6.90
N ARG B 36 10.50 0.50 7.51
CA ARG B 36 9.19 0.33 8.10
C ARG B 36 8.16 0.15 7.01
N LEU B 37 8.33 0.87 5.89
CA LEU B 37 7.38 0.84 4.80
C LEU B 37 7.28 -0.56 4.25
N LEU B 38 8.44 -1.17 3.93
CA LEU B 38 8.42 -2.48 3.35
C LEU B 38 8.16 -3.52 4.41
N GLY B 39 8.76 -3.35 5.60
CA GLY B 39 8.60 -4.32 6.66
C GLY B 39 7.17 -4.40 7.11
N HIS B 40 6.51 -3.24 7.29
CA HIS B 40 5.14 -3.24 7.77
C HIS B 40 4.22 -3.73 6.69
N LEU B 41 4.49 -3.35 5.42
CA LEU B 41 3.63 -3.77 4.34
C LEU B 41 3.76 -5.27 4.21
N ALA B 42 5.01 -5.79 4.30
CA ALA B 42 5.22 -7.21 4.20
C ALA B 42 4.56 -7.88 5.37
N ASN B 43 4.65 -7.26 6.57
CA ASN B 43 4.05 -7.85 7.74
C ASN B 43 2.55 -7.90 7.56
N CYS B 44 1.96 -6.84 6.95
CA CYS B 44 0.52 -6.81 6.78
C CYS B 44 0.12 -7.90 5.81
N MET B 45 0.93 -8.10 4.75
CA MET B 45 0.61 -9.10 3.76
C MET B 45 0.80 -10.45 4.36
N THR B 46 1.89 -10.60 5.13
CA THR B 46 2.21 -11.87 5.77
C THR B 46 1.13 -12.22 6.77
N GLN B 47 0.72 -11.25 7.62
CA GLN B 47 -0.29 -11.53 8.62
C GLN B 47 -1.62 -11.81 7.96
N ILE B 48 -1.93 -11.07 6.88
CA ILE B 48 -3.18 -11.25 6.18
C ILE B 48 -4.32 -10.77 7.09
N ASP A 1 -18.16 -12.50 -1.02
CA ASP A 1 -18.93 -12.28 0.24
C ASP A 1 -18.53 -10.96 0.86
N PRO A 2 -19.44 -10.39 1.64
CA PRO A 2 -19.20 -9.11 2.30
C PRO A 2 -17.99 -9.12 3.19
N SER A 3 -17.74 -10.26 3.88
CA SER A 3 -16.60 -10.35 4.76
C SER A 3 -15.34 -10.30 3.96
N VAL A 4 -15.34 -10.93 2.76
CA VAL A 4 -14.16 -10.94 1.93
C VAL A 4 -13.92 -9.54 1.44
N LEU A 5 -15.00 -8.85 1.02
CA LEU A 5 -14.88 -7.50 0.53
C LEU A 5 -14.36 -6.61 1.63
N GLY A 6 -14.93 -6.76 2.85
CA GLY A 6 -14.51 -5.95 3.97
C GLY A 6 -13.08 -6.22 4.30
N LYS A 7 -12.66 -7.50 4.23
CA LYS A 7 -11.29 -7.86 4.56
C LYS A 7 -10.35 -7.20 3.58
N TYR A 8 -10.70 -7.23 2.27
CA TYR A 8 -9.84 -6.64 1.26
C TYR A 8 -9.73 -5.16 1.52
N ARG A 9 -10.88 -4.49 1.78
CA ARG A 9 -10.89 -3.07 2.02
C ARG A 9 -10.13 -2.76 3.28
N ALA A 10 -10.26 -3.64 4.30
CA ALA A 10 -9.59 -3.43 5.56
C ALA A 10 -8.11 -3.38 5.34
N GLY A 11 -7.58 -4.27 4.48
CA GLY A 11 -6.16 -4.29 4.21
C GLY A 11 -5.75 -3.00 3.57
N PHE A 12 -6.57 -2.48 2.64
CA PHE A 12 -6.22 -1.25 1.96
C PHE A 12 -6.40 -0.08 2.87
N SER A 13 -7.31 -0.17 3.87
CA SER A 13 -7.48 0.93 4.79
C SER A 13 -6.17 1.09 5.51
N GLU A 14 -5.55 -0.05 5.90
CA GLU A 14 -4.29 -0.03 6.58
C GLU A 14 -3.24 0.48 5.62
N CYS A 15 -3.34 0.09 4.32
CA CYS A 15 -2.38 0.49 3.34
C CYS A 15 -2.39 1.99 3.22
N MET A 16 -3.58 2.60 3.15
CA MET A 16 -3.67 4.04 2.99
C MET A 16 -2.98 4.72 4.13
N ASN A 17 -3.22 4.25 5.38
CA ASN A 17 -2.58 4.90 6.52
C ASN A 17 -1.08 4.74 6.44
N GLU A 18 -0.58 3.54 6.11
CA GLU A 18 0.86 3.32 6.05
C GLU A 18 1.47 4.14 4.94
N VAL A 19 0.81 4.15 3.78
CA VAL A 19 1.30 4.88 2.63
C VAL A 19 1.31 6.35 2.95
N THR A 20 0.28 6.83 3.66
CA THR A 20 0.20 8.25 4.00
C THR A 20 1.41 8.62 4.82
N ARG A 21 1.81 7.75 5.77
CA ARG A 21 2.96 8.04 6.60
C ARG A 21 4.19 8.13 5.75
N PHE A 22 4.33 7.27 4.72
CA PHE A 22 5.52 7.32 3.90
C PHE A 22 5.49 8.59 3.09
N LEU A 23 4.31 8.96 2.56
CA LEU A 23 4.18 10.16 1.78
C LEU A 23 4.50 11.37 2.61
N SER A 24 4.06 11.36 3.89
CA SER A 24 4.28 12.51 4.75
C SER A 24 5.74 12.57 5.06
N THR A 25 6.45 11.46 4.80
CA THR A 25 7.86 11.40 5.08
C THR A 25 8.58 12.03 3.92
N CYS A 26 8.07 11.83 2.69
CA CYS A 26 8.71 12.38 1.51
C CYS A 26 8.49 13.86 1.53
N GLU A 27 9.59 14.64 1.38
CA GLU A 27 9.50 16.08 1.39
C GLU A 27 9.32 16.58 -0.02
N GLY A 28 9.35 15.66 -1.02
CA GLY A 28 9.19 16.07 -2.40
C GLY A 28 7.75 15.89 -2.73
N VAL A 29 7.39 14.65 -3.17
CA VAL A 29 6.02 14.33 -3.51
C VAL A 29 5.60 15.12 -4.71
N ASN A 30 5.84 14.53 -5.90
CA ASN A 30 5.44 15.16 -7.12
C ASN A 30 3.95 15.00 -7.17
N THR A 31 3.24 16.00 -7.72
CA THR A 31 1.81 15.93 -7.80
C THR A 31 1.47 14.71 -8.61
N GLU A 32 2.30 14.41 -9.62
CA GLU A 32 2.05 13.28 -10.47
C GLU A 32 2.20 12.00 -9.69
N VAL A 33 3.23 11.91 -8.81
CA VAL A 33 3.45 10.71 -8.05
C VAL A 33 2.38 10.59 -7.00
N ARG A 34 2.02 11.73 -6.36
CA ARG A 34 1.02 11.72 -5.32
C ARG A 34 -0.29 11.24 -5.89
N THR A 35 -0.64 11.75 -7.10
CA THR A 35 -1.88 11.37 -7.73
C THR A 35 -1.87 9.90 -8.02
N ARG A 36 -0.73 9.39 -8.53
CA ARG A 36 -0.61 7.99 -8.87
C ARG A 36 -0.68 7.16 -7.60
N LEU A 37 -0.04 7.65 -6.52
CA LEU A 37 0.02 6.91 -5.26
C LEU A 37 -1.36 6.77 -4.67
N LEU A 38 -2.00 7.92 -4.35
CA LEU A 38 -3.29 7.89 -3.72
C LEU A 38 -4.32 7.40 -4.70
N GLY A 39 -4.19 7.80 -5.98
CA GLY A 39 -5.15 7.39 -6.98
C GLY A 39 -5.15 5.90 -7.13
N HIS A 40 -3.96 5.26 -7.08
CA HIS A 40 -3.89 3.83 -7.24
C HIS A 40 -4.62 3.14 -6.12
N LEU A 41 -4.38 3.58 -4.86
CA LEU A 41 -5.04 2.95 -3.74
C LEU A 41 -6.52 3.21 -3.86
N ALA A 42 -6.89 4.45 -4.27
CA ALA A 42 -8.29 4.78 -4.42
C ALA A 42 -8.89 3.92 -5.49
N ASN A 43 -8.14 3.69 -6.59
CA ASN A 43 -8.66 2.88 -7.67
C ASN A 43 -8.88 1.47 -7.16
N CYS A 44 -7.96 0.96 -6.32
CA CYS A 44 -8.10 -0.38 -5.83
C CYS A 44 -9.32 -0.48 -4.95
N MET A 45 -9.56 0.54 -4.11
CA MET A 45 -10.70 0.53 -3.22
C MET A 45 -11.95 0.72 -4.02
N THR A 46 -11.87 1.62 -5.02
CA THR A 46 -13.01 1.89 -5.86
C THR A 46 -13.40 0.65 -6.63
N GLN A 47 -12.41 -0.05 -7.24
CA GLN A 47 -12.71 -1.23 -8.01
C GLN A 47 -13.19 -2.33 -7.09
N ILE A 48 -12.57 -2.46 -5.91
CA ILE A 48 -12.96 -3.49 -4.99
C ILE A 48 -13.56 -2.82 -3.74
N ASP B 1 -10.85 -19.08 2.36
CA ASP B 1 -10.62 -19.88 1.14
C ASP B 1 -9.36 -19.41 0.44
N PRO B 2 -8.76 -20.30 -0.33
CA PRO B 2 -7.53 -19.99 -1.07
C PRO B 2 -7.67 -18.82 -2.00
N SER B 3 -8.86 -18.69 -2.64
CA SER B 3 -9.09 -17.61 -3.58
C SER B 3 -9.11 -16.31 -2.82
N VAL B 4 -9.68 -16.31 -1.61
CA VAL B 4 -9.76 -15.10 -0.82
C VAL B 4 -8.37 -14.71 -0.41
N LEU B 5 -7.57 -15.71 0.01
CA LEU B 5 -6.21 -15.46 0.45
C LEU B 5 -5.42 -14.92 -0.71
N GLY B 6 -5.57 -15.56 -1.89
CA GLY B 6 -4.84 -15.13 -3.07
C GLY B 6 -5.25 -13.73 -3.45
N LYS B 7 -6.57 -13.42 -3.34
CA LYS B 7 -7.05 -12.10 -3.70
C LYS B 7 -6.43 -11.06 -2.80
N TYR B 8 -6.38 -11.35 -1.48
CA TYR B 8 -5.82 -10.41 -0.54
C TYR B 8 -4.36 -10.19 -0.87
N ARG B 9 -3.62 -11.28 -1.11
CA ARG B 9 -2.20 -11.19 -1.42
C ARG B 9 -2.02 -10.47 -2.72
N ALA B 10 -2.93 -10.72 -3.69
CA ALA B 10 -2.83 -10.09 -4.99
C ALA B 10 -2.90 -8.59 -4.83
N GLY B 11 -3.79 -8.11 -3.95
CA GLY B 11 -3.93 -6.69 -3.75
C GLY B 11 -2.65 -6.14 -3.18
N PHE B 12 -2.02 -6.87 -2.25
CA PHE B 12 -0.80 -6.39 -1.64
C PHE B 12 0.34 -6.51 -2.60
N SER B 13 0.29 -7.46 -3.54
CA SER B 13 1.36 -7.59 -4.51
C SER B 13 1.39 -6.30 -5.29
N GLU B 14 0.18 -5.81 -5.66
CA GLU B 14 0.06 -4.57 -6.39
C GLU B 14 0.50 -3.44 -5.49
N CYS B 15 0.18 -3.51 -4.17
CA CYS B 15 0.55 -2.48 -3.26
C CYS B 15 2.05 -2.35 -3.20
N MET B 16 2.76 -3.49 -3.12
CA MET B 16 4.20 -3.45 -3.01
C MET B 16 4.78 -2.76 -4.21
N ASN B 17 4.28 -3.09 -5.43
CA ASN B 17 4.82 -2.46 -6.63
C ASN B 17 4.54 -0.98 -6.61
N GLU B 18 3.31 -0.56 -6.24
CA GLU B 18 2.97 0.86 -6.24
C GLU B 18 3.78 1.58 -5.19
N VAL B 19 3.90 0.98 -4.00
CA VAL B 19 4.63 1.58 -2.92
C VAL B 19 6.08 1.70 -3.29
N THR B 20 6.63 0.68 -3.98
CA THR B 20 8.01 0.71 -4.38
C THR B 20 8.25 1.90 -5.27
N ARG B 21 7.31 2.19 -6.20
CA ARG B 21 7.47 3.32 -7.09
C ARG B 21 7.49 4.60 -6.29
N PHE B 22 6.67 4.70 -5.24
CA PHE B 22 6.64 5.92 -4.47
C PHE B 22 7.94 6.05 -3.71
N LEU B 23 8.43 4.93 -3.16
CA LEU B 23 9.67 4.93 -2.43
C LEU B 23 10.81 5.31 -3.34
N SER B 24 10.80 4.81 -4.58
CA SER B 24 11.88 5.09 -5.50
C SER B 24 11.80 6.54 -5.88
N THR B 25 10.64 7.16 -5.60
CA THR B 25 10.46 8.56 -5.93
C THR B 25 11.07 9.37 -4.83
N CYS B 26 10.96 8.90 -3.58
CA CYS B 26 11.51 9.64 -2.47
C CYS B 26 13.00 9.54 -2.53
N GLU B 27 13.69 10.71 -2.47
CA GLU B 27 15.13 10.74 -2.54
C GLU B 27 15.70 10.67 -1.15
N GLY B 28 14.83 10.68 -0.12
CA GLY B 28 15.30 10.61 1.24
C GLY B 28 15.27 9.18 1.66
N VAL B 29 14.09 8.73 2.16
CA VAL B 29 13.89 7.36 2.58
C VAL B 29 14.77 7.06 3.76
N ASN B 30 14.21 7.31 4.97
CA ASN B 30 14.92 7.02 6.17
C ASN B 30 14.89 5.53 6.29
N THR B 31 15.97 4.94 6.82
CA THR B 31 16.03 3.50 6.97
C THR B 31 14.88 3.10 7.84
N GLU B 32 14.56 3.95 8.83
CA GLU B 32 13.48 3.64 9.75
C GLU B 32 12.16 3.65 9.02
N VAL B 33 11.95 4.63 8.10
CA VAL B 33 10.70 4.71 7.39
C VAL B 33 10.63 3.58 6.39
N ARG B 34 11.76 3.29 5.72
CA ARG B 34 11.80 2.23 4.72
C ARG B 34 11.47 0.92 5.37
N THR B 35 12.04 0.68 6.57
CA THR B 35 11.80 -0.57 7.27
C THR B 35 10.35 -0.65 7.63
N ARG B 36 9.78 0.47 8.11
CA ARG B 36 8.39 0.48 8.50
C ARG B 36 7.50 0.27 7.28
N LEU B 37 7.88 0.91 6.15
CA LEU B 37 7.10 0.85 4.93
C LEU B 37 7.06 -0.56 4.40
N LEU B 38 8.24 -1.12 4.06
CA LEU B 38 8.29 -2.43 3.49
C LEU B 38 7.93 -3.46 4.53
N GLY B 39 8.37 -3.24 5.78
CA GLY B 39 8.09 -4.18 6.85
C GLY B 39 6.61 -4.30 7.06
N HIS B 40 5.88 -3.17 6.99
CA HIS B 40 4.45 -3.21 7.21
C HIS B 40 3.79 -4.05 6.16
N LEU B 41 4.14 -3.84 4.87
CA LEU B 41 3.52 -4.60 3.81
C LEU B 41 3.92 -6.04 3.97
N ALA B 42 5.19 -6.29 4.34
CA ALA B 42 5.66 -7.64 4.54
C ALA B 42 4.90 -8.26 5.68
N ASN B 43 4.64 -7.49 6.74
CA ASN B 43 3.93 -8.02 7.88
C ASN B 43 2.53 -8.38 7.46
N CYS B 44 1.91 -7.55 6.61
CA CYS B 44 0.55 -7.82 6.18
C CYS B 44 0.53 -9.09 5.36
N MET B 45 1.54 -9.28 4.48
CA MET B 45 1.57 -10.45 3.64
C MET B 45 1.91 -11.64 4.49
N THR B 46 2.83 -11.44 5.45
CA THR B 46 3.24 -12.52 6.31
C THR B 46 2.07 -12.98 7.16
N GLN B 47 1.33 -12.02 7.76
CA GLN B 47 0.21 -12.39 8.59
C GLN B 47 -0.88 -13.00 7.74
N ILE B 48 -1.12 -12.44 6.55
CA ILE B 48 -2.17 -12.96 5.69
C ILE B 48 -1.49 -13.56 4.44
N ASP A 1 -20.40 -12.65 -1.32
CA ASP A 1 -19.43 -12.63 -0.18
C ASP A 1 -18.79 -11.27 -0.05
N PRO A 2 -19.54 -10.34 0.49
CA PRO A 2 -19.06 -8.97 0.68
C PRO A 2 -18.00 -8.85 1.73
N SER A 3 -17.89 -9.87 2.61
CA SER A 3 -16.89 -9.84 3.66
C SER A 3 -15.52 -9.90 3.04
N VAL A 4 -15.39 -10.62 1.91
CA VAL A 4 -14.10 -10.74 1.25
C VAL A 4 -13.69 -9.39 0.75
N LEU A 5 -14.65 -8.65 0.14
CA LEU A 5 -14.36 -7.33 -0.38
C LEU A 5 -14.03 -6.43 0.77
N GLY A 6 -14.75 -6.58 1.90
CA GLY A 6 -14.51 -5.73 3.05
C GLY A 6 -13.11 -5.92 3.54
N LYS A 7 -12.61 -7.18 3.57
CA LYS A 7 -11.27 -7.44 4.03
C LYS A 7 -10.29 -6.81 3.07
N TYR A 8 -10.59 -6.88 1.76
CA TYR A 8 -9.71 -6.32 0.76
C TYR A 8 -9.65 -4.82 0.96
N ARG A 9 -10.81 -4.18 1.16
CA ARG A 9 -10.86 -2.74 1.36
C ARG A 9 -10.15 -2.39 2.64
N ALA A 10 -10.34 -3.22 3.68
CA ALA A 10 -9.72 -2.97 4.97
C ALA A 10 -8.21 -2.99 4.80
N GLY A 11 -7.71 -3.96 4.01
CA GLY A 11 -6.28 -4.08 3.81
C GLY A 11 -5.78 -2.85 3.10
N PHE A 12 -6.55 -2.36 2.10
CA PHE A 12 -6.13 -1.19 1.36
C PHE A 12 -6.24 0.03 2.22
N SER A 13 -7.21 0.07 3.14
CA SER A 13 -7.34 1.22 4.01
C SER A 13 -6.07 1.30 4.82
N GLU A 14 -5.57 0.13 5.26
CA GLU A 14 -4.36 0.07 6.03
C GLU A 14 -3.19 0.46 5.15
N CYS A 15 -3.20 0.03 3.86
CA CYS A 15 -2.10 0.35 2.98
C CYS A 15 -2.05 1.83 2.76
N MET A 16 -3.23 2.47 2.61
CA MET A 16 -3.27 3.89 2.38
C MET A 16 -2.63 4.60 3.53
N ASN A 17 -2.97 4.20 4.79
CA ASN A 17 -2.39 4.84 5.94
C ASN A 17 -0.90 4.59 5.96
N GLU A 18 -0.48 3.36 5.59
CA GLU A 18 0.93 3.03 5.61
C GLU A 18 1.69 3.86 4.61
N VAL A 19 1.12 4.05 3.38
CA VAL A 19 1.83 4.80 2.39
C VAL A 19 1.77 6.26 2.78
N THR A 20 0.69 6.67 3.48
CA THR A 20 0.57 8.05 3.92
C THR A 20 1.76 8.37 4.80
N ARG A 21 2.18 7.41 5.64
CA ARG A 21 3.32 7.63 6.51
C ARG A 21 4.53 7.83 5.64
N PHE A 22 4.63 7.06 4.54
CA PHE A 22 5.77 7.19 3.65
C PHE A 22 5.69 8.54 2.99
N LEU A 23 4.48 8.93 2.53
CA LEU A 23 4.26 10.18 1.87
C LEU A 23 4.57 11.34 2.77
N SER A 24 4.24 11.23 4.08
CA SER A 24 4.46 12.32 4.99
C SER A 24 5.95 12.48 5.18
N THR A 25 6.72 11.50 4.70
CA THR A 25 8.15 11.55 4.86
C THR A 25 8.74 12.26 3.66
N CYS A 26 8.11 12.11 2.48
CA CYS A 26 8.64 12.73 1.28
C CYS A 26 7.96 14.07 1.10
N GLU A 27 8.77 15.15 1.03
CA GLU A 27 8.21 16.46 0.83
C GLU A 27 9.03 17.13 -0.23
N GLY A 28 8.57 17.06 -1.51
CA GLY A 28 9.31 17.69 -2.57
C GLY A 28 8.57 17.45 -3.84
N VAL A 29 8.80 16.28 -4.47
CA VAL A 29 8.13 15.95 -5.70
C VAL A 29 7.29 14.77 -5.41
N ASN A 30 6.14 15.03 -4.77
CA ASN A 30 5.24 13.98 -4.44
C ASN A 30 3.86 14.52 -4.55
N THR A 31 3.70 15.67 -5.22
CA THR A 31 2.39 16.23 -5.39
C THR A 31 1.74 15.43 -6.48
N GLU A 32 2.52 15.17 -7.55
CA GLU A 32 2.02 14.40 -8.66
C GLU A 32 1.94 12.98 -8.22
N VAL A 33 2.94 12.57 -7.41
CA VAL A 33 2.98 11.21 -6.92
C VAL A 33 1.81 11.00 -5.99
N ARG A 34 1.45 12.02 -5.17
CA ARG A 34 0.35 11.89 -4.23
C ARG A 34 -0.93 11.59 -4.97
N THR A 35 -1.17 12.30 -6.10
CA THR A 35 -2.38 12.08 -6.85
C THR A 35 -2.42 10.66 -7.33
N ARG A 36 -1.30 10.17 -7.87
CA ARG A 36 -1.24 8.81 -8.38
C ARG A 36 -1.35 7.82 -7.23
N LEU A 37 -0.69 8.14 -6.09
CA LEU A 37 -0.67 7.26 -4.95
C LEU A 37 -2.05 7.03 -4.42
N LEU A 38 -2.81 8.12 -4.18
CA LEU A 38 -4.11 7.96 -3.61
C LEU A 38 -5.09 7.60 -4.69
N GLY A 39 -4.85 8.07 -5.93
CA GLY A 39 -5.77 7.77 -7.02
C GLY A 39 -5.76 6.29 -7.29
N HIS A 40 -4.58 5.65 -7.30
CA HIS A 40 -4.51 4.24 -7.58
C HIS A 40 -5.08 3.45 -6.45
N LEU A 41 -4.82 3.87 -5.19
CA LEU A 41 -5.36 3.13 -4.06
C LEU A 41 -6.86 3.26 -4.10
N ALA A 42 -7.36 4.47 -4.42
CA ALA A 42 -8.79 4.69 -4.49
C ALA A 42 -9.35 3.85 -5.60
N ASN A 43 -8.63 3.77 -6.75
CA ASN A 43 -9.11 3.00 -7.86
C ASN A 43 -9.19 1.56 -7.46
N CYS A 44 -8.19 1.07 -6.69
CA CYS A 44 -8.20 -0.33 -6.29
C CYS A 44 -9.37 -0.60 -5.38
N MET A 45 -9.65 0.34 -4.45
CA MET A 45 -10.75 0.15 -3.53
C MET A 45 -12.04 0.28 -4.27
N THR A 46 -12.09 1.23 -5.20
CA THR A 46 -13.28 1.45 -5.99
C THR A 46 -13.56 0.23 -6.83
N GLN A 47 -12.51 -0.33 -7.48
CA GLN A 47 -12.70 -1.49 -8.32
C GLN A 47 -13.16 -2.66 -7.50
N ILE A 48 -12.55 -2.87 -6.31
CA ILE A 48 -12.95 -3.97 -5.47
C ILE A 48 -13.44 -3.40 -4.14
N ASP B 1 -10.78 -21.30 2.76
CA ASP B 1 -10.90 -20.39 1.59
C ASP B 1 -9.61 -19.64 1.38
N PRO B 2 -8.64 -20.34 0.81
CA PRO B 2 -7.33 -19.75 0.54
C PRO B 2 -7.34 -18.73 -0.55
N SER B 3 -8.40 -18.75 -1.39
CA SER B 3 -8.51 -17.80 -2.47
C SER B 3 -8.65 -16.42 -1.91
N VAL B 4 -9.34 -16.29 -0.76
CA VAL B 4 -9.54 -15.00 -0.14
C VAL B 4 -8.20 -14.45 0.27
N LEU B 5 -7.37 -15.31 0.88
CA LEU B 5 -6.06 -14.89 1.32
C LEU B 5 -5.23 -14.54 0.13
N GLY B 6 -5.36 -15.31 -0.97
CA GLY B 6 -4.60 -15.07 -2.17
C GLY B 6 -4.93 -13.70 -2.70
N LYS B 7 -6.22 -13.32 -2.69
CA LYS B 7 -6.62 -12.02 -3.19
C LYS B 7 -6.04 -10.95 -2.31
N TYR B 8 -6.03 -11.21 -0.99
CA TYR B 8 -5.49 -10.23 -0.05
C TYR B 8 -4.02 -10.05 -0.33
N ARG B 9 -3.28 -11.17 -0.51
CA ARG B 9 -1.86 -11.10 -0.77
C ARG B 9 -1.62 -10.43 -2.10
N ALA B 10 -2.48 -10.73 -3.09
CA ALA B 10 -2.33 -10.15 -4.40
C ALA B 10 -2.48 -8.65 -4.30
N GLY B 11 -3.46 -8.18 -3.50
CA GLY B 11 -3.69 -6.77 -3.34
C GLY B 11 -2.47 -6.13 -2.71
N PHE B 12 -1.87 -6.82 -1.71
CA PHE B 12 -0.72 -6.26 -1.05
C PHE B 12 0.47 -6.30 -1.96
N SER B 13 0.56 -7.31 -2.83
CA SER B 13 1.68 -7.38 -3.75
C SER B 13 1.61 -6.15 -4.62
N GLU B 14 0.37 -5.78 -5.02
CA GLU B 14 0.19 -4.60 -5.83
C GLU B 14 0.50 -3.38 -5.03
N CYS B 15 0.14 -3.36 -3.72
CA CYS B 15 0.39 -2.19 -2.90
C CYS B 15 1.87 -2.02 -2.76
N MET B 16 2.62 -3.13 -2.59
CA MET B 16 4.05 -3.04 -2.42
C MET B 16 4.66 -2.39 -3.63
N ASN B 17 4.24 -2.82 -4.84
CA ASN B 17 4.77 -2.24 -6.06
C ASN B 17 4.39 -0.79 -6.13
N GLU B 18 3.15 -0.45 -5.72
CA GLU B 18 2.69 0.93 -5.78
C GLU B 18 3.50 1.79 -4.85
N VAL B 19 3.78 1.30 -3.62
CA VAL B 19 4.52 2.12 -2.69
C VAL B 19 5.96 2.15 -3.14
N THR B 20 6.43 1.09 -3.82
CA THR B 20 7.80 1.06 -4.31
C THR B 20 7.98 2.22 -5.25
N ARG B 21 6.95 2.53 -6.07
CA ARG B 21 7.03 3.65 -6.99
C ARG B 21 7.16 4.91 -6.18
N PHE B 22 6.43 5.00 -5.05
CA PHE B 22 6.51 6.18 -4.23
C PHE B 22 7.89 6.25 -3.61
N LEU B 23 8.39 5.08 -3.14
CA LEU B 23 9.69 5.00 -2.52
C LEU B 23 10.77 5.38 -3.49
N SER B 24 10.64 4.98 -4.77
CA SER B 24 11.66 5.26 -5.74
C SER B 24 11.69 6.72 -6.02
N THR B 25 10.67 7.44 -5.51
CA THR B 25 10.58 8.86 -5.73
C THR B 25 11.30 9.56 -4.60
N CYS B 26 11.25 8.97 -3.38
CA CYS B 26 11.88 9.60 -2.24
C CYS B 26 13.27 9.06 -2.09
N GLU B 27 14.27 9.95 -2.10
CA GLU B 27 15.64 9.52 -1.94
C GLU B 27 16.28 10.44 -0.94
N GLY B 28 16.30 10.04 0.35
CA GLY B 28 16.91 10.87 1.34
C GLY B 28 16.79 10.17 2.66
N VAL B 29 15.64 10.34 3.33
CA VAL B 29 15.42 9.70 4.60
C VAL B 29 14.30 8.74 4.40
N ASN B 30 14.63 7.60 3.80
CA ASN B 30 13.65 6.60 3.56
C ASN B 30 14.31 5.27 3.70
N THR B 31 15.50 5.25 4.32
CA THR B 31 16.17 3.99 4.53
C THR B 31 15.49 3.32 5.68
N GLU B 32 15.20 4.13 6.72
CA GLU B 32 14.54 3.62 7.89
C GLU B 32 13.11 3.40 7.52
N VAL B 33 12.57 4.32 6.68
CA VAL B 33 11.19 4.23 6.25
C VAL B 33 11.04 3.01 5.39
N ARG B 34 12.05 2.70 4.54
CA ARG B 34 11.99 1.54 3.66
C ARG B 34 11.83 0.28 4.46
N THR B 35 12.60 0.15 5.56
CA THR B 35 12.52 -1.04 6.38
C THR B 35 11.12 -1.18 6.92
N ARG B 36 10.56 -0.07 7.43
CA ARG B 36 9.23 -0.10 8.00
C ARG B 36 8.20 -0.35 6.91
N LEU B 37 8.42 0.28 5.74
CA LEU B 37 7.50 0.18 4.63
C LEU B 37 7.37 -1.24 4.16
N LEU B 38 8.49 -1.92 3.91
CA LEU B 38 8.42 -3.26 3.41
C LEU B 38 8.20 -4.21 4.54
N GLY B 39 8.70 -3.88 5.74
CA GLY B 39 8.53 -4.76 6.88
C GLY B 39 7.06 -4.87 7.23
N HIS B 40 6.33 -3.74 7.21
CA HIS B 40 4.93 -3.78 7.56
C HIS B 40 4.14 -4.47 6.48
N LEU B 41 4.48 -4.23 5.20
CA LEU B 41 3.75 -4.88 4.14
C LEU B 41 4.00 -6.37 4.22
N ALA B 42 5.27 -6.75 4.52
CA ALA B 42 5.61 -8.15 4.64
C ALA B 42 4.88 -8.72 5.81
N ASN B 43 4.79 -7.96 6.92
CA ASN B 43 4.11 -8.44 8.09
C ASN B 43 2.65 -8.66 7.77
N CYS B 44 2.04 -7.75 6.97
CA CYS B 44 0.64 -7.90 6.65
C CYS B 44 0.44 -9.13 5.80
N MET B 45 1.36 -9.37 4.84
CA MET B 45 1.22 -10.52 3.96
C MET B 45 1.49 -11.76 4.76
N THR B 46 2.48 -11.68 5.65
CA THR B 46 2.83 -12.81 6.47
C THR B 46 1.68 -13.16 7.38
N GLN B 47 1.06 -12.13 8.01
CA GLN B 47 -0.04 -12.37 8.91
C GLN B 47 -1.19 -12.98 8.16
N ILE B 48 -1.52 -12.44 6.97
CA ILE B 48 -2.62 -12.97 6.19
C ILE B 48 -2.06 -13.47 4.85
N ASP A 1 -20.71 -12.48 -0.63
CA ASP A 1 -19.68 -12.58 0.42
C ASP A 1 -19.01 -11.23 0.62
N PRO A 2 -19.72 -10.34 1.29
CA PRO A 2 -19.21 -8.99 1.56
C PRO A 2 -18.08 -8.97 2.54
N SER A 3 -17.94 -10.06 3.33
CA SER A 3 -16.88 -10.13 4.31
C SER A 3 -15.56 -10.12 3.61
N VAL A 4 -15.48 -10.82 2.46
CA VAL A 4 -14.24 -10.89 1.70
C VAL A 4 -13.89 -9.50 1.21
N LEU A 5 -14.90 -8.77 0.69
CA LEU A 5 -14.66 -7.43 0.18
C LEU A 5 -14.25 -6.54 1.32
N GLY A 6 -14.91 -6.70 2.49
CA GLY A 6 -14.59 -5.89 3.65
C GLY A 6 -13.17 -6.14 4.06
N LYS A 7 -12.75 -7.42 4.07
CA LYS A 7 -11.40 -7.76 4.47
C LYS A 7 -10.43 -7.15 3.49
N TYR A 8 -10.75 -7.24 2.19
CA TYR A 8 -9.88 -6.70 1.15
C TYR A 8 -9.76 -5.20 1.37
N ARG A 9 -10.92 -4.53 1.60
CA ARG A 9 -10.91 -3.09 1.81
C ARG A 9 -10.13 -2.76 3.07
N ALA A 10 -10.28 -3.59 4.13
CA ALA A 10 -9.60 -3.35 5.38
C ALA A 10 -8.10 -3.38 5.13
N GLY A 11 -7.63 -4.32 4.31
CA GLY A 11 -6.22 -4.42 4.02
C GLY A 11 -5.76 -3.17 3.34
N PHE A 12 -6.57 -2.64 2.41
CA PHE A 12 -6.19 -1.45 1.70
C PHE A 12 -6.25 -0.26 2.61
N SER A 13 -7.20 -0.25 3.57
CA SER A 13 -7.29 0.86 4.49
C SER A 13 -5.99 0.91 5.24
N GLU A 14 -5.46 -0.26 5.63
CA GLU A 14 -4.21 -0.33 6.34
C GLU A 14 -3.10 0.14 5.43
N CYS A 15 -3.14 -0.22 4.12
CA CYS A 15 -2.09 0.19 3.22
C CYS A 15 -2.11 1.68 3.09
N MET A 16 -3.31 2.29 3.01
CA MET A 16 -3.41 3.72 2.85
C MET A 16 -2.80 4.43 4.02
N ASN A 17 -3.00 3.93 5.26
CA ASN A 17 -2.44 4.61 6.41
C ASN A 17 -0.93 4.58 6.36
N GLU A 18 -0.33 3.42 6.00
CA GLU A 18 1.12 3.34 5.95
C GLU A 18 1.63 4.14 4.79
N VAL A 19 0.91 4.09 3.65
CA VAL A 19 1.31 4.80 2.47
C VAL A 19 1.26 6.29 2.75
N THR A 20 0.22 6.71 3.49
CA THR A 20 0.06 8.12 3.82
C THR A 20 1.24 8.57 4.63
N ARG A 21 1.73 7.72 5.56
CA ARG A 21 2.86 8.09 6.38
C ARG A 21 4.06 8.34 5.51
N PHE A 22 4.25 7.53 4.45
CA PHE A 22 5.39 7.72 3.58
C PHE A 22 5.23 9.04 2.86
N LEU A 23 4.00 9.31 2.38
CA LEU A 23 3.72 10.55 1.68
C LEU A 23 3.95 11.73 2.59
N SER A 24 3.58 11.58 3.87
CA SER A 24 3.73 12.67 4.81
C SER A 24 5.19 12.87 5.08
N THR A 25 6.04 11.95 4.58
CA THR A 25 7.44 12.05 4.84
C THR A 25 8.05 12.88 3.75
N CYS A 26 7.54 12.79 2.51
CA CYS A 26 8.14 13.55 1.44
C CYS A 26 7.06 14.06 0.53
N GLU A 27 7.05 15.40 0.32
CA GLU A 27 6.08 16.00 -0.55
C GLU A 27 6.81 17.03 -1.37
N GLY A 28 7.69 16.55 -2.28
CA GLY A 28 8.45 17.47 -3.11
C GLY A 28 8.17 17.15 -4.54
N VAL A 29 8.77 16.05 -5.04
CA VAL A 29 8.56 15.64 -6.41
C VAL A 29 7.63 14.49 -6.38
N ASN A 30 6.80 14.45 -5.33
CA ASN A 30 5.87 13.39 -5.17
C ASN A 30 4.52 13.98 -5.34
N THR A 31 4.42 15.17 -5.98
CA THR A 31 3.12 15.75 -6.21
C THR A 31 2.45 14.91 -7.25
N GLU A 32 3.23 14.56 -8.30
CA GLU A 32 2.73 13.74 -9.37
C GLU A 32 2.62 12.35 -8.84
N VAL A 33 3.62 11.94 -8.03
CA VAL A 33 3.64 10.60 -7.47
C VAL A 33 2.45 10.45 -6.56
N ARG A 34 2.14 11.50 -5.77
CA ARG A 34 1.02 11.45 -4.84
C ARG A 34 -0.26 11.22 -5.58
N THR A 35 -0.42 11.86 -6.74
CA THR A 35 -1.65 11.70 -7.50
C THR A 35 -1.83 10.25 -7.87
N ARG A 36 -0.78 9.61 -8.39
CA ARG A 36 -0.87 8.22 -8.78
C ARG A 36 -0.94 7.34 -7.56
N LEU A 37 -0.23 7.74 -6.48
CA LEU A 37 -0.17 6.96 -5.26
C LEU A 37 -1.53 6.85 -4.66
N LEU A 38 -2.13 8.01 -4.31
CA LEU A 38 -3.42 7.99 -3.67
C LEU A 38 -4.47 7.59 -4.67
N GLY A 39 -4.30 8.01 -5.95
CA GLY A 39 -5.28 7.70 -6.97
C GLY A 39 -5.39 6.20 -7.13
N HIS A 40 -4.25 5.48 -7.14
CA HIS A 40 -4.29 4.05 -7.33
C HIS A 40 -5.00 3.39 -6.17
N LEU A 41 -4.64 3.76 -4.92
CA LEU A 41 -5.28 3.14 -3.77
C LEU A 41 -6.74 3.50 -3.79
N ALA A 42 -7.06 4.75 -4.14
CA ALA A 42 -8.45 5.18 -4.20
C ALA A 42 -9.14 4.40 -5.27
N ASN A 43 -8.46 4.14 -6.41
CA ASN A 43 -9.06 3.41 -7.48
C ASN A 43 -9.40 2.02 -6.99
N CYS A 44 -8.50 1.41 -6.19
CA CYS A 44 -8.74 0.07 -5.70
C CYS A 44 -9.92 0.09 -4.77
N MET A 45 -10.04 1.13 -3.93
CA MET A 45 -11.13 1.22 -2.98
C MET A 45 -12.40 1.47 -3.75
N THR A 46 -12.29 2.33 -4.78
CA THR A 46 -13.43 2.67 -5.61
C THR A 46 -13.96 1.44 -6.29
N GLN A 47 -13.06 0.57 -6.80
CA GLN A 47 -13.49 -0.63 -7.48
C GLN A 47 -14.25 -1.52 -6.53
N ILE A 48 -13.82 -1.59 -5.25
CA ILE A 48 -14.50 -2.43 -4.28
C ILE A 48 -15.97 -1.96 -4.20
N ASP B 1 -10.63 -21.63 2.10
CA ASP B 1 -10.85 -20.65 0.99
C ASP B 1 -9.58 -19.89 0.70
N PRO B 2 -8.66 -20.55 0.03
CA PRO B 2 -7.37 -19.94 -0.32
C PRO B 2 -7.49 -18.86 -1.35
N SER B 3 -8.62 -18.85 -2.10
CA SER B 3 -8.81 -17.85 -3.12
C SER B 3 -8.89 -16.50 -2.47
N VAL B 4 -9.54 -16.43 -1.29
CA VAL B 4 -9.69 -15.17 -0.59
C VAL B 4 -8.33 -14.69 -0.19
N LEU B 5 -7.48 -15.59 0.35
CA LEU B 5 -6.16 -15.23 0.78
C LEU B 5 -5.35 -14.80 -0.42
N GLY B 6 -5.50 -15.52 -1.55
CA GLY B 6 -4.77 -15.19 -2.75
C GLY B 6 -5.16 -13.81 -3.22
N LYS B 7 -6.47 -13.50 -3.18
CA LYS B 7 -6.95 -12.20 -3.61
C LYS B 7 -6.38 -11.15 -2.71
N TYR B 8 -6.38 -11.40 -1.39
CA TYR B 8 -5.87 -10.46 -0.43
C TYR B 8 -4.41 -10.22 -0.71
N ARG B 9 -3.63 -11.31 -0.93
CA ARG B 9 -2.22 -11.20 -1.21
C ARG B 9 -2.02 -10.45 -2.50
N ALA B 10 -2.88 -10.72 -3.51
CA ALA B 10 -2.75 -10.08 -4.80
C ALA B 10 -2.88 -8.59 -4.64
N GLY B 11 -3.83 -8.15 -3.77
CA GLY B 11 -4.04 -6.74 -3.56
C GLY B 11 -2.81 -6.15 -2.95
N PHE B 12 -2.17 -6.87 -2.01
CA PHE B 12 -0.98 -6.37 -1.37
C PHE B 12 0.17 -6.37 -2.33
N SER B 13 0.22 -7.35 -3.26
CA SER B 13 1.29 -7.38 -4.21
C SER B 13 1.20 -6.12 -5.02
N GLU B 14 -0.04 -5.72 -5.37
CA GLU B 14 -0.25 -4.52 -6.13
C GLU B 14 0.18 -3.32 -5.30
N CYS B 15 -0.13 -3.34 -3.97
CA CYS B 15 0.22 -2.21 -3.13
C CYS B 15 1.72 -2.09 -3.08
N MET B 16 2.43 -3.23 -2.98
CA MET B 16 3.87 -3.22 -2.87
C MET B 16 4.47 -2.59 -4.10
N ASN B 17 3.95 -2.90 -5.31
CA ASN B 17 4.52 -2.33 -6.51
C ASN B 17 4.36 -0.83 -6.52
N GLU B 18 3.18 -0.31 -6.13
CA GLU B 18 2.97 1.13 -6.14
C GLU B 18 3.77 1.76 -5.04
N VAL B 19 3.83 1.09 -3.87
CA VAL B 19 4.56 1.60 -2.75
C VAL B 19 6.02 1.66 -3.09
N THR B 20 6.51 0.63 -3.81
CA THR B 20 7.91 0.57 -4.20
C THR B 20 8.23 1.74 -5.07
N ARG B 21 7.29 2.11 -5.97
CA ARG B 21 7.53 3.23 -6.87
C ARG B 21 7.71 4.49 -6.06
N PHE B 22 6.93 4.66 -4.97
CA PHE B 22 7.07 5.85 -4.15
C PHE B 22 8.42 5.83 -3.49
N LEU B 23 8.83 4.66 -2.97
CA LEU B 23 10.11 4.52 -2.33
C LEU B 23 11.22 4.79 -3.29
N SER B 24 11.05 4.36 -4.55
CA SER B 24 12.08 4.55 -5.55
C SER B 24 12.15 6.01 -5.89
N THR B 25 11.18 6.80 -5.40
CA THR B 25 11.15 8.19 -5.70
C THR B 25 11.97 8.93 -4.69
N CYS B 26 11.97 8.46 -3.42
CA CYS B 26 12.72 9.18 -2.42
C CYS B 26 13.37 8.18 -1.49
N GLU B 27 14.71 8.30 -1.33
CA GLU B 27 15.42 7.41 -0.45
C GLU B 27 16.42 8.27 0.29
N GLY B 28 15.91 9.16 1.18
CA GLY B 28 16.79 10.03 1.93
C GLY B 28 16.56 9.77 3.39
N VAL B 29 15.43 10.31 3.91
CA VAL B 29 15.11 10.14 5.31
C VAL B 29 14.05 9.10 5.37
N ASN B 30 14.02 8.23 4.35
CA ASN B 30 13.05 7.21 4.28
C ASN B 30 13.76 5.91 4.48
N THR B 31 14.97 5.95 5.08
CA THR B 31 15.68 4.73 5.34
C THR B 31 14.93 4.03 6.44
N GLU B 32 14.57 4.83 7.47
CA GLU B 32 13.84 4.31 8.59
C GLU B 32 12.44 4.05 8.13
N VAL B 33 11.91 4.98 7.30
CA VAL B 33 10.56 4.86 6.81
C VAL B 33 10.46 3.62 5.96
N ARG B 34 11.50 3.36 5.13
CA ARG B 34 11.52 2.21 4.25
C ARG B 34 11.42 0.94 5.05
N THR B 35 12.13 0.89 6.19
CA THR B 35 12.12 -0.31 7.01
C THR B 35 10.70 -0.60 7.46
N ARG B 36 9.98 0.43 7.96
CA ARG B 36 8.62 0.22 8.42
C ARG B 36 7.71 0.03 7.24
N LEU B 37 8.00 0.72 6.11
CA LEU B 37 7.17 0.67 4.94
C LEU B 37 7.15 -0.73 4.39
N LEU B 38 8.33 -1.25 4.01
CA LEU B 38 8.41 -2.57 3.45
C LEU B 38 8.14 -3.59 4.50
N GLY B 39 8.60 -3.34 5.75
CA GLY B 39 8.41 -4.29 6.81
C GLY B 39 6.94 -4.52 7.07
N HIS B 40 6.13 -3.44 7.05
CA HIS B 40 4.71 -3.60 7.30
C HIS B 40 4.06 -4.41 6.21
N LEU B 41 4.35 -4.08 4.94
CA LEU B 41 3.73 -4.82 3.85
C LEU B 41 4.21 -6.24 3.90
N ALA B 42 5.51 -6.44 4.22
CA ALA B 42 6.06 -7.78 4.32
C ALA B 42 5.39 -8.49 5.44
N ASN B 43 5.11 -7.77 6.55
CA ASN B 43 4.48 -8.39 7.69
C ASN B 43 3.11 -8.85 7.29
N CYS B 44 2.39 -8.04 6.48
CA CYS B 44 1.06 -8.43 6.06
C CYS B 44 1.14 -9.65 5.18
N MET B 45 2.15 -9.71 4.30
CA MET B 45 2.30 -10.84 3.39
C MET B 45 2.69 -12.04 4.20
N THR B 46 3.57 -11.82 5.18
CA THR B 46 4.05 -12.89 6.04
C THR B 46 2.89 -13.48 6.81
N GLN B 47 1.98 -12.63 7.31
CA GLN B 47 0.84 -13.13 8.07
C GLN B 47 -0.02 -14.01 7.19
N ILE B 48 -0.18 -13.64 5.90
CA ILE B 48 -0.99 -14.44 5.01
C ILE B 48 -0.41 -15.86 4.95
N ASP A 1 -18.79 -12.80 -1.21
CA ASP A 1 -19.27 -12.35 0.12
C ASP A 1 -18.68 -11.01 0.46
N PRO A 2 -19.43 -10.20 1.19
CA PRO A 2 -18.99 -8.87 1.57
C PRO A 2 -17.86 -8.89 2.56
N SER A 3 -17.72 -10.00 3.30
CA SER A 3 -16.66 -10.12 4.28
C SER A 3 -15.34 -10.09 3.55
N VAL A 4 -15.27 -10.76 2.39
CA VAL A 4 -14.04 -10.81 1.62
C VAL A 4 -13.70 -9.42 1.17
N LEU A 5 -14.72 -8.67 0.69
CA LEU A 5 -14.50 -7.33 0.22
C LEU A 5 -14.05 -6.46 1.37
N GLY A 6 -14.66 -6.69 2.55
CA GLY A 6 -14.30 -5.91 3.72
C GLY A 6 -12.86 -6.13 4.07
N LYS A 7 -12.38 -7.39 4.00
CA LYS A 7 -11.00 -7.68 4.33
C LYS A 7 -10.10 -7.03 3.31
N TYR A 8 -10.51 -7.08 2.03
CA TYR A 8 -9.73 -6.50 0.96
C TYR A 8 -9.61 -5.01 1.21
N ARG A 9 -10.74 -4.35 1.50
CA ARG A 9 -10.75 -2.92 1.75
C ARG A 9 -9.95 -2.62 2.99
N ALA A 10 -10.09 -3.48 4.03
CA ALA A 10 -9.39 -3.25 5.27
C ALA A 10 -7.90 -3.24 5.03
N GLY A 11 -7.41 -4.15 4.17
CA GLY A 11 -5.99 -4.21 3.89
C GLY A 11 -5.55 -2.92 3.25
N PHE A 12 -6.38 -2.39 2.31
CA PHE A 12 -6.03 -1.17 1.63
C PHE A 12 -6.17 0.02 2.53
N SER A 13 -7.13 0.00 3.49
CA SER A 13 -7.27 1.13 4.38
C SER A 13 -6.00 1.24 5.17
N GLU A 14 -5.39 0.07 5.51
CA GLU A 14 -4.16 0.07 6.26
C GLU A 14 -3.06 0.58 5.36
N CYS A 15 -3.07 0.19 4.05
CA CYS A 15 -2.03 0.62 3.15
C CYS A 15 -2.10 2.11 2.99
N MET A 16 -3.33 2.66 2.88
CA MET A 16 -3.49 4.08 2.69
C MET A 16 -2.92 4.83 3.87
N ASN A 17 -3.20 4.37 5.12
CA ASN A 17 -2.72 5.07 6.28
C ASN A 17 -1.20 5.06 6.32
N GLU A 18 -0.57 3.91 6.02
CA GLU A 18 0.88 3.84 6.05
C GLU A 18 1.46 4.62 4.91
N VAL A 19 0.83 4.51 3.73
CA VAL A 19 1.31 5.20 2.56
C VAL A 19 1.23 6.69 2.79
N THR A 20 0.14 7.14 3.45
CA THR A 20 -0.02 8.55 3.73
C THR A 20 1.13 9.01 4.59
N ARG A 21 1.51 8.19 5.58
CA ARG A 21 2.61 8.55 6.47
C ARG A 21 3.88 8.65 5.66
N PHE A 22 4.06 7.73 4.69
CA PHE A 22 5.26 7.76 3.88
C PHE A 22 5.27 9.00 3.04
N LEU A 23 4.10 9.34 2.46
CA LEU A 23 4.00 10.52 1.64
C LEU A 23 4.28 11.75 2.44
N SER A 24 3.80 11.79 3.70
CA SER A 24 3.97 12.96 4.53
C SER A 24 5.42 13.02 4.94
N THR A 25 6.15 11.93 4.68
CA THR A 25 7.55 11.86 5.03
C THR A 25 8.34 12.32 3.85
N CYS A 26 7.84 12.03 2.63
CA CYS A 26 8.55 12.41 1.43
C CYS A 26 8.43 13.91 1.28
N GLU A 27 9.58 14.58 1.08
CA GLU A 27 9.59 16.02 0.95
C GLU A 27 9.48 16.37 -0.51
N GLY A 28 9.48 15.36 -1.40
CA GLY A 28 9.39 15.63 -2.82
C GLY A 28 7.94 15.50 -3.19
N VAL A 29 7.52 14.26 -3.52
CA VAL A 29 6.15 13.98 -3.87
C VAL A 29 5.82 14.66 -5.17
N ASN A 30 6.05 13.95 -6.29
CA ASN A 30 5.73 14.48 -7.57
C ASN A 30 4.23 14.40 -7.65
N THR A 31 3.61 15.40 -8.30
CA THR A 31 2.17 15.42 -8.42
C THR A 31 1.78 14.16 -9.14
N GLU A 32 2.62 13.72 -10.09
CA GLU A 32 2.32 12.54 -10.86
C GLU A 32 2.34 11.32 -9.96
N VAL A 33 3.33 11.24 -9.04
CA VAL A 33 3.42 10.09 -8.18
C VAL A 33 2.31 10.14 -7.17
N ARG A 34 2.02 11.35 -6.64
CA ARG A 34 0.97 11.51 -5.64
C ARG A 34 -0.35 11.11 -6.22
N THR A 35 -0.63 11.51 -7.47
CA THR A 35 -1.90 11.21 -8.09
C THR A 35 -2.06 9.72 -8.20
N ARG A 36 -1.01 9.02 -8.67
CA ARG A 36 -1.09 7.58 -8.82
C ARG A 36 -1.10 6.91 -7.47
N LEU A 37 -0.32 7.44 -6.51
CA LEU A 37 -0.20 6.83 -5.20
C LEU A 37 -1.54 6.83 -4.51
N LEU A 38 -2.20 8.00 -4.46
CA LEU A 38 -3.45 8.08 -3.76
C LEU A 38 -4.57 7.62 -4.64
N GLY A 39 -4.49 7.93 -5.95
CA GLY A 39 -5.55 7.55 -6.87
C GLY A 39 -5.66 6.06 -6.96
N HIS A 40 -4.51 5.34 -7.04
CA HIS A 40 -4.57 3.90 -7.17
C HIS A 40 -5.10 3.29 -5.90
N LEU A 41 -4.62 3.75 -4.73
CA LEU A 41 -5.10 3.17 -3.49
C LEU A 41 -6.58 3.48 -3.36
N ALA A 42 -7.00 4.70 -3.74
CA ALA A 42 -8.39 5.06 -3.66
C ALA A 42 -9.17 4.20 -4.61
N ASN A 43 -8.62 3.94 -5.81
CA ASN A 43 -9.32 3.12 -6.78
C ASN A 43 -9.47 1.74 -6.21
N CYS A 44 -8.44 1.24 -5.50
CA CYS A 44 -8.51 -0.09 -4.95
C CYS A 44 -9.55 -0.15 -3.86
N MET A 45 -9.65 0.92 -3.03
CA MET A 45 -10.62 0.93 -1.95
C MET A 45 -11.99 1.05 -2.55
N THR A 46 -12.09 1.88 -3.60
CA THR A 46 -13.36 2.11 -4.26
C THR A 46 -13.68 0.92 -5.15
N GLN A 47 -12.75 -0.06 -5.24
CA GLN A 47 -12.96 -1.22 -6.08
C GLN A 47 -14.14 -2.00 -5.57
N ILE A 48 -14.30 -2.10 -4.22
CA ILE A 48 -15.40 -2.85 -3.67
C ILE A 48 -16.73 -2.25 -4.14
N ASP B 1 -11.09 -19.71 2.59
CA ASP B 1 -10.65 -20.22 1.27
C ASP B 1 -9.38 -19.54 0.84
N PRO B 2 -8.54 -20.25 0.12
CA PRO B 2 -7.27 -19.72 -0.36
C PRO B 2 -7.43 -18.64 -1.39
N SER B 3 -8.58 -18.62 -2.08
CA SER B 3 -8.83 -17.62 -3.09
C SER B 3 -8.88 -16.28 -2.43
N VAL B 4 -9.50 -16.21 -1.24
CA VAL B 4 -9.62 -14.96 -0.52
C VAL B 4 -8.25 -14.48 -0.15
N LEU B 5 -7.40 -15.41 0.34
CA LEU B 5 -6.06 -15.05 0.74
C LEU B 5 -5.30 -14.60 -0.46
N GLY B 6 -5.51 -15.26 -1.62
CA GLY B 6 -4.81 -14.91 -2.83
C GLY B 6 -5.18 -13.50 -3.23
N LYS B 7 -6.47 -13.13 -3.13
CA LYS B 7 -6.89 -11.79 -3.50
C LYS B 7 -6.28 -10.80 -2.55
N TYR B 8 -6.24 -11.15 -1.25
CA TYR B 8 -5.68 -10.27 -0.24
C TYR B 8 -4.22 -10.03 -0.58
N ARG B 9 -3.48 -11.13 -0.84
CA ARG B 9 -2.07 -11.02 -1.15
C ARG B 9 -1.88 -10.27 -2.44
N ALA B 10 -2.77 -10.51 -3.43
CA ALA B 10 -2.66 -9.85 -4.71
C ALA B 10 -2.76 -8.36 -4.53
N GLY B 11 -3.68 -7.91 -3.66
CA GLY B 11 -3.84 -6.49 -3.43
C GLY B 11 -2.58 -5.93 -2.87
N PHE B 12 -1.94 -6.65 -1.93
CA PHE B 12 -0.72 -6.17 -1.32
C PHE B 12 0.43 -6.26 -2.28
N SER B 13 0.46 -7.25 -3.18
CA SER B 13 1.56 -7.34 -4.11
C SER B 13 1.52 -6.10 -4.97
N GLU B 14 0.30 -5.62 -5.28
CA GLU B 14 0.16 -4.42 -6.07
C GLU B 14 0.60 -3.24 -5.25
N CYS B 15 0.28 -3.22 -3.93
CA CYS B 15 0.66 -2.11 -3.10
C CYS B 15 2.15 -2.05 -3.01
N MET B 16 2.80 -3.22 -2.87
CA MET B 16 4.24 -3.25 -2.73
C MET B 16 4.89 -2.68 -3.97
N ASN B 17 4.40 -3.05 -5.16
CA ASN B 17 5.01 -2.56 -6.39
C ASN B 17 4.87 -1.06 -6.48
N GLU B 18 3.67 -0.51 -6.17
CA GLU B 18 3.49 0.92 -6.26
C GLU B 18 4.26 1.62 -5.18
N VAL B 19 4.26 1.04 -3.97
CA VAL B 19 4.96 1.62 -2.85
C VAL B 19 6.42 1.66 -3.15
N THR B 20 6.94 0.59 -3.79
CA THR B 20 8.36 0.53 -4.11
C THR B 20 8.68 1.66 -5.05
N ARG B 21 7.79 1.93 -6.02
CA ARG B 21 8.01 3.02 -6.96
C ARG B 21 8.03 4.32 -6.22
N PHE B 22 7.15 4.47 -5.21
CA PHE B 22 7.10 5.71 -4.47
C PHE B 22 8.38 5.86 -3.67
N LEU B 23 8.85 4.76 -3.06
CA LEU B 23 10.05 4.79 -2.29
C LEU B 23 11.23 5.13 -3.17
N SER B 24 11.25 4.59 -4.40
CA SER B 24 12.36 4.83 -5.30
C SER B 24 12.29 6.26 -5.76
N THR B 25 11.13 6.91 -5.49
CA THR B 25 10.95 8.27 -5.90
C THR B 25 11.38 9.16 -4.77
N CYS B 26 11.19 8.69 -3.52
CA CYS B 26 11.55 9.48 -2.36
C CYS B 26 13.06 9.50 -2.28
N GLU B 27 13.64 10.72 -2.17
CA GLU B 27 15.08 10.84 -2.10
C GLU B 27 15.50 10.84 -0.66
N GLY B 28 14.54 10.79 0.28
CA GLY B 28 14.87 10.78 1.69
C GLY B 28 14.88 9.36 2.12
N VAL B 29 13.69 8.85 2.53
CA VAL B 29 13.55 7.47 2.96
C VAL B 29 14.30 7.26 4.23
N ASN B 30 13.63 7.49 5.37
CA ASN B 30 14.24 7.26 6.64
C ASN B 30 14.30 5.78 6.78
N THR B 31 15.37 5.27 7.41
CA THR B 31 15.52 3.84 7.61
C THR B 31 14.33 3.38 8.39
N GLU B 32 13.86 4.23 9.32
CA GLU B 32 12.74 3.87 10.15
C GLU B 32 11.50 3.75 9.32
N VAL B 33 11.29 4.68 8.35
CA VAL B 33 10.09 4.62 7.54
C VAL B 33 10.20 3.47 6.59
N ARG B 34 11.40 3.27 6.01
CA ARG B 34 11.61 2.20 5.05
C ARG B 34 11.34 0.87 5.70
N THR B 35 11.84 0.69 6.94
CA THR B 35 11.66 -0.57 7.64
C THR B 35 10.20 -0.85 7.82
N ARG B 36 9.42 0.16 8.27
CA ARG B 36 8.01 -0.04 8.49
C ARG B 36 7.28 -0.17 7.18
N LEU B 37 7.70 0.61 6.17
CA LEU B 37 7.03 0.62 4.88
C LEU B 37 7.12 -0.74 4.25
N LEU B 38 8.34 -1.31 4.17
CA LEU B 38 8.50 -2.57 3.53
C LEU B 38 8.17 -3.69 4.47
N GLY B 39 8.53 -3.53 5.77
CA GLY B 39 8.28 -4.57 6.74
C GLY B 39 6.81 -4.80 6.90
N HIS B 40 6.00 -3.72 6.97
CA HIS B 40 4.58 -3.89 7.17
C HIS B 40 3.96 -4.52 5.95
N LEU B 41 4.33 -4.07 4.74
CA LEU B 41 3.74 -4.65 3.55
C LEU B 41 4.16 -6.10 3.47
N ALA B 42 5.43 -6.40 3.81
CA ALA B 42 5.91 -7.76 3.77
C ALA B 42 5.16 -8.56 4.79
N ASN B 43 4.91 -7.97 5.98
CA ASN B 43 4.19 -8.69 7.01
C ASN B 43 2.80 -8.99 6.52
N CYS B 44 2.19 -8.04 5.79
CA CYS B 44 0.84 -8.25 5.30
C CYS B 44 0.84 -9.35 4.26
N MET B 45 1.87 -9.39 3.39
CA MET B 45 1.91 -10.40 2.36
C MET B 45 2.18 -11.73 3.00
N THR B 46 3.06 -11.71 4.01
CA THR B 46 3.42 -12.92 4.72
C THR B 46 2.31 -13.30 5.68
N GLN B 47 1.26 -12.45 5.77
CA GLN B 47 0.15 -12.73 6.68
C GLN B 47 -0.54 -13.98 6.25
N ILE B 48 -0.68 -14.22 4.92
CA ILE B 48 -1.37 -15.39 4.46
C ILE B 48 -0.63 -16.65 4.95
N ASP A 1 -20.73 -12.39 0.40
CA ASP A 1 -19.55 -12.55 1.29
C ASP A 1 -18.86 -11.22 1.51
N PRO A 2 -19.46 -10.39 2.33
CA PRO A 2 -18.93 -9.07 2.63
C PRO A 2 -17.68 -9.11 3.45
N SER A 3 -17.43 -10.25 4.12
CA SER A 3 -16.24 -10.39 4.95
C SER A 3 -15.02 -10.29 4.08
N VAL A 4 -15.08 -10.88 2.87
CA VAL A 4 -13.96 -10.86 1.97
C VAL A 4 -13.66 -9.43 1.58
N LEU A 5 -14.72 -8.67 1.24
CA LEU A 5 -14.55 -7.29 0.84
C LEU A 5 -14.03 -6.50 2.01
N GLY A 6 -14.55 -6.79 3.21
CA GLY A 6 -14.13 -6.08 4.40
C GLY A 6 -12.67 -6.32 4.66
N LYS A 7 -12.21 -7.58 4.46
CA LYS A 7 -10.83 -7.90 4.70
C LYS A 7 -9.96 -7.15 3.72
N TYR A 8 -10.40 -7.08 2.45
CA TYR A 8 -9.63 -6.37 1.44
C TYR A 8 -9.61 -4.90 1.79
N ARG A 9 -10.78 -4.37 2.22
CA ARG A 9 -10.88 -2.97 2.59
C ARG A 9 -9.97 -2.70 3.76
N ALA A 10 -9.89 -3.66 4.71
CA ALA A 10 -9.05 -3.48 5.88
C ALA A 10 -7.63 -3.33 5.44
N GLY A 11 -7.21 -4.14 4.43
CA GLY A 11 -5.85 -4.06 3.93
C GLY A 11 -5.62 -2.70 3.35
N PHE A 12 -6.63 -2.18 2.61
CA PHE A 12 -6.52 -0.87 2.01
C PHE A 12 -6.36 0.18 3.09
N SER A 13 -7.20 0.13 4.15
CA SER A 13 -7.14 1.13 5.19
C SER A 13 -5.79 1.11 5.83
N GLU A 14 -5.24 -0.08 6.07
CA GLU A 14 -3.94 -0.19 6.71
C GLU A 14 -2.89 0.36 5.78
N CYS A 15 -3.01 0.09 4.45
CA CYS A 15 -2.01 0.54 3.51
C CYS A 15 -2.08 2.03 3.40
N MET A 16 -3.30 2.58 3.39
CA MET A 16 -3.49 4.01 3.25
C MET A 16 -2.81 4.73 4.39
N ASN A 17 -3.00 4.26 5.63
CA ASN A 17 -2.41 4.94 6.77
C ASN A 17 -0.90 4.93 6.69
N GLU A 18 -0.30 3.78 6.32
CA GLU A 18 1.15 3.70 6.24
C GLU A 18 1.65 4.49 5.07
N VAL A 19 0.94 4.42 3.93
CA VAL A 19 1.33 5.14 2.75
C VAL A 19 1.26 6.62 3.02
N THR A 20 0.22 7.05 3.75
CA THR A 20 0.06 8.46 4.06
C THR A 20 1.25 8.93 4.86
N ARG A 21 1.70 8.11 5.83
CA ARG A 21 2.84 8.47 6.64
C ARG A 21 4.05 8.61 5.76
N PHE A 22 4.19 7.71 4.77
CA PHE A 22 5.34 7.75 3.90
C PHE A 22 5.25 8.99 3.04
N LEU A 23 4.03 9.32 2.56
CA LEU A 23 3.83 10.47 1.73
C LEU A 23 4.15 11.74 2.48
N SER A 24 3.77 11.81 3.77
CA SER A 24 4.00 13.02 4.54
C SER A 24 5.47 13.11 4.83
N THR A 25 6.21 12.02 4.55
CA THR A 25 7.62 12.00 4.80
C THR A 25 8.34 12.33 3.52
N CYS A 26 7.73 11.97 2.37
CA CYS A 26 8.36 12.22 1.10
C CYS A 26 8.22 13.68 0.75
N GLU A 27 9.37 14.35 0.51
CA GLU A 27 9.36 15.75 0.16
C GLU A 27 9.41 15.86 -1.34
N GLY A 28 9.52 14.71 -2.03
CA GLY A 28 9.59 14.70 -3.48
C GLY A 28 8.28 14.15 -3.95
N VAL A 29 7.19 14.70 -3.40
CA VAL A 29 5.87 14.26 -3.75
C VAL A 29 5.43 14.97 -4.98
N ASN A 30 5.92 14.48 -6.13
CA ASN A 30 5.55 15.03 -7.40
C ASN A 30 4.08 14.76 -7.53
N THR A 31 3.35 15.70 -8.15
CA THR A 31 1.92 15.54 -8.31
C THR A 31 1.69 14.27 -9.09
N GLU A 32 2.62 13.96 -10.00
CA GLU A 32 2.47 12.76 -10.82
C GLU A 32 2.56 11.54 -9.96
N VAL A 33 3.53 11.51 -9.00
CA VAL A 33 3.69 10.35 -8.16
C VAL A 33 2.55 10.29 -7.18
N ARG A 34 2.14 11.45 -6.64
CA ARG A 34 1.07 11.50 -5.68
C ARG A 34 -0.20 10.99 -6.32
N THR A 35 -0.43 11.38 -7.59
CA THR A 35 -1.63 10.96 -8.28
C THR A 35 -1.66 9.46 -8.38
N ARG A 36 -0.53 8.84 -8.75
CA ARG A 36 -0.50 7.39 -8.88
C ARG A 36 -0.57 6.74 -7.53
N LEU A 37 0.11 7.33 -6.52
CA LEU A 37 0.15 6.74 -5.19
C LEU A 37 -1.24 6.71 -4.61
N LEU A 38 -1.95 7.85 -4.66
CA LEU A 38 -3.26 7.92 -4.08
C LEU A 38 -4.26 7.30 -5.00
N GLY A 39 -4.11 7.51 -6.33
CA GLY A 39 -5.06 6.97 -7.28
C GLY A 39 -5.06 5.47 -7.23
N HIS A 40 -3.87 4.85 -7.14
CA HIS A 40 -3.80 3.41 -7.10
C HIS A 40 -4.48 2.88 -5.87
N LEU A 41 -4.18 3.46 -4.69
CA LEU A 41 -4.80 2.99 -3.48
C LEU A 41 -6.29 3.25 -3.57
N ALA A 42 -6.67 4.39 -4.19
CA ALA A 42 -8.08 4.70 -4.34
C ALA A 42 -8.72 3.66 -5.21
N ASN A 43 -7.98 3.16 -6.24
CA ASN A 43 -8.52 2.14 -7.10
C ASN A 43 -8.80 0.92 -6.27
N CYS A 44 -7.91 0.60 -5.31
CA CYS A 44 -8.12 -0.55 -4.45
C CYS A 44 -9.32 -0.28 -3.57
N MET A 45 -9.43 0.97 -3.07
CA MET A 45 -10.53 1.34 -2.19
C MET A 45 -11.84 1.19 -2.92
N THR A 46 -11.92 1.73 -4.15
CA THR A 46 -13.17 1.65 -4.89
C THR A 46 -13.32 0.30 -5.54
N GLN A 47 -12.33 -0.61 -5.34
CA GLN A 47 -12.42 -1.92 -5.93
C GLN A 47 -13.56 -2.68 -5.30
N ILE A 48 -13.76 -2.53 -3.97
CA ILE A 48 -14.81 -3.24 -3.30
C ILE A 48 -16.17 -2.74 -3.85
N ASP B 1 -10.58 -21.68 1.06
CA ASP B 1 -10.87 -20.57 0.12
C ASP B 1 -9.63 -19.78 -0.19
N PRO B 2 -8.78 -20.35 -1.02
CA PRO B 2 -7.52 -19.72 -1.40
C PRO B 2 -7.70 -18.52 -2.28
N SER B 3 -8.89 -18.39 -2.90
CA SER B 3 -9.16 -17.27 -3.77
C SER B 3 -9.12 -16.00 -2.96
N VAL B 4 -9.67 -16.06 -1.72
CA VAL B 4 -9.69 -14.89 -0.88
C VAL B 4 -8.28 -14.47 -0.56
N LEU B 5 -7.42 -15.44 -0.21
CA LEU B 5 -6.05 -15.12 0.12
C LEU B 5 -5.35 -14.60 -1.11
N GLY B 6 -5.65 -15.20 -2.28
CA GLY B 6 -5.02 -14.78 -3.51
C GLY B 6 -5.41 -13.35 -3.81
N LYS B 7 -6.69 -13.00 -3.58
CA LYS B 7 -7.14 -11.65 -3.86
C LYS B 7 -6.41 -10.68 -2.96
N TYR B 8 -6.26 -11.05 -1.68
CA TYR B 8 -5.58 -10.19 -0.73
C TYR B 8 -4.14 -10.06 -1.15
N ARG B 9 -3.52 -11.19 -1.56
CA ARG B 9 -2.14 -11.20 -1.99
C ARG B 9 -1.99 -10.33 -3.21
N ALA B 10 -3.00 -10.37 -4.12
CA ALA B 10 -2.94 -9.58 -5.32
C ALA B 10 -2.89 -8.12 -4.95
N GLY B 11 -3.69 -7.72 -3.92
CA GLY B 11 -3.71 -6.35 -3.50
C GLY B 11 -2.34 -5.98 -2.99
N PHE B 12 -1.71 -6.90 -2.23
CA PHE B 12 -0.39 -6.65 -1.70
C PHE B 12 0.59 -6.46 -2.82
N SER B 13 0.56 -7.34 -3.84
CA SER B 13 1.52 -7.26 -4.93
C SER B 13 1.35 -5.94 -5.63
N GLU B 14 0.10 -5.50 -5.84
CA GLU B 14 -0.13 -4.25 -6.52
C GLU B 14 0.36 -3.10 -5.66
N CYS B 15 0.15 -3.19 -4.32
CA CYS B 15 0.56 -2.12 -3.45
C CYS B 15 2.05 -2.05 -3.40
N MET B 16 2.71 -3.23 -3.36
CA MET B 16 4.15 -3.27 -3.28
C MET B 16 4.77 -2.61 -4.48
N ASN B 17 4.25 -2.89 -5.70
CA ASN B 17 4.84 -2.30 -6.89
C ASN B 17 4.69 -0.79 -6.86
N GLU B 18 3.51 -0.27 -6.47
CA GLU B 18 3.31 1.16 -6.46
C GLU B 18 4.11 1.79 -5.34
N VAL B 19 4.15 1.12 -4.18
CA VAL B 19 4.88 1.64 -3.04
C VAL B 19 6.35 1.68 -3.38
N THR B 20 6.84 0.64 -4.08
CA THR B 20 8.24 0.59 -4.45
C THR B 20 8.57 1.77 -5.31
N ARG B 21 7.68 2.11 -6.26
CA ARG B 21 7.91 3.23 -7.14
C ARG B 21 7.98 4.49 -6.33
N PHE B 22 7.11 4.60 -5.30
CA PHE B 22 7.09 5.78 -4.47
C PHE B 22 8.37 5.84 -3.67
N LEU B 23 8.81 4.68 -3.16
CA LEU B 23 10.02 4.61 -2.38
C LEU B 23 11.21 5.01 -3.20
N SER B 24 11.27 4.57 -4.47
CA SER B 24 12.42 4.87 -5.31
C SER B 24 12.37 6.33 -5.66
N THR B 25 11.24 6.98 -5.36
CA THR B 25 11.08 8.37 -5.67
C THR B 25 11.41 9.17 -4.44
N CYS B 26 11.16 8.59 -3.25
CA CYS B 26 11.39 9.29 -2.02
C CYS B 26 12.87 9.30 -1.74
N GLU B 27 13.45 10.52 -1.57
CA GLU B 27 14.87 10.63 -1.29
C GLU B 27 15.03 10.76 0.20
N GLY B 28 13.91 10.82 0.94
CA GLY B 28 13.96 10.94 2.38
C GLY B 28 13.54 9.62 2.93
N VAL B 29 14.16 8.55 2.41
CA VAL B 29 13.84 7.21 2.82
C VAL B 29 14.65 6.90 4.04
N ASN B 30 14.16 7.40 5.19
CA ASN B 30 14.79 7.12 6.45
C ASN B 30 14.65 5.65 6.65
N THR B 31 15.68 5.03 7.26
CA THR B 31 15.65 3.61 7.50
C THR B 31 14.44 3.31 8.33
N GLU B 32 14.10 4.25 9.23
CA GLU B 32 12.96 4.03 10.10
C GLU B 32 11.69 3.99 9.29
N VAL B 33 11.54 4.90 8.30
CA VAL B 33 10.33 4.93 7.51
C VAL B 33 10.33 3.73 6.59
N ARG B 34 11.50 3.41 6.00
CA ARG B 34 11.60 2.29 5.08
C ARG B 34 11.22 1.02 5.80
N THR B 35 11.68 0.88 7.06
CA THR B 35 11.40 -0.32 7.82
C THR B 35 9.92 -0.47 8.00
N ARG B 36 9.21 0.62 8.35
CA ARG B 36 7.78 0.54 8.55
C ARG B 36 7.08 0.36 7.22
N LEU B 37 7.56 1.03 6.16
CA LEU B 37 6.92 0.95 4.86
C LEU B 37 6.98 -0.46 4.35
N LEU B 38 8.18 -1.06 4.36
CA LEU B 38 8.34 -2.39 3.84
C LEU B 38 7.84 -3.40 4.83
N GLY B 39 8.10 -3.17 6.14
CA GLY B 39 7.69 -4.11 7.15
C GLY B 39 6.19 -4.24 7.18
N HIS B 40 5.45 -3.11 7.06
CA HIS B 40 4.02 -3.16 7.09
C HIS B 40 3.50 -3.95 5.91
N LEU B 41 4.01 -3.65 4.70
CA LEU B 41 3.53 -4.36 3.53
C LEU B 41 3.92 -5.81 3.67
N ALA B 42 5.11 -6.08 4.25
CA ALA B 42 5.56 -7.44 4.46
C ALA B 42 4.61 -8.12 5.40
N ASN B 43 4.09 -7.38 6.41
CA ASN B 43 3.16 -7.97 7.34
C ASN B 43 1.93 -8.39 6.59
N CYS B 44 1.50 -7.57 5.60
CA CYS B 44 0.34 -7.93 4.81
C CYS B 44 0.67 -9.12 3.96
N MET B 45 1.90 -9.17 3.42
CA MET B 45 2.32 -10.26 2.57
C MET B 45 2.32 -11.55 3.36
N THR B 46 2.91 -11.53 4.57
CA THR B 46 2.98 -12.74 5.37
C THR B 46 1.67 -12.98 6.08
N GLN B 47 0.68 -12.08 5.87
CA GLN B 47 -0.61 -12.24 6.54
C GLN B 47 -1.29 -13.47 5.99
N ILE B 48 -1.17 -13.71 4.66
CA ILE B 48 -1.82 -14.87 4.07
C ILE B 48 -1.18 -16.15 4.65
N ASP A 1 -20.85 -12.91 0.47
CA ASP A 1 -19.71 -12.90 1.43
C ASP A 1 -19.06 -11.54 1.46
N PRO A 2 -19.71 -10.60 2.10
CA PRO A 2 -19.21 -9.23 2.20
C PRO A 2 -18.00 -9.11 3.08
N SER A 3 -17.77 -10.11 3.96
CA SER A 3 -16.64 -10.06 4.85
C SER A 3 -15.38 -10.15 4.04
N VAL A 4 -15.41 -10.92 2.93
CA VAL A 4 -14.25 -11.07 2.08
C VAL A 4 -13.91 -9.73 1.48
N LEU A 5 -14.95 -9.02 0.98
CA LEU A 5 -14.73 -7.73 0.37
C LEU A 5 -14.26 -6.77 1.42
N GLY A 6 -14.83 -6.85 2.63
CA GLY A 6 -14.47 -5.96 3.70
C GLY A 6 -13.03 -6.17 4.06
N LYS A 7 -12.57 -7.44 4.08
CA LYS A 7 -11.19 -7.72 4.43
C LYS A 7 -10.27 -7.11 3.39
N TYR A 8 -10.63 -7.24 2.11
CA TYR A 8 -9.82 -6.71 1.03
C TYR A 8 -9.75 -5.20 1.18
N ARG A 9 -10.91 -4.55 1.39
CA ARG A 9 -10.96 -3.10 1.52
C ARG A 9 -10.20 -2.68 2.74
N ALA A 10 -10.32 -3.46 3.83
CA ALA A 10 -9.63 -3.15 5.07
C ALA A 10 -8.15 -3.15 4.83
N GLY A 11 -7.65 -4.12 4.04
CA GLY A 11 -6.24 -4.22 3.77
C GLY A 11 -5.79 -2.99 3.04
N PHE A 12 -6.60 -2.51 2.06
CA PHE A 12 -6.21 -1.34 1.30
C PHE A 12 -6.30 -0.11 2.16
N SER A 13 -7.28 -0.06 3.07
CA SER A 13 -7.41 1.09 3.93
C SER A 13 -6.13 1.17 4.74
N GLU A 14 -5.66 0.00 5.21
CA GLU A 14 -4.44 -0.05 5.97
C GLU A 14 -3.26 0.33 5.10
N CYS A 15 -3.25 -0.10 3.81
CA CYS A 15 -2.13 0.21 2.96
C CYS A 15 -2.09 1.68 2.72
N MET A 16 -3.26 2.33 2.54
CA MET A 16 -3.31 3.75 2.28
C MET A 16 -2.69 4.48 3.45
N ASN A 17 -3.05 4.08 4.69
CA ASN A 17 -2.51 4.75 5.85
C ASN A 17 -1.01 4.53 5.91
N GLU A 18 -0.55 3.31 5.57
CA GLU A 18 0.87 3.02 5.62
C GLU A 18 1.62 3.83 4.61
N VAL A 19 1.07 4.00 3.38
CA VAL A 19 1.77 4.75 2.38
C VAL A 19 1.68 6.21 2.74
N THR A 20 0.59 6.60 3.42
CA THR A 20 0.43 7.99 3.83
C THR A 20 1.58 8.34 4.73
N ARG A 21 1.98 7.40 5.61
CA ARG A 21 3.10 7.65 6.50
C ARG A 21 4.33 7.88 5.67
N PHE A 22 4.49 7.11 4.57
CA PHE A 22 5.65 7.27 3.72
C PHE A 22 5.61 8.65 3.11
N LEU A 23 4.42 9.04 2.60
CA LEU A 23 4.24 10.34 1.99
C LEU A 23 4.45 11.43 2.99
N SER A 24 4.04 11.22 4.25
CA SER A 24 4.16 12.25 5.26
C SER A 24 5.61 12.49 5.54
N THR A 25 6.48 11.62 5.00
CA THR A 25 7.88 11.75 5.23
C THR A 25 8.45 12.66 4.18
N CYS A 26 7.91 12.59 2.94
CA CYS A 26 8.44 13.42 1.89
C CYS A 26 7.28 13.92 1.06
N GLU A 27 7.18 15.27 0.93
CA GLU A 27 6.12 15.85 0.14
C GLU A 27 6.76 16.87 -0.76
N GLY A 28 7.89 16.49 -1.40
CA GLY A 28 8.59 17.40 -2.27
C GLY A 28 8.13 17.15 -3.68
N VAL A 29 8.74 16.16 -4.36
CA VAL A 29 8.35 15.85 -5.72
C VAL A 29 7.44 14.68 -5.66
N ASN A 30 6.62 14.63 -4.60
CA ASN A 30 5.70 13.56 -4.45
C ASN A 30 4.32 14.15 -4.52
N THR A 31 4.22 15.35 -5.10
CA THR A 31 2.92 15.97 -5.25
C THR A 31 2.25 15.27 -6.39
N GLU A 32 3.03 15.02 -7.46
CA GLU A 32 2.53 14.33 -8.61
C GLU A 32 2.37 12.89 -8.21
N VAL A 33 3.34 12.40 -7.43
CA VAL A 33 3.32 11.03 -6.97
C VAL A 33 2.11 10.85 -6.08
N ARG A 34 1.80 11.86 -5.22
CA ARG A 34 0.66 11.77 -4.33
C ARG A 34 -0.60 11.57 -5.11
N THR A 35 -0.74 12.29 -6.24
CA THR A 35 -1.94 12.17 -7.05
C THR A 35 -2.09 10.75 -7.50
N ARG A 36 -0.99 10.15 -8.00
CA ARG A 36 -1.04 8.78 -8.48
C ARG A 36 -1.19 7.83 -7.32
N LEU A 37 -0.52 8.15 -6.18
CA LEU A 37 -0.53 7.29 -5.02
C LEU A 37 -1.92 7.11 -4.51
N LEU A 38 -2.64 8.23 -4.30
CA LEU A 38 -3.95 8.12 -3.75
C LEU A 38 -4.91 7.81 -4.86
N GLY A 39 -4.58 8.20 -6.10
CA GLY A 39 -5.45 7.94 -7.21
C GLY A 39 -5.56 6.46 -7.44
N HIS A 40 -4.43 5.73 -7.40
CA HIS A 40 -4.47 4.31 -7.65
C HIS A 40 -5.13 3.61 -6.51
N LEU A 41 -4.83 4.02 -5.26
CA LEU A 41 -5.45 3.37 -4.12
C LEU A 41 -6.93 3.65 -4.16
N ALA A 42 -7.31 4.89 -4.56
CA ALA A 42 -8.71 5.25 -4.65
C ALA A 42 -9.36 4.41 -5.70
N ASN A 43 -8.67 4.18 -6.85
CA ASN A 43 -9.25 3.37 -7.89
C ASN A 43 -9.43 1.96 -7.39
N CYS A 44 -8.47 1.45 -6.57
CA CYS A 44 -8.60 0.11 -6.07
C CYS A 44 -9.78 0.03 -5.14
N MET A 45 -9.98 1.08 -4.30
CA MET A 45 -11.09 1.07 -3.36
C MET A 45 -12.36 1.25 -4.13
N THR A 46 -12.32 2.10 -5.16
CA THR A 46 -13.49 2.35 -5.97
C THR A 46 -13.89 1.09 -6.67
N GLN A 47 -12.90 0.37 -7.26
CA GLN A 47 -13.20 -0.85 -7.99
C GLN A 47 -13.72 -1.89 -7.02
N ILE A 48 -13.07 -2.01 -5.84
CA ILE A 48 -13.51 -2.98 -4.86
C ILE A 48 -13.75 -2.24 -3.54
N ASP B 1 -11.09 -21.85 1.01
CA ASP B 1 -11.21 -20.76 0.00
C ASP B 1 -9.91 -20.00 -0.11
N PRO B 2 -8.95 -20.60 -0.78
CA PRO B 2 -7.64 -20.00 -0.95
C PRO B 2 -7.65 -18.83 -1.89
N SER B 3 -8.71 -18.72 -2.73
CA SER B 3 -8.80 -17.63 -3.67
C SER B 3 -8.97 -16.34 -2.91
N VAL B 4 -9.68 -16.39 -1.76
CA VAL B 4 -9.89 -15.20 -0.96
C VAL B 4 -8.56 -14.73 -0.44
N LEU B 5 -7.74 -15.68 0.07
CA LEU B 5 -6.45 -15.32 0.61
C LEU B 5 -5.57 -14.82 -0.49
N GLY B 6 -5.67 -15.46 -1.68
CA GLY B 6 -4.86 -15.07 -2.80
C GLY B 6 -5.20 -13.66 -3.21
N LYS B 7 -6.50 -13.32 -3.20
CA LYS B 7 -6.92 -11.99 -3.59
C LYS B 7 -6.34 -10.98 -2.62
N TYR B 8 -6.39 -11.29 -1.31
CA TYR B 8 -5.87 -10.39 -0.31
C TYR B 8 -4.39 -10.19 -0.52
N ARG B 9 -3.65 -11.32 -0.71
CA ARG B 9 -2.22 -11.24 -0.91
C ARG B 9 -1.92 -10.51 -2.19
N ALA B 10 -2.73 -10.73 -3.22
CA ALA B 10 -2.53 -10.08 -4.50
C ALA B 10 -2.64 -8.60 -4.33
N GLY B 11 -3.63 -8.15 -3.52
CA GLY B 11 -3.82 -6.74 -3.30
C GLY B 11 -2.61 -6.15 -2.64
N PHE B 12 -2.02 -6.87 -1.67
CA PHE B 12 -0.85 -6.35 -0.97
C PHE B 12 0.33 -6.38 -1.88
N SER B 13 0.43 -7.40 -2.75
CA SER B 13 1.56 -7.46 -3.66
C SER B 13 1.49 -6.23 -4.53
N GLU B 14 0.26 -5.86 -4.96
CA GLU B 14 0.08 -4.69 -5.77
C GLU B 14 0.39 -3.46 -4.97
N CYS B 15 0.01 -3.42 -3.67
CA CYS B 15 0.26 -2.24 -2.87
C CYS B 15 1.74 -2.06 -2.71
N MET B 16 2.48 -3.16 -2.51
CA MET B 16 3.91 -3.08 -2.32
C MET B 16 4.54 -2.46 -3.54
N ASN B 17 4.12 -2.91 -4.74
CA ASN B 17 4.68 -2.36 -5.96
C ASN B 17 4.34 -0.90 -6.07
N GLU B 18 3.10 -0.52 -5.69
CA GLU B 18 2.69 0.87 -5.79
C GLU B 18 3.48 1.73 -4.84
N VAL B 19 3.74 1.24 -3.61
CA VAL B 19 4.47 2.05 -2.67
C VAL B 19 5.92 2.08 -3.09
N THR B 20 6.37 0.98 -3.75
CA THR B 20 7.75 0.92 -4.21
C THR B 20 7.97 2.05 -5.18
N ARG B 21 6.95 2.34 -6.02
CA ARG B 21 7.08 3.43 -6.98
C ARG B 21 7.22 4.72 -6.22
N PHE B 22 6.50 4.85 -5.09
CA PHE B 22 6.58 6.06 -4.30
C PHE B 22 7.99 6.16 -3.75
N LEU B 23 8.50 5.04 -3.20
CA LEU B 23 9.84 4.99 -2.65
C LEU B 23 10.87 5.25 -3.70
N SER B 24 10.64 4.77 -4.94
CA SER B 24 11.61 4.92 -5.99
C SER B 24 11.70 6.38 -6.35
N THR B 25 10.80 7.19 -5.80
CA THR B 25 10.79 8.59 -6.11
C THR B 25 11.69 9.28 -5.13
N CYS B 26 11.73 8.79 -3.86
CA CYS B 26 12.55 9.43 -2.87
C CYS B 26 13.19 8.37 -2.02
N GLU B 27 14.54 8.38 -1.94
CA GLU B 27 15.25 7.42 -1.14
C GLU B 27 16.23 8.19 -0.31
N GLY B 28 15.79 9.31 0.29
CA GLY B 28 16.68 10.11 1.10
C GLY B 28 16.53 9.69 2.52
N VAL B 29 15.52 10.25 3.22
CA VAL B 29 15.31 9.91 4.61
C VAL B 29 14.22 8.90 4.66
N ASN B 30 14.18 8.03 3.63
CA ASN B 30 13.20 7.01 3.57
C ASN B 30 13.90 5.71 3.68
N THR B 31 15.14 5.72 4.20
CA THR B 31 15.86 4.49 4.38
C THR B 31 15.27 3.82 5.57
N GLU B 32 15.00 4.63 6.62
CA GLU B 32 14.40 4.12 7.82
C GLU B 32 12.98 3.82 7.50
N VAL B 33 12.37 4.72 6.68
CA VAL B 33 10.99 4.56 6.29
C VAL B 33 10.88 3.29 5.46
N ARG B 34 11.87 3.03 4.59
CA ARG B 34 11.85 1.85 3.74
C ARG B 34 11.78 0.61 4.59
N THR B 35 12.55 0.58 5.69
CA THR B 35 12.58 -0.59 6.54
C THR B 35 11.19 -0.83 7.08
N ARG B 36 10.53 0.24 7.56
CA ARG B 36 9.18 0.10 8.10
C ARG B 36 8.21 -0.18 6.98
N LEU B 37 8.41 0.45 5.81
CA LEU B 37 7.51 0.32 4.69
C LEU B 37 7.43 -1.11 4.25
N LEU B 38 8.59 -1.73 4.01
CA LEU B 38 8.58 -3.08 3.53
C LEU B 38 8.40 -4.01 4.69
N GLY B 39 8.82 -3.58 5.90
CA GLY B 39 8.68 -4.43 7.06
C GLY B 39 7.22 -4.65 7.36
N HIS B 40 6.39 -3.58 7.31
CA HIS B 40 4.99 -3.73 7.63
C HIS B 40 4.30 -4.50 6.54
N LEU B 41 4.64 -4.23 5.27
CA LEU B 41 4.00 -4.94 4.18
C LEU B 41 4.41 -6.39 4.28
N ALA B 42 5.69 -6.66 4.63
CA ALA B 42 6.17 -8.02 4.76
C ALA B 42 5.43 -8.68 5.88
N ASN B 43 5.19 -7.96 7.01
CA ASN B 43 4.48 -8.56 8.11
C ASN B 43 3.07 -8.88 7.68
N CYS B 44 2.46 -8.00 6.86
CA CYS B 44 1.10 -8.26 6.41
C CYS B 44 1.09 -9.50 5.54
N MET B 45 2.10 -9.65 4.66
CA MET B 45 2.16 -10.79 3.78
C MET B 45 2.47 -12.01 4.59
N THR B 46 3.37 -11.84 5.57
CA THR B 46 3.75 -12.95 6.41
C THR B 46 2.55 -13.42 7.20
N GLN B 47 1.77 -12.48 7.79
CA GLN B 47 0.62 -12.84 8.57
C GLN B 47 -0.41 -13.49 7.67
N ILE B 48 -0.63 -12.91 6.48
CA ILE B 48 -1.60 -13.47 5.56
C ILE B 48 -0.91 -13.72 4.22
#